data_4N0B
#
_entry.id   4N0B
#
_cell.length_a   97.248
_cell.length_b   101.330
_cell.length_c   211.215
_cell.angle_alpha   90.000
_cell.angle_beta   90.000
_cell.angle_gamma   90.000
#
_symmetry.space_group_name_H-M   'P 21 21 21'
#
loop_
_entity.id
_entity.type
_entity.pdbx_description
1 polymer 'HTH-type transcriptional regulatory protein GabR'
2 non-polymer 'ACETYL GROUP'
3 non-polymer 'ZINC ION'
4 non-polymer 'CALCIUM ION'
5 water water
#
_entity_poly.entity_id   1
_entity_poly.type   'polypeptide(L)'
_entity_poly.pdbx_seq_one_letter_code
;MDITITLDRSEQADYIYQQIYQKLKKEILSRNLLPHSKVPSKRELAENLKVSVNSVNSAYQQLLAEGYLYAIERKGFFVE
ELDMFSAEEHPPFALPDDLKEIHIDQSDWISFSHMSSDTDHFPIKSWFRCEQKAASRSYRTLGDMSHPQGIYEVRAAITR
LISLTRGVKCRPEQMIIGAGTQVLMQLLTELLPKEAVYAMEEPGYRRMYQLLKNAGKQVKTIMLDEKGMSIAEITRQQPD
VLVTTPSHQFPSGTIMPVSRRIQLLNWAAEEPRRYIIEDDYDSEFTYDVDSIPALQSLDRFQNVIYMGTFS(LLP)SLLP
GLRISYMVLPPELLRAYKQRGYDLQTCSSLTQLTLQEFIESGEYQKHIKKMKQHYKEKRERLITALEAEFSGEVTVKGAN
AGLHFVTEFDTRRTEQDILSHAAGLQLEIFGMSRFNLKENKRQTGRPALIIGFARLKEEDIQEGVQRLFKAVYGHKKIPV
TGD
;
_entity_poly.pdbx_strand_id   A,B,C,D
#
loop_
_chem_comp.id
_chem_comp.type
_chem_comp.name
_chem_comp.formula
ACE non-polymer 'ACETYL GROUP' 'C2 H4 O'
CA non-polymer 'CALCIUM ION' 'Ca 2'
ZN non-polymer 'ZINC ION' 'Zn 2'
#
# COMPACT_ATOMS: atom_id res chain seq x y z
N ILE A 3 11.85 40.16 14.83
CA ILE A 3 10.47 40.14 14.37
C ILE A 3 9.68 39.03 15.06
N THR A 4 8.48 38.76 14.56
CA THR A 4 7.59 37.78 15.17
C THR A 4 7.91 36.35 14.74
N ILE A 5 8.16 35.49 15.72
CA ILE A 5 8.40 34.07 15.46
C ILE A 5 7.55 33.21 16.39
N THR A 6 6.59 32.49 15.81
CA THR A 6 5.72 31.61 16.58
C THR A 6 6.27 30.19 16.60
N LEU A 7 6.37 29.61 17.79
CA LEU A 7 6.87 28.25 17.94
C LEU A 7 5.74 27.27 18.23
N ASP A 8 5.91 26.04 17.76
CA ASP A 8 4.91 24.99 17.98
C ASP A 8 5.38 24.02 19.05
N ARG A 9 4.70 24.04 20.19
CA ARG A 9 5.07 23.18 21.32
C ARG A 9 4.43 21.79 21.21
N SER A 10 3.95 21.45 20.01
CA SER A 10 3.32 20.16 19.79
C SER A 10 4.33 19.02 19.98
N GLU A 11 3.82 17.84 20.28
CA GLU A 11 4.66 16.68 20.56
C GLU A 11 5.38 16.20 19.31
N GLN A 12 4.63 16.01 18.22
CA GLN A 12 5.20 15.48 16.99
C GLN A 12 5.56 16.59 16.00
N ALA A 13 5.73 17.80 16.51
CA ALA A 13 6.17 18.92 15.67
C ALA A 13 7.68 18.87 15.49
N ASP A 14 8.19 19.69 14.58
CA ASP A 14 9.63 19.76 14.36
C ASP A 14 10.34 20.28 15.60
N TYR A 15 11.60 19.92 15.77
CA TYR A 15 12.39 20.38 16.91
C TYR A 15 12.45 21.90 16.95
N ILE A 16 12.73 22.45 18.13
CA ILE A 16 12.76 23.89 18.32
C ILE A 16 13.76 24.57 17.38
N TYR A 17 14.98 24.05 17.34
CA TYR A 17 16.03 24.64 16.53
C TYR A 17 15.69 24.56 15.05
N GLN A 18 14.92 23.54 14.68
CA GLN A 18 14.51 23.34 13.30
C GLN A 18 13.49 24.39 12.87
N GLN A 19 12.51 24.65 13.72
CA GLN A 19 11.49 25.65 13.44
C GLN A 19 12.10 27.05 13.33
N ILE A 20 13.17 27.29 14.07
CA ILE A 20 13.80 28.60 14.12
C ILE A 20 14.51 28.94 12.82
N TYR A 21 15.34 28.02 12.31
CA TYR A 21 16.09 28.33 11.10
C TYR A 21 15.19 28.22 9.87
N GLN A 22 14.12 27.45 9.97
CA GLN A 22 13.14 27.36 8.89
C GLN A 22 12.44 28.71 8.72
N LYS A 23 12.06 29.32 9.84
CA LYS A 23 11.44 30.63 9.83
C LYS A 23 12.40 31.70 9.31
N LEU A 24 13.66 31.59 9.73
CA LEU A 24 14.67 32.56 9.32
C LEU A 24 15.01 32.41 7.84
N LYS A 25 15.00 31.17 7.35
CA LYS A 25 15.19 30.93 5.92
C LYS A 25 14.13 31.64 5.11
N LYS A 26 12.89 31.56 5.58
CA LYS A 26 11.76 32.15 4.90
C LYS A 26 11.84 33.67 4.85
N GLU A 27 12.23 34.28 5.96
CA GLU A 27 12.27 35.72 6.08
C GLU A 27 13.45 36.33 5.30
N ILE A 28 14.50 35.54 5.14
CA ILE A 28 15.67 35.97 4.35
C ILE A 28 15.36 35.86 2.86
N LEU A 29 14.72 34.77 2.47
CA LEU A 29 14.33 34.56 1.09
C LEU A 29 13.25 35.53 0.65
N SER A 30 12.47 36.04 1.60
CA SER A 30 11.41 36.99 1.30
C SER A 30 11.88 38.43 1.52
N ARG A 31 13.17 38.60 1.74
CA ARG A 31 13.80 39.92 1.92
C ARG A 31 13.27 40.69 3.13
N ASN A 32 12.57 40.01 4.04
CA ASN A 32 12.10 40.66 5.26
C ASN A 32 13.29 40.95 6.17
N LEU A 33 14.31 40.10 6.10
CA LEU A 33 15.59 40.35 6.74
C LEU A 33 16.60 40.77 5.68
N LEU A 34 16.91 42.06 5.65
CA LEU A 34 17.77 42.63 4.61
C LEU A 34 19.16 41.98 4.59
N PRO A 35 19.81 41.96 3.42
CA PRO A 35 21.18 41.46 3.29
C PRO A 35 22.17 42.22 4.17
N HIS A 36 23.13 41.50 4.73
CA HIS A 36 24.18 42.08 5.57
C HIS A 36 23.64 42.73 6.84
N SER A 37 22.39 42.44 7.17
CA SER A 37 21.80 42.94 8.41
C SER A 37 22.14 41.99 9.55
N LYS A 38 22.42 42.56 10.72
CA LYS A 38 22.82 41.77 11.87
C LYS A 38 21.63 41.11 12.56
N VAL A 39 21.76 39.82 12.82
CA VAL A 39 20.75 39.08 13.57
C VAL A 39 21.10 39.14 15.06
N PRO A 40 20.09 38.96 15.93
CA PRO A 40 20.35 38.99 17.38
C PRO A 40 21.38 37.95 17.83
N SER A 41 22.03 38.20 18.97
CA SER A 41 22.95 37.23 19.53
C SER A 41 22.18 36.00 19.98
N LYS A 42 22.89 34.89 20.18
CA LYS A 42 22.26 33.63 20.55
C LYS A 42 21.49 33.75 21.85
N ARG A 43 22.09 34.41 22.84
CA ARG A 43 21.48 34.58 24.15
C ARG A 43 20.28 35.54 24.09
N GLU A 44 20.35 36.53 23.22
CA GLU A 44 19.30 37.52 23.10
C GLU A 44 18.01 36.92 22.50
N LEU A 45 18.17 36.19 21.41
CA LEU A 45 17.03 35.57 20.74
C LEU A 45 16.44 34.44 21.57
N ALA A 46 17.29 33.75 22.33
CA ALA A 46 16.86 32.64 23.16
C ALA A 46 15.91 33.11 24.25
N GLU A 47 16.28 34.19 24.93
CA GLU A 47 15.45 34.75 25.99
C GLU A 47 14.15 35.34 25.44
N ASN A 48 14.22 35.83 24.20
CA ASN A 48 13.06 36.44 23.56
C ASN A 48 12.03 35.39 23.16
N LEU A 49 12.50 34.18 22.87
CA LEU A 49 11.61 33.08 22.50
C LEU A 49 11.45 32.11 23.68
N LYS A 50 12.12 32.43 24.79
CA LYS A 50 12.07 31.62 26.00
C LYS A 50 12.48 30.17 25.76
N VAL A 51 13.52 29.99 24.96
CA VAL A 51 14.05 28.65 24.69
C VAL A 51 15.51 28.56 25.12
N SER A 52 16.08 27.36 24.99
CA SER A 52 17.49 27.16 25.33
C SER A 52 18.39 27.85 24.32
N VAL A 53 19.54 28.34 24.78
CA VAL A 53 20.49 29.01 23.92
C VAL A 53 21.14 28.01 22.96
N ASN A 54 21.13 26.75 23.35
CA ASN A 54 21.67 25.67 22.52
C ASN A 54 20.80 25.42 21.30
N SER A 55 19.53 25.80 21.40
CA SER A 55 18.61 25.66 20.29
C SER A 55 18.85 26.74 19.24
N VAL A 56 19.03 27.97 19.70
CA VAL A 56 19.33 29.09 18.82
C VAL A 56 20.70 28.90 18.15
N ASN A 57 21.64 28.36 18.90
CA ASN A 57 22.96 28.06 18.36
C ASN A 57 22.90 27.00 17.25
N SER A 58 22.13 25.94 17.49
CA SER A 58 21.97 24.88 16.51
C SER A 58 21.23 25.38 15.28
N ALA A 59 20.36 26.37 15.47
CA ALA A 59 19.63 26.97 14.37
C ALA A 59 20.55 27.86 13.54
N TYR A 60 21.41 28.62 14.23
CA TYR A 60 22.36 29.50 13.56
C TYR A 60 23.39 28.70 12.77
N GLN A 61 23.93 27.66 13.38
CA GLN A 61 24.94 26.82 12.73
C GLN A 61 24.38 26.19 11.45
N GLN A 62 23.09 25.89 11.45
CA GLN A 62 22.43 25.36 10.27
C GLN A 62 22.42 26.41 9.16
N LEU A 63 22.10 27.65 9.52
CA LEU A 63 22.07 28.74 8.57
C LEU A 63 23.47 29.11 8.10
N LEU A 64 24.45 28.91 8.97
CA LEU A 64 25.85 29.16 8.63
C LEU A 64 26.35 28.16 7.60
N ALA A 65 26.07 26.88 7.85
CA ALA A 65 26.54 25.80 6.99
C ALA A 65 25.89 25.87 5.61
N GLU A 66 24.62 26.22 5.56
CA GLU A 66 23.89 26.30 4.30
C GLU A 66 24.19 27.60 3.55
N GLY A 67 24.50 28.66 4.30
CA GLY A 67 24.93 29.91 3.70
C GLY A 67 23.93 31.05 3.79
N TYR A 68 22.96 30.93 4.69
CA TYR A 68 22.01 32.02 4.91
C TYR A 68 22.61 33.07 5.82
N LEU A 69 23.56 32.66 6.66
CA LEU A 69 24.25 33.57 7.55
C LEU A 69 25.76 33.48 7.38
N TYR A 70 26.46 34.57 7.65
CA TYR A 70 27.92 34.54 7.72
C TYR A 70 28.38 35.21 9.02
N ALA A 71 29.52 34.76 9.54
CA ALA A 71 29.99 35.21 10.83
C ALA A 71 31.26 36.04 10.73
N ILE A 72 31.34 37.08 11.55
CA ILE A 72 32.56 37.86 11.68
C ILE A 72 33.13 37.61 13.08
N GLU A 73 34.45 37.60 13.18
CA GLU A 73 35.15 37.22 14.41
C GLU A 73 34.64 37.96 15.66
N ARG A 74 34.26 39.23 15.50
CA ARG A 74 33.81 40.01 16.63
C ARG A 74 32.36 40.48 16.51
N LYS A 75 31.52 39.97 17.40
CA LYS A 75 30.15 40.44 17.60
C LYS A 75 29.20 40.22 16.42
N GLY A 76 28.30 39.25 16.58
CA GLY A 76 27.16 39.10 15.69
C GLY A 76 27.32 38.24 14.45
N PHE A 77 26.17 37.76 13.96
CA PHE A 77 26.10 37.06 12.69
C PHE A 77 25.31 37.92 11.71
N PHE A 78 25.54 37.75 10.41
CA PHE A 78 24.91 38.62 9.43
C PHE A 78 24.21 37.84 8.31
N VAL A 79 23.12 38.40 7.82
CA VAL A 79 22.37 37.79 6.73
C VAL A 79 23.14 37.89 5.41
N GLU A 80 23.51 36.75 4.86
CA GLU A 80 24.22 36.69 3.60
C GLU A 80 23.39 37.28 2.46
N GLU A 81 24.05 37.97 1.53
CA GLU A 81 23.36 38.56 0.40
C GLU A 81 23.04 37.51 -0.66
N LEU A 82 21.75 37.30 -0.91
CA LEU A 82 21.30 36.32 -1.88
C LEU A 82 20.66 37.00 -3.09
N ASP A 83 20.99 36.52 -4.28
CA ASP A 83 20.41 37.06 -5.51
C ASP A 83 18.90 36.85 -5.54
N MET A 84 18.18 37.84 -6.05
CA MET A 84 16.75 37.74 -6.20
C MET A 84 16.41 36.78 -7.34
N PHE A 85 15.34 36.02 -7.18
CA PHE A 85 14.92 35.07 -8.21
C PHE A 85 14.59 35.79 -9.51
N SER A 86 14.82 35.09 -10.64
CA SER A 86 14.72 35.70 -11.96
C SER A 86 13.35 36.25 -12.30
N ALA A 87 12.34 35.83 -11.54
CA ALA A 87 10.96 36.28 -11.73
C ALA A 87 10.46 36.03 -13.15
N GLU A 88 10.89 34.91 -13.73
CA GLU A 88 10.43 34.52 -15.06
C GLU A 88 9.03 33.91 -14.97
N GLU A 89 8.57 33.30 -16.06
CA GLU A 89 7.27 32.65 -16.08
C GLU A 89 7.30 31.35 -15.29
N HIS A 90 6.52 31.30 -14.22
CA HIS A 90 6.42 30.09 -13.40
C HIS A 90 5.55 29.04 -14.08
N PRO A 91 6.12 27.86 -14.34
CA PRO A 91 5.37 26.76 -14.95
C PRO A 91 4.36 26.15 -13.99
N PRO A 92 3.23 25.65 -14.53
CA PRO A 92 2.17 25.04 -13.72
C PRO A 92 2.62 23.74 -13.06
N PHE A 93 1.85 23.26 -12.09
CA PHE A 93 2.20 22.04 -11.36
C PHE A 93 1.41 20.82 -11.86
N ALA A 94 2.15 19.81 -12.31
CA ALA A 94 1.58 18.52 -12.70
C ALA A 94 0.49 18.64 -13.78
N LEU A 95 0.91 18.58 -15.03
CA LEU A 95 -0.04 18.66 -16.15
C LEU A 95 -0.92 17.42 -16.20
N PRO A 96 -2.22 17.62 -16.47
CA PRO A 96 -3.24 16.55 -16.47
C PRO A 96 -2.92 15.39 -17.40
N ASP A 97 -2.22 15.64 -18.50
CA ASP A 97 -1.89 14.59 -19.46
C ASP A 97 -0.73 13.74 -18.96
N ASP A 98 0.06 14.27 -18.04
CA ASP A 98 1.13 13.52 -17.41
C ASP A 98 0.61 12.81 -16.17
N LEU A 99 -0.64 13.11 -15.80
CA LEU A 99 -1.32 12.42 -14.72
C LEU A 99 -1.95 11.12 -15.22
N LYS A 100 -1.38 10.57 -16.29
CA LYS A 100 -1.88 9.34 -16.90
C LYS A 100 -1.81 8.18 -15.92
N GLU A 101 -0.91 8.29 -14.94
CA GLU A 101 -0.81 7.29 -13.88
C GLU A 101 -2.08 7.26 -13.04
N ILE A 102 -3.07 6.50 -13.51
CA ILE A 102 -4.29 6.29 -12.75
C ILE A 102 -4.27 4.90 -12.13
N HIS A 103 -3.45 4.73 -11.10
CA HIS A 103 -3.31 3.45 -10.41
C HIS A 103 -4.64 3.06 -9.79
N ILE A 104 -5.09 1.84 -10.08
CA ILE A 104 -6.39 1.40 -9.59
C ILE A 104 -6.40 -0.08 -9.19
N ASP A 105 -6.33 -0.99 -10.16
CA ASP A 105 -6.46 -2.41 -9.89
C ASP A 105 -6.12 -3.25 -11.13
N GLN A 106 -5.23 -4.22 -10.94
CA GLN A 106 -4.80 -5.08 -12.03
C GLN A 106 -5.73 -6.28 -12.21
N SER A 107 -6.82 -6.29 -11.45
CA SER A 107 -7.77 -7.40 -11.50
C SER A 107 -9.19 -6.89 -11.69
N ASP A 108 -9.98 -7.60 -12.49
CA ASP A 108 -9.53 -8.82 -13.16
C ASP A 108 -9.18 -8.57 -14.61
N TRP A 109 -7.93 -8.19 -14.86
CA TRP A 109 -7.42 -8.02 -16.20
C TRP A 109 -6.87 -9.34 -16.72
N ILE A 110 -7.10 -9.62 -18.00
CA ILE A 110 -6.53 -10.79 -18.64
C ILE A 110 -5.46 -10.37 -19.63
N SER A 111 -4.27 -10.93 -19.50
CA SER A 111 -3.13 -10.48 -20.29
C SER A 111 -2.61 -11.54 -21.26
N PHE A 112 -2.43 -11.13 -22.51
CA PHE A 112 -1.78 -11.98 -23.50
C PHE A 112 -0.41 -11.42 -23.82
N SER A 113 0.27 -10.91 -22.79
CA SER A 113 1.60 -10.33 -22.95
C SER A 113 2.67 -11.40 -23.08
N HIS A 114 3.77 -11.05 -23.73
CA HIS A 114 4.89 -11.97 -23.92
C HIS A 114 6.06 -11.58 -23.03
N MET A 115 5.88 -10.51 -22.26
CA MET A 115 6.97 -9.97 -21.44
C MET A 115 6.74 -10.21 -19.96
N SER A 116 6.59 -11.46 -19.58
CA SER A 116 6.40 -11.83 -18.18
C SER A 116 6.59 -13.33 -17.97
N SER A 117 6.12 -13.82 -16.83
CA SER A 117 6.21 -15.24 -16.50
C SER A 117 5.18 -15.62 -15.44
N ASP A 118 4.81 -16.90 -15.41
CA ASP A 118 3.84 -17.40 -14.45
C ASP A 118 4.39 -17.31 -13.03
N THR A 119 3.61 -16.73 -12.13
CA THR A 119 4.05 -16.53 -10.76
C THR A 119 3.35 -17.48 -9.77
N ASP A 120 2.47 -18.32 -10.28
CA ASP A 120 1.68 -19.21 -9.43
C ASP A 120 2.36 -20.56 -9.19
N HIS A 121 3.23 -20.96 -10.12
CA HIS A 121 3.90 -22.25 -10.01
C HIS A 121 5.37 -22.10 -9.59
N PHE A 122 5.77 -20.89 -9.25
CA PHE A 122 7.15 -20.62 -8.85
C PHE A 122 7.39 -21.06 -7.41
N PRO A 123 8.43 -21.89 -7.20
CA PRO A 123 8.82 -22.36 -5.87
C PRO A 123 9.46 -21.25 -5.04
N ILE A 124 8.63 -20.35 -4.52
CA ILE A 124 9.13 -19.20 -3.78
C ILE A 124 9.74 -19.61 -2.44
N LYS A 125 9.30 -20.74 -1.91
CA LYS A 125 9.85 -21.27 -0.66
C LYS A 125 11.25 -21.81 -0.86
N SER A 126 11.46 -22.51 -1.97
CA SER A 126 12.76 -23.05 -2.32
C SER A 126 13.74 -21.93 -2.67
N TRP A 127 13.22 -20.89 -3.31
CA TRP A 127 14.01 -19.72 -3.69
C TRP A 127 14.55 -19.00 -2.46
N PHE A 128 13.70 -18.88 -1.44
CA PHE A 128 14.08 -18.20 -0.21
C PHE A 128 15.04 -19.06 0.61
N ARG A 129 14.93 -20.37 0.48
CA ARG A 129 15.87 -21.28 1.13
C ARG A 129 17.26 -21.12 0.51
N CYS A 130 17.28 -20.91 -0.81
CA CYS A 130 18.53 -20.68 -1.53
C CYS A 130 19.14 -19.34 -1.15
N GLU A 131 18.29 -18.35 -0.91
CA GLU A 131 18.75 -17.02 -0.54
C GLU A 131 19.36 -17.02 0.85
N GLN A 132 18.70 -17.71 1.78
CA GLN A 132 19.20 -17.79 3.15
C GLN A 132 20.49 -18.59 3.23
N LYS A 133 20.57 -19.68 2.47
CA LYS A 133 21.75 -20.53 2.46
C LYS A 133 22.94 -19.78 1.86
N ALA A 134 22.68 -19.01 0.82
CA ALA A 134 23.72 -18.22 0.16
C ALA A 134 24.21 -17.09 1.05
N ALA A 135 23.31 -16.55 1.87
CA ALA A 135 23.65 -15.45 2.75
C ALA A 135 24.47 -15.90 3.95
N SER A 136 24.20 -17.10 4.43
CA SER A 136 24.89 -17.64 5.61
C SER A 136 26.24 -18.25 5.25
N ARG A 137 26.53 -18.33 3.96
CA ARG A 137 27.78 -18.92 3.50
C ARG A 137 28.69 -17.88 2.84
N SER A 138 28.09 -16.80 2.33
CA SER A 138 28.86 -15.77 1.65
C SER A 138 28.96 -14.49 2.48
N TYR A 139 28.64 -14.59 3.77
CA TYR A 139 28.73 -13.44 4.65
C TYR A 139 30.18 -12.97 4.78
N ARG A 140 30.40 -11.66 4.76
CA ARG A 140 29.32 -10.67 4.64
C ARG A 140 29.12 -10.24 3.19
N THR A 141 28.26 -10.96 2.48
CA THR A 141 27.98 -10.69 1.07
C THR A 141 29.29 -10.65 0.26
N LEU A 142 30.18 -11.58 0.57
CA LEU A 142 31.52 -11.62 -0.02
C LEU A 142 32.25 -10.30 0.18
N GLY A 143 32.34 -9.51 -0.89
CA GLY A 143 32.92 -8.19 -0.80
C GLY A 143 31.88 -7.18 -0.36
N ASP A 144 32.05 -5.93 -0.78
CA ASP A 144 31.10 -4.88 -0.46
C ASP A 144 30.06 -4.75 -1.57
N MET A 145 30.53 -4.55 -2.79
CA MET A 145 29.66 -4.40 -3.95
C MET A 145 29.70 -5.68 -4.79
N SER A 146 30.40 -5.62 -5.92
CA SER A 146 30.46 -6.73 -6.87
C SER A 146 31.48 -6.48 -7.97
N HIS A 147 31.99 -7.55 -8.54
CA HIS A 147 32.87 -7.46 -9.70
C HIS A 147 32.06 -6.93 -10.88
N PRO A 148 32.65 -6.01 -11.67
CA PRO A 148 31.99 -5.35 -12.80
C PRO A 148 31.30 -6.32 -13.77
N GLN A 149 31.87 -7.50 -13.96
CA GLN A 149 31.28 -8.51 -14.84
C GLN A 149 30.27 -9.36 -14.07
N GLY A 150 30.25 -9.21 -12.75
CA GLY A 150 29.44 -10.04 -11.89
C GLY A 150 30.33 -10.94 -11.06
N ILE A 151 29.77 -11.49 -9.98
CA ILE A 151 30.52 -12.38 -9.11
C ILE A 151 30.98 -13.60 -9.87
N TYR A 152 32.26 -13.94 -9.73
CA TYR A 152 32.87 -15.02 -10.51
C TYR A 152 32.16 -16.36 -10.32
N GLU A 153 31.90 -16.72 -9.07
CA GLU A 153 31.23 -17.98 -8.75
C GLU A 153 29.84 -18.03 -9.37
N VAL A 154 29.20 -16.87 -9.50
CA VAL A 154 27.89 -16.79 -10.12
C VAL A 154 28.00 -16.99 -11.64
N ARG A 155 28.99 -16.32 -12.24
CA ARG A 155 29.23 -16.46 -13.66
C ARG A 155 29.68 -17.88 -14.03
N ALA A 156 30.43 -18.50 -13.14
CA ALA A 156 30.91 -19.86 -13.36
C ALA A 156 29.76 -20.85 -13.28
N ALA A 157 28.75 -20.50 -12.50
CA ALA A 157 27.55 -21.35 -12.36
C ALA A 157 26.70 -21.29 -13.63
N ILE A 158 26.48 -20.08 -14.14
CA ILE A 158 25.72 -19.88 -15.36
C ILE A 158 26.44 -20.52 -16.54
N THR A 159 27.77 -20.47 -16.51
CA THR A 159 28.60 -21.08 -17.54
C THR A 159 28.33 -22.57 -17.65
N ARG A 160 28.33 -23.26 -16.50
CA ARG A 160 28.07 -24.69 -16.48
C ARG A 160 26.66 -25.00 -16.95
N LEU A 161 25.73 -24.09 -16.70
CA LEU A 161 24.33 -24.29 -17.07
C LEU A 161 24.13 -24.23 -18.57
N ILE A 162 24.61 -23.16 -19.20
CA ILE A 162 24.42 -22.96 -20.62
C ILE A 162 25.28 -23.91 -21.46
N SER A 163 26.26 -24.53 -20.82
CA SER A 163 27.07 -25.55 -21.47
C SER A 163 26.29 -26.86 -21.58
N LEU A 164 25.45 -27.12 -20.58
CA LEU A 164 24.66 -28.34 -20.53
C LEU A 164 23.33 -28.21 -21.28
N THR A 165 22.84 -26.98 -21.41
CA THR A 165 21.51 -26.75 -21.95
C THR A 165 21.50 -26.04 -23.32
N ARG A 166 22.62 -25.40 -23.66
CA ARG A 166 22.69 -24.68 -24.93
C ARG A 166 23.85 -25.17 -25.77
N GLY A 167 24.87 -25.72 -25.12
CA GLY A 167 26.07 -26.17 -25.81
C GLY A 167 27.06 -25.03 -25.95
N VAL A 168 26.87 -23.99 -25.15
CA VAL A 168 27.73 -22.81 -25.18
C VAL A 168 29.06 -23.09 -24.50
N LYS A 169 30.14 -22.98 -25.26
CA LYS A 169 31.49 -23.18 -24.72
C LYS A 169 32.15 -21.84 -24.43
N CYS A 170 32.36 -21.55 -23.16
CA CYS A 170 33.03 -20.31 -22.78
C CYS A 170 33.61 -20.38 -21.37
N ARG A 171 34.57 -19.49 -21.10
CA ARG A 171 35.12 -19.33 -19.77
C ARG A 171 34.30 -18.28 -19.02
N PRO A 172 34.23 -18.40 -17.68
CA PRO A 172 33.53 -17.41 -16.86
C PRO A 172 34.05 -15.99 -17.08
N GLU A 173 35.31 -15.89 -17.47
CA GLU A 173 35.94 -14.60 -17.77
C GLU A 173 35.27 -13.89 -18.93
N GLN A 174 34.57 -14.64 -19.78
CA GLN A 174 33.95 -14.08 -20.98
C GLN A 174 32.54 -13.56 -20.71
N MET A 175 31.97 -13.94 -19.57
CA MET A 175 30.58 -13.61 -19.27
C MET A 175 30.41 -12.24 -18.62
N ILE A 176 29.33 -11.55 -18.98
CA ILE A 176 28.98 -10.27 -18.37
C ILE A 176 27.47 -10.19 -18.07
N ILE A 177 27.15 -9.92 -16.80
CA ILE A 177 25.78 -9.69 -16.38
C ILE A 177 25.66 -8.24 -15.88
N GLY A 178 24.47 -7.64 -15.94
CA GLY A 178 23.27 -8.25 -16.48
C GLY A 178 22.10 -7.28 -16.39
N ALA A 179 21.11 -7.61 -15.56
CA ALA A 179 19.95 -6.76 -15.30
C ALA A 179 19.24 -6.34 -16.59
N GLY A 180 18.95 -7.30 -17.45
CA GLY A 180 18.28 -7.02 -18.71
C GLY A 180 19.25 -6.98 -19.87
N THR A 181 18.76 -7.36 -21.05
CA THR A 181 19.57 -7.35 -22.26
C THR A 181 19.78 -5.92 -22.76
N GLN A 182 18.92 -5.01 -22.31
CA GLN A 182 18.97 -3.62 -22.72
C GLN A 182 20.24 -2.92 -22.24
N VAL A 183 20.75 -3.37 -21.08
CA VAL A 183 21.96 -2.80 -20.52
C VAL A 183 23.19 -3.41 -21.19
N LEU A 184 23.17 -4.73 -21.33
CA LEU A 184 24.27 -5.45 -21.95
C LEU A 184 24.44 -5.07 -23.43
N MET A 185 23.31 -4.82 -24.09
CA MET A 185 23.33 -4.42 -25.50
C MET A 185 23.99 -3.06 -25.65
N GLN A 186 23.63 -2.13 -24.77
CA GLN A 186 24.24 -0.80 -24.75
C GLN A 186 25.74 -0.90 -24.56
N LEU A 187 26.14 -1.73 -23.61
CA LEU A 187 27.56 -1.94 -23.31
C LEU A 187 28.28 -2.55 -24.52
N LEU A 188 27.60 -3.46 -25.21
CA LEU A 188 28.18 -4.17 -26.33
C LEU A 188 28.44 -3.26 -27.53
N THR A 189 27.54 -2.31 -27.75
CA THR A 189 27.66 -1.37 -28.88
C THR A 189 28.89 -0.48 -28.75
N GLU A 190 29.39 -0.36 -27.52
CA GLU A 190 30.54 0.48 -27.25
C GLU A 190 31.84 -0.32 -27.31
N LEU A 191 31.71 -1.64 -27.26
CA LEU A 191 32.85 -2.53 -27.41
C LEU A 191 33.07 -2.85 -28.88
N LEU A 192 31.97 -2.94 -29.62
CA LEU A 192 32.02 -3.09 -31.07
C LEU A 192 32.54 -1.79 -31.71
N PRO A 193 33.00 -1.87 -32.97
CA PRO A 193 33.43 -0.65 -33.67
C PRO A 193 32.35 0.43 -33.68
N LYS A 194 32.76 1.69 -33.55
CA LYS A 194 31.81 2.79 -33.47
C LYS A 194 31.03 2.94 -34.77
N GLU A 195 31.70 2.65 -35.89
CA GLU A 195 31.07 2.75 -37.20
C GLU A 195 30.69 1.37 -37.75
N ALA A 196 30.30 0.47 -36.85
CA ALA A 196 29.85 -0.85 -37.25
C ALA A 196 28.38 -0.80 -37.65
N VAL A 197 28.07 -1.40 -38.81
CA VAL A 197 26.70 -1.41 -39.31
C VAL A 197 25.94 -2.62 -38.80
N TYR A 198 24.84 -2.35 -38.10
CA TYR A 198 24.02 -3.41 -37.51
C TYR A 198 22.89 -3.83 -38.44
N ALA A 199 22.53 -5.10 -38.39
CA ALA A 199 21.43 -5.62 -39.17
C ALA A 199 20.46 -6.41 -38.29
N MET A 200 19.17 -6.09 -38.39
CA MET A 200 18.17 -6.77 -37.59
C MET A 200 17.11 -7.44 -38.46
N GLU A 201 16.44 -8.44 -37.89
CA GLU A 201 15.38 -9.15 -38.57
C GLU A 201 14.12 -8.30 -38.65
N GLU A 202 13.47 -8.28 -39.82
CA GLU A 202 12.20 -7.59 -39.96
C GLU A 202 11.11 -8.58 -40.38
N PRO A 203 10.08 -8.72 -39.54
CA PRO A 203 9.91 -8.02 -38.26
C PRO A 203 10.81 -8.57 -37.15
N GLY A 204 11.04 -7.78 -36.11
CA GLY A 204 11.91 -8.19 -35.03
C GLY A 204 11.73 -7.42 -33.74
N TYR A 205 12.72 -7.50 -32.86
CA TYR A 205 12.69 -6.84 -31.56
C TYR A 205 12.80 -5.33 -31.71
N ARG A 206 11.66 -4.65 -31.63
CA ARG A 206 11.61 -3.20 -31.78
C ARG A 206 12.46 -2.48 -30.75
N ARG A 207 12.58 -3.07 -29.57
CA ARG A 207 13.33 -2.46 -28.47
C ARG A 207 14.81 -2.32 -28.77
N MET A 208 15.43 -3.37 -29.33
CA MET A 208 16.83 -3.30 -29.70
C MET A 208 17.03 -2.35 -30.87
N TYR A 209 16.05 -2.27 -31.75
CA TYR A 209 16.10 -1.36 -32.89
C TYR A 209 16.15 0.08 -32.40
N GLN A 210 15.26 0.41 -31.48
CA GLN A 210 15.23 1.74 -30.88
C GLN A 210 16.55 2.06 -30.18
N LEU A 211 17.10 1.06 -29.50
CA LEU A 211 18.37 1.21 -28.79
C LEU A 211 19.51 1.54 -29.76
N LEU A 212 19.58 0.79 -30.85
CA LEU A 212 20.63 0.97 -31.85
C LEU A 212 20.48 2.30 -32.59
N LYS A 213 19.23 2.71 -32.82
CA LYS A 213 18.96 3.98 -33.51
C LYS A 213 19.31 5.16 -32.62
N ASN A 214 18.96 5.07 -31.34
CA ASN A 214 19.26 6.13 -30.38
C ASN A 214 20.74 6.17 -30.03
N ALA A 215 21.46 5.11 -30.35
CA ALA A 215 22.90 5.05 -30.12
C ALA A 215 23.66 5.65 -31.30
N GLY A 216 22.91 6.05 -32.33
CA GLY A 216 23.51 6.68 -33.49
C GLY A 216 24.12 5.68 -34.46
N LYS A 217 23.79 4.41 -34.29
CA LYS A 217 24.32 3.36 -35.15
C LYS A 217 23.40 3.12 -36.35
N GLN A 218 23.99 2.86 -37.51
CA GLN A 218 23.23 2.57 -38.72
C GLN A 218 22.66 1.16 -38.66
N VAL A 219 21.35 1.05 -38.82
CA VAL A 219 20.67 -0.23 -38.70
C VAL A 219 20.00 -0.65 -40.01
N LYS A 220 20.47 -1.75 -40.58
CA LYS A 220 19.83 -2.33 -41.75
C LYS A 220 18.71 -3.27 -41.32
N THR A 221 17.75 -3.51 -42.21
CA THR A 221 16.64 -4.41 -41.93
C THR A 221 16.66 -5.61 -42.86
N ILE A 222 16.78 -6.80 -42.31
CA ILE A 222 16.88 -8.01 -43.10
C ILE A 222 15.59 -8.82 -43.09
N MET A 223 14.99 -8.97 -44.27
CA MET A 223 13.73 -9.70 -44.41
C MET A 223 13.89 -11.17 -44.04
N LEU A 224 12.78 -11.81 -43.67
CA LEU A 224 12.80 -13.21 -43.30
C LEU A 224 12.22 -14.10 -44.40
N ASP A 225 12.79 -15.29 -44.55
CA ASP A 225 12.22 -16.30 -45.44
C ASP A 225 11.72 -17.48 -44.62
N GLU A 226 11.55 -18.63 -45.27
CA GLU A 226 11.05 -19.82 -44.60
C GLU A 226 12.11 -20.41 -43.66
N LYS A 227 13.35 -20.01 -43.83
CA LYS A 227 14.44 -20.51 -43.00
C LYS A 227 14.92 -19.45 -42.00
N GLY A 228 14.17 -18.35 -41.91
CA GLY A 228 14.51 -17.29 -40.98
C GLY A 228 15.22 -16.13 -41.64
N MET A 229 16.27 -15.62 -40.99
CA MET A 229 17.01 -14.46 -41.50
C MET A 229 17.65 -14.76 -42.85
N SER A 230 17.27 -13.98 -43.85
CA SER A 230 17.72 -14.21 -45.23
C SER A 230 19.20 -13.92 -45.41
N ILE A 231 19.96 -14.94 -45.80
CA ILE A 231 21.39 -14.79 -46.08
C ILE A 231 21.58 -14.02 -47.38
N ALA A 232 20.54 -14.06 -48.23
CA ALA A 232 20.58 -13.37 -49.52
C ALA A 232 20.60 -11.85 -49.33
N GLU A 233 19.85 -11.38 -48.33
CA GLU A 233 19.76 -9.95 -48.06
C GLU A 233 20.96 -9.46 -47.24
N ILE A 234 21.57 -10.37 -46.49
CA ILE A 234 22.75 -10.02 -45.69
C ILE A 234 23.95 -9.77 -46.59
N THR A 235 24.15 -10.64 -47.58
CA THR A 235 25.26 -10.50 -48.51
C THR A 235 25.05 -9.35 -49.48
N ARG A 236 23.82 -8.85 -49.54
CA ARG A 236 23.48 -7.76 -50.45
C ARG A 236 23.71 -6.39 -49.80
N GLN A 237 23.10 -6.19 -48.63
CA GLN A 237 23.22 -4.94 -47.91
C GLN A 237 24.57 -4.84 -47.20
N GLN A 238 25.17 -5.99 -46.95
CA GLN A 238 26.51 -6.10 -46.39
C GLN A 238 26.69 -5.31 -45.09
N PRO A 239 26.18 -5.85 -43.98
CA PRO A 239 26.38 -5.20 -42.67
C PRO A 239 27.66 -5.68 -41.99
N ASP A 240 27.83 -5.32 -40.72
CA ASP A 240 28.98 -5.76 -39.95
C ASP A 240 28.56 -6.66 -38.79
N VAL A 241 27.47 -6.27 -38.13
CA VAL A 241 26.97 -7.02 -36.98
C VAL A 241 25.53 -7.48 -37.19
N LEU A 242 25.28 -8.76 -36.96
CA LEU A 242 23.93 -9.32 -37.08
C LEU A 242 23.27 -9.45 -35.71
N VAL A 243 21.97 -9.21 -35.66
CA VAL A 243 21.18 -9.41 -34.46
C VAL A 243 20.04 -10.38 -34.76
N THR A 244 20.22 -11.65 -34.42
CA THR A 244 19.27 -12.68 -34.80
C THR A 244 18.70 -13.45 -33.62
N THR A 245 17.58 -14.13 -33.86
CA THR A 245 16.96 -14.99 -32.86
C THR A 245 16.68 -16.37 -33.48
N PRO A 246 17.74 -17.18 -33.66
CA PRO A 246 17.65 -18.42 -34.42
C PRO A 246 16.90 -19.54 -33.72
N SER A 247 16.87 -19.54 -32.40
CA SER A 247 16.21 -20.60 -31.65
C SER A 247 14.69 -20.47 -31.72
N HIS A 248 14.22 -19.23 -31.74
CA HIS A 248 12.79 -18.94 -31.85
C HIS A 248 12.62 -17.48 -32.26
N GLN A 249 12.40 -17.27 -33.55
CA GLN A 249 12.39 -15.93 -34.12
C GLN A 249 11.31 -15.05 -33.49
N PHE A 250 11.74 -13.89 -32.99
CA PHE A 250 10.83 -12.89 -32.45
C PHE A 250 10.52 -11.85 -33.53
N PRO A 251 9.24 -11.68 -33.86
CA PRO A 251 8.12 -12.41 -33.27
C PRO A 251 7.50 -13.48 -34.18
N SER A 252 8.08 -13.72 -35.36
CA SER A 252 7.47 -14.61 -36.34
C SER A 252 7.30 -16.03 -35.82
N GLY A 253 8.25 -16.48 -34.99
CA GLY A 253 8.14 -17.77 -34.34
C GLY A 253 8.83 -18.90 -35.08
N THR A 254 9.46 -18.59 -36.20
CA THR A 254 10.15 -19.61 -36.99
C THR A 254 11.47 -20.01 -36.35
N ILE A 255 11.84 -21.28 -36.50
CA ILE A 255 13.11 -21.77 -35.98
C ILE A 255 14.13 -21.88 -37.11
N MET A 256 15.26 -21.19 -36.96
CA MET A 256 16.31 -21.22 -37.98
C MET A 256 16.95 -22.60 -38.06
N PRO A 257 16.82 -23.27 -39.22
CA PRO A 257 17.39 -24.59 -39.43
C PRO A 257 18.92 -24.56 -39.44
N VAL A 258 19.55 -25.72 -39.31
CA VAL A 258 21.00 -25.80 -39.18
C VAL A 258 21.71 -25.36 -40.46
N SER A 259 21.02 -25.48 -41.60
CA SER A 259 21.59 -25.06 -42.88
C SER A 259 21.79 -23.55 -42.93
N ARG A 260 20.76 -22.82 -42.51
CA ARG A 260 20.81 -21.35 -42.51
C ARG A 260 21.81 -20.84 -41.46
N ARG A 261 21.97 -21.61 -40.38
CA ARG A 261 22.91 -21.25 -39.33
C ARG A 261 24.35 -21.34 -39.82
N ILE A 262 24.65 -22.42 -40.54
CA ILE A 262 25.99 -22.62 -41.08
C ILE A 262 26.32 -21.55 -42.13
N GLN A 263 25.30 -21.13 -42.88
CA GLN A 263 25.47 -20.06 -43.86
C GLN A 263 25.90 -18.76 -43.18
N LEU A 264 25.22 -18.43 -42.09
CA LEU A 264 25.53 -17.23 -41.31
C LEU A 264 26.93 -17.33 -40.71
N LEU A 265 27.24 -18.49 -40.14
CA LEU A 265 28.55 -18.74 -39.54
C LEU A 265 29.68 -18.59 -40.55
N ASN A 266 29.45 -19.11 -41.75
CA ASN A 266 30.43 -18.98 -42.82
C ASN A 266 30.57 -17.53 -43.28
N TRP A 267 29.46 -16.81 -43.29
CA TRP A 267 29.46 -15.39 -43.65
C TRP A 267 30.30 -14.57 -42.68
N ALA A 268 30.15 -14.87 -41.39
CA ALA A 268 30.86 -14.14 -40.34
C ALA A 268 32.36 -14.48 -40.35
N ALA A 269 32.71 -15.53 -41.09
CA ALA A 269 34.11 -15.97 -41.16
C ALA A 269 34.79 -15.48 -42.44
N GLU A 270 34.00 -14.89 -43.33
CA GLU A 270 34.51 -14.42 -44.62
C GLU A 270 35.36 -13.17 -44.47
N GLU A 271 35.00 -12.30 -43.54
CA GLU A 271 35.71 -11.05 -43.33
C GLU A 271 35.75 -10.70 -41.85
N PRO A 272 36.93 -10.25 -41.36
CA PRO A 272 37.07 -9.86 -39.96
C PRO A 272 36.15 -8.69 -39.56
N ARG A 273 36.08 -8.41 -38.26
CA ARG A 273 35.19 -7.41 -37.70
C ARG A 273 33.73 -7.68 -38.04
N ARG A 274 33.38 -8.96 -38.20
CA ARG A 274 32.00 -9.35 -38.40
C ARG A 274 31.50 -10.15 -37.19
N TYR A 275 30.32 -9.80 -36.71
CA TYR A 275 29.78 -10.43 -35.50
C TYR A 275 28.31 -10.81 -35.66
N ILE A 276 27.89 -11.81 -34.86
CA ILE A 276 26.50 -12.23 -34.82
C ILE A 276 26.03 -12.24 -33.38
N ILE A 277 24.98 -11.47 -33.08
CA ILE A 277 24.44 -11.38 -31.74
C ILE A 277 23.30 -12.35 -31.52
N GLU A 278 23.43 -13.19 -30.49
CA GLU A 278 22.44 -14.22 -30.20
C GLU A 278 21.46 -13.83 -29.12
N ASP A 279 20.27 -13.43 -29.52
CA ASP A 279 19.23 -13.09 -28.56
C ASP A 279 18.42 -14.32 -28.21
N ASP A 280 18.96 -15.13 -27.29
CA ASP A 280 18.29 -16.32 -26.81
C ASP A 280 17.45 -15.97 -25.57
N TYR A 281 16.13 -16.07 -25.70
CA TYR A 281 15.25 -15.59 -24.64
C TYR A 281 14.21 -16.60 -24.19
N ASP A 282 14.02 -17.69 -24.94
CA ASP A 282 13.07 -18.72 -24.56
C ASP A 282 13.36 -20.08 -25.18
N SER A 283 14.65 -20.37 -25.37
CA SER A 283 15.06 -21.63 -25.99
C SER A 283 14.83 -22.81 -25.06
N GLU A 284 14.75 -22.54 -23.77
CA GLU A 284 14.57 -23.59 -22.77
C GLU A 284 13.14 -24.12 -22.75
N PHE A 285 12.25 -23.51 -23.54
CA PHE A 285 10.86 -23.94 -23.58
C PHE A 285 10.46 -24.46 -24.96
N THR A 286 10.64 -25.76 -25.16
CA THR A 286 10.20 -26.43 -26.39
C THR A 286 9.26 -27.57 -26.02
N TYR A 287 8.19 -27.74 -26.80
CA TYR A 287 7.08 -28.60 -26.38
C TYR A 287 6.92 -29.85 -27.25
N ASP A 288 7.49 -29.83 -28.45
CA ASP A 288 7.44 -30.99 -29.34
C ASP A 288 8.80 -31.67 -29.40
N VAL A 289 9.85 -30.91 -29.11
CA VAL A 289 11.21 -31.43 -29.17
C VAL A 289 12.04 -30.95 -27.99
N ASP A 290 13.27 -31.43 -27.88
CA ASP A 290 14.18 -30.97 -26.84
C ASP A 290 14.72 -29.60 -27.20
N SER A 291 15.42 -28.97 -26.25
CA SER A 291 16.04 -27.67 -26.50
C SER A 291 17.05 -27.77 -27.63
N ILE A 292 16.95 -26.86 -28.59
CA ILE A 292 17.86 -26.85 -29.72
C ILE A 292 19.17 -26.17 -29.37
N PRO A 293 20.31 -26.86 -29.57
CA PRO A 293 21.64 -26.31 -29.35
C PRO A 293 21.79 -24.96 -30.05
N ALA A 294 22.21 -23.95 -29.31
CA ALA A 294 22.22 -22.59 -29.83
C ALA A 294 23.28 -22.40 -30.93
N LEU A 295 23.12 -21.33 -31.70
CA LEU A 295 23.97 -21.06 -32.86
C LEU A 295 25.45 -20.93 -32.46
N GLN A 296 25.69 -20.44 -31.24
CA GLN A 296 27.05 -20.26 -30.74
C GLN A 296 27.77 -21.60 -30.58
N SER A 297 27.01 -22.65 -30.35
CA SER A 297 27.57 -23.99 -30.13
C SER A 297 28.23 -24.55 -31.38
N LEU A 298 27.86 -24.01 -32.54
CA LEU A 298 28.41 -24.50 -33.80
C LEU A 298 29.48 -23.57 -34.35
N ASP A 299 29.67 -22.43 -33.72
CA ASP A 299 30.66 -21.46 -34.16
C ASP A 299 32.08 -21.93 -33.83
N ARG A 300 32.98 -21.77 -34.79
CA ARG A 300 34.37 -22.17 -34.62
C ARG A 300 35.32 -20.99 -34.80
N PHE A 301 34.75 -19.81 -35.00
CA PHE A 301 35.55 -18.62 -35.31
C PHE A 301 35.41 -17.53 -34.27
N GLN A 302 34.65 -17.81 -33.21
CA GLN A 302 34.42 -16.86 -32.12
C GLN A 302 33.91 -15.52 -32.64
N ASN A 303 32.94 -15.58 -33.55
CA ASN A 303 32.33 -14.36 -34.07
C ASN A 303 30.89 -14.22 -33.57
N VAL A 304 30.48 -15.13 -32.70
CA VAL A 304 29.12 -15.14 -32.19
C VAL A 304 29.05 -14.67 -30.75
N ILE A 305 28.26 -13.63 -30.51
CA ILE A 305 28.02 -13.14 -29.16
C ILE A 305 26.71 -13.71 -28.63
N TYR A 306 26.79 -14.55 -27.61
CA TYR A 306 25.60 -15.18 -27.04
C TYR A 306 25.02 -14.37 -25.89
N MET A 307 23.74 -14.05 -25.99
CA MET A 307 23.03 -13.33 -24.92
C MET A 307 21.86 -14.15 -24.41
N GLY A 308 21.90 -14.52 -23.13
CA GLY A 308 20.83 -15.27 -22.51
C GLY A 308 20.13 -14.48 -21.43
N THR A 309 19.05 -15.06 -20.88
CA THR A 309 18.28 -14.37 -19.86
C THR A 309 17.52 -15.34 -18.95
N PHE A 310 17.18 -14.86 -17.75
CA PHE A 310 16.38 -15.63 -16.80
C PHE A 310 15.04 -14.95 -16.58
N SER A 311 14.72 -13.99 -17.46
CA SER A 311 13.51 -13.17 -17.30
C SER A 311 12.23 -13.99 -17.40
N1 LLP A 312 14.63 -10.54 -26.14
C2 LLP A 312 13.42 -10.83 -26.58
C2' LLP A 312 13.15 -10.88 -28.14
C3 LLP A 312 12.35 -11.07 -25.68
O3 LLP A 312 11.07 -11.37 -26.19
C4 LLP A 312 12.57 -11.02 -24.31
C4' LLP A 312 11.42 -11.29 -23.30
C5 LLP A 312 13.90 -10.71 -23.89
C6 LLP A 312 14.88 -10.49 -24.84
C5' LLP A 312 14.23 -10.64 -22.43
OP4 LLP A 312 15.18 -9.60 -22.24
P LLP A 312 15.28 -8.94 -20.81
OP1 LLP A 312 16.18 -9.82 -19.92
OP2 LLP A 312 15.88 -7.59 -20.93
OP3 LLP A 312 13.92 -8.84 -20.22
N LLP A 312 12.18 -14.91 -18.35
CA LLP A 312 10.99 -15.67 -18.59
CB LLP A 312 10.94 -16.05 -20.08
CG LLP A 312 11.36 -14.84 -21.02
CD LLP A 312 10.20 -13.75 -21.13
CE LLP A 312 10.18 -13.11 -22.43
NZ LLP A 312 11.50 -12.63 -22.78
C LLP A 312 10.95 -16.92 -17.77
O LLP A 312 9.87 -17.53 -17.62
N SER A 313 12.09 -17.33 -17.25
CA SER A 313 12.19 -18.61 -16.54
C SER A 313 12.03 -18.48 -15.03
N LEU A 314 12.50 -17.38 -14.47
CA LEU A 314 12.41 -17.17 -13.02
C LEU A 314 11.24 -16.25 -12.67
N LEU A 315 11.44 -15.44 -11.63
CA LEU A 315 10.43 -14.46 -11.22
C LEU A 315 10.18 -13.45 -12.34
N PRO A 316 8.95 -12.94 -12.44
CA PRO A 316 8.60 -12.02 -13.53
C PRO A 316 9.42 -10.74 -13.53
N GLY A 317 9.71 -10.21 -12.35
CA GLY A 317 10.41 -8.94 -12.25
C GLY A 317 11.88 -9.06 -11.91
N LEU A 318 12.39 -10.28 -11.83
CA LEU A 318 13.78 -10.52 -11.43
C LEU A 318 14.77 -9.85 -12.39
N ARG A 319 14.62 -10.11 -13.67
CA ARG A 319 15.42 -9.49 -14.71
C ARG A 319 16.93 -9.69 -14.52
N ILE A 320 17.43 -10.84 -14.93
CA ILE A 320 18.86 -11.11 -14.94
C ILE A 320 19.28 -11.70 -16.28
N SER A 321 20.16 -11.00 -17.00
CA SER A 321 20.67 -11.49 -18.28
C SER A 321 22.18 -11.71 -18.21
N TYR A 322 22.72 -12.34 -19.25
CA TYR A 322 24.16 -12.56 -19.34
C TYR A 322 24.64 -12.49 -20.79
N MET A 323 25.89 -12.08 -20.97
CA MET A 323 26.45 -11.89 -22.29
C MET A 323 27.82 -12.55 -22.41
N VAL A 324 27.97 -13.40 -23.43
CA VAL A 324 29.22 -14.12 -23.65
C VAL A 324 30.05 -13.44 -24.73
N LEU A 325 31.15 -12.82 -24.33
CA LEU A 325 32.00 -12.09 -25.25
C LEU A 325 33.18 -12.92 -25.75
N PRO A 326 33.40 -12.94 -27.07
CA PRO A 326 34.63 -13.49 -27.64
C PRO A 326 35.85 -12.71 -27.14
N PRO A 327 37.01 -13.37 -27.06
CA PRO A 327 38.25 -12.82 -26.48
C PRO A 327 38.59 -11.39 -26.90
N GLU A 328 38.46 -11.08 -28.20
CA GLU A 328 38.83 -9.76 -28.71
C GLU A 328 37.95 -8.65 -28.13
N LEU A 329 36.69 -8.97 -27.85
CA LEU A 329 35.78 -7.98 -27.28
C LEU A 329 35.96 -7.89 -25.76
N LEU A 330 36.43 -8.98 -25.16
CA LEU A 330 36.70 -9.00 -23.73
C LEU A 330 37.86 -8.07 -23.39
N ARG A 331 38.90 -8.09 -24.24
CA ARG A 331 40.05 -7.21 -24.06
C ARG A 331 39.63 -5.75 -24.15
N ALA A 332 38.67 -5.47 -25.02
CA ALA A 332 38.15 -4.12 -25.19
C ALA A 332 37.42 -3.67 -23.93
N TYR A 333 36.74 -4.61 -23.28
CA TYR A 333 35.99 -4.33 -22.07
C TYR A 333 36.91 -4.06 -20.87
N LYS A 334 37.99 -4.82 -20.78
CA LYS A 334 38.90 -4.72 -19.64
C LYS A 334 39.73 -3.43 -19.67
N GLN A 335 39.80 -2.80 -20.83
CA GLN A 335 40.53 -1.55 -20.97
C GLN A 335 39.72 -0.37 -20.43
N ARG A 336 38.49 -0.66 -20.02
CA ARG A 336 37.62 0.34 -19.41
C ARG A 336 37.90 0.48 -17.93
N GLY A 337 37.23 -0.36 -17.13
CA GLY A 337 37.45 -0.40 -15.70
C GLY A 337 36.55 0.51 -14.90
N TYR A 338 35.68 1.24 -15.60
CA TYR A 338 34.79 2.19 -14.95
C TYR A 338 33.34 1.70 -14.92
N ASP A 339 33.11 0.50 -15.41
CA ASP A 339 31.77 -0.08 -15.44
C ASP A 339 31.36 -0.63 -14.07
N LEU A 340 30.08 -0.54 -13.77
CA LEU A 340 29.56 -1.04 -12.49
C LEU A 340 28.49 -2.11 -12.75
N GLN A 341 28.49 -3.15 -11.91
CA GLN A 341 27.51 -4.21 -12.03
C GLN A 341 26.11 -3.70 -11.70
N THR A 342 25.13 -4.07 -12.51
CA THR A 342 23.78 -3.57 -12.35
C THR A 342 22.87 -4.54 -11.62
N CYS A 343 23.33 -5.78 -11.47
CA CYS A 343 22.57 -6.80 -10.75
C CYS A 343 22.93 -6.82 -9.27
N SER A 344 21.91 -6.93 -8.42
CA SER A 344 22.12 -7.01 -6.98
C SER A 344 22.96 -8.23 -6.63
N SER A 345 24.04 -8.01 -5.89
CA SER A 345 24.96 -9.08 -5.54
C SER A 345 24.27 -10.14 -4.68
N LEU A 346 23.29 -9.70 -3.89
CA LEU A 346 22.54 -10.60 -3.04
C LEU A 346 21.66 -11.53 -3.87
N THR A 347 21.16 -11.03 -4.99
CA THR A 347 20.32 -11.80 -5.90
C THR A 347 21.16 -12.81 -6.68
N GLN A 348 22.37 -12.39 -7.07
CA GLN A 348 23.27 -13.25 -7.83
C GLN A 348 23.63 -14.51 -7.04
N LEU A 349 23.94 -14.33 -5.77
CA LEU A 349 24.29 -15.45 -4.89
C LEU A 349 23.13 -16.42 -4.75
N THR A 350 21.91 -15.87 -4.75
CA THR A 350 20.71 -16.68 -4.68
C THR A 350 20.56 -17.51 -5.95
N LEU A 351 20.80 -16.87 -7.09
CA LEU A 351 20.70 -17.55 -8.38
C LEU A 351 21.72 -18.67 -8.49
N GLN A 352 22.93 -18.43 -7.98
CA GLN A 352 23.98 -19.44 -8.00
C GLN A 352 23.55 -20.68 -7.22
N GLU A 353 22.94 -20.44 -6.06
CA GLU A 353 22.47 -21.53 -5.22
C GLU A 353 21.27 -22.22 -5.83
N PHE A 354 20.41 -21.45 -6.50
CA PHE A 354 19.22 -21.98 -7.14
C PHE A 354 19.60 -22.93 -8.28
N ILE A 355 20.71 -22.61 -8.95
CA ILE A 355 21.21 -23.42 -10.05
C ILE A 355 21.96 -24.65 -9.55
N GLU A 356 22.89 -24.44 -8.64
CA GLU A 356 23.74 -25.53 -8.14
C GLU A 356 22.96 -26.59 -7.37
N SER A 357 21.87 -26.19 -6.72
CA SER A 357 21.06 -27.13 -5.95
C SER A 357 20.18 -27.98 -6.86
N GLY A 358 20.17 -27.64 -8.15
CA GLY A 358 19.39 -28.37 -9.13
C GLY A 358 17.93 -27.94 -9.16
N GLU A 359 17.60 -26.98 -8.31
CA GLU A 359 16.22 -26.49 -8.20
C GLU A 359 15.79 -25.75 -9.46
N TYR A 360 16.74 -25.12 -10.15
CA TYR A 360 16.43 -24.36 -11.35
C TYR A 360 15.97 -25.27 -12.49
N GLN A 361 16.78 -26.29 -12.80
CA GLN A 361 16.45 -27.23 -13.86
C GLN A 361 15.19 -28.01 -13.51
N LYS A 362 15.00 -28.27 -12.23
CA LYS A 362 13.77 -28.90 -11.74
C LYS A 362 12.58 -27.98 -11.96
N HIS A 363 12.81 -26.68 -11.81
CA HIS A 363 11.78 -25.67 -12.02
C HIS A 363 11.42 -25.55 -13.49
N ILE A 364 12.43 -25.58 -14.35
CA ILE A 364 12.24 -25.46 -15.79
C ILE A 364 11.39 -26.61 -16.33
N LYS A 365 11.66 -27.81 -15.82
CA LYS A 365 10.94 -29.00 -16.26
C LYS A 365 9.44 -28.91 -15.98
N LYS A 366 9.10 -28.41 -14.80
CA LYS A 366 7.69 -28.28 -14.40
C LYS A 366 6.99 -27.19 -15.20
N MET A 367 7.66 -26.06 -15.39
CA MET A 367 7.10 -24.94 -16.13
C MET A 367 6.92 -25.28 -17.61
N LYS A 368 7.86 -26.04 -18.16
CA LYS A 368 7.81 -26.42 -19.56
C LYS A 368 6.57 -27.26 -19.84
N GLN A 369 6.19 -28.08 -18.87
CA GLN A 369 4.98 -28.89 -18.99
C GLN A 369 3.74 -28.05 -18.76
N HIS A 370 3.85 -27.07 -17.85
CA HIS A 370 2.74 -26.18 -17.56
C HIS A 370 2.43 -25.28 -18.75
N TYR A 371 3.48 -24.77 -19.39
CA TYR A 371 3.34 -23.94 -20.57
C TYR A 371 2.83 -24.78 -21.75
N LYS A 372 3.31 -26.02 -21.83
CA LYS A 372 2.89 -26.94 -22.87
C LYS A 372 1.38 -27.21 -22.78
N GLU A 373 0.89 -27.35 -21.55
CA GLU A 373 -0.53 -27.59 -21.31
C GLU A 373 -1.35 -26.32 -21.49
N LYS A 374 -0.77 -25.17 -21.13
CA LYS A 374 -1.48 -23.91 -21.25
C LYS A 374 -1.60 -23.53 -22.73
N ARG A 375 -0.53 -23.74 -23.49
CA ARG A 375 -0.58 -23.59 -24.94
C ARG A 375 -1.39 -24.75 -25.50
N GLU A 376 -2.66 -24.50 -25.82
CA GLU A 376 -3.65 -25.55 -26.04
C GLU A 376 -3.75 -26.35 -24.74
N ARG A 377 -4.68 -26.00 -23.85
CA ARG A 377 -5.81 -25.08 -24.09
C ARG A 377 -5.51 -23.59 -24.29
N LEU A 378 -5.54 -23.18 -25.55
CA LEU A 378 -5.38 -21.79 -25.97
C LEU A 378 -5.55 -21.78 -27.48
N ILE A 379 -4.86 -22.71 -28.14
CA ILE A 379 -5.07 -22.95 -29.55
C ILE A 379 -6.14 -24.03 -29.70
N THR A 380 -7.15 -23.94 -28.85
CA THR A 380 -8.32 -24.80 -28.92
C THR A 380 -9.55 -23.93 -28.66
N ALA A 381 -9.42 -23.02 -27.69
CA ALA A 381 -10.47 -22.03 -27.44
C ALA A 381 -10.52 -21.03 -28.59
N LEU A 382 -9.35 -20.67 -29.11
CA LEU A 382 -9.28 -19.79 -30.28
C LEU A 382 -9.90 -20.47 -31.50
N GLU A 383 -9.61 -21.76 -31.66
CA GLU A 383 -10.14 -22.54 -32.77
C GLU A 383 -11.62 -22.85 -32.57
N ALA A 384 -12.07 -22.84 -31.32
CA ALA A 384 -13.48 -23.08 -31.04
C ALA A 384 -14.28 -21.80 -31.22
N GLU A 385 -13.67 -20.66 -30.90
CA GLU A 385 -14.35 -19.37 -30.96
C GLU A 385 -14.31 -18.79 -32.37
N PHE A 386 -13.10 -18.64 -32.91
CA PHE A 386 -12.91 -18.02 -34.22
C PHE A 386 -13.12 -18.99 -35.37
N SER A 387 -13.00 -20.28 -35.08
CA SER A 387 -13.05 -21.33 -36.12
C SER A 387 -11.96 -21.12 -37.15
N GLY A 388 -12.35 -21.02 -38.41
CA GLY A 388 -11.40 -20.83 -39.50
C GLY A 388 -11.03 -19.38 -39.74
N GLU A 389 -11.48 -18.50 -38.85
CA GLU A 389 -11.19 -17.07 -38.99
C GLU A 389 -9.86 -16.68 -38.38
N VAL A 390 -9.29 -17.58 -37.59
CA VAL A 390 -7.99 -17.32 -36.97
C VAL A 390 -6.90 -18.14 -37.64
N THR A 391 -5.74 -17.52 -37.86
CA THR A 391 -4.59 -18.21 -38.43
C THR A 391 -3.42 -18.13 -37.45
N VAL A 392 -3.02 -19.29 -36.94
CA VAL A 392 -1.95 -19.34 -35.95
C VAL A 392 -0.59 -19.63 -36.58
N LYS A 393 0.32 -18.67 -36.49
CA LYS A 393 1.67 -18.84 -36.99
C LYS A 393 2.66 -19.02 -35.84
N GLY A 394 3.77 -19.69 -36.12
CA GLY A 394 4.81 -19.89 -35.12
C GLY A 394 4.97 -21.34 -34.69
N ALA A 395 6.21 -21.72 -34.36
CA ALA A 395 6.51 -23.08 -33.94
C ALA A 395 5.89 -23.37 -32.58
N ASN A 396 5.83 -24.65 -32.22
CA ASN A 396 5.29 -25.07 -30.93
C ASN A 396 6.35 -24.97 -29.84
N ALA A 397 6.72 -23.73 -29.51
CA ALA A 397 7.72 -23.48 -28.47
C ALA A 397 7.60 -22.05 -27.95
N GLY A 398 8.50 -21.68 -27.04
CA GLY A 398 8.52 -20.35 -26.48
C GLY A 398 7.30 -20.01 -25.65
N LEU A 399 7.00 -18.73 -25.52
CA LEU A 399 5.88 -18.27 -24.71
C LEU A 399 4.94 -17.37 -25.51
N HIS A 400 5.02 -17.46 -26.83
CA HIS A 400 4.17 -16.64 -27.68
C HIS A 400 3.95 -17.25 -29.05
N PHE A 401 2.87 -16.85 -29.71
CA PHE A 401 2.64 -17.19 -31.10
C PHE A 401 1.79 -16.09 -31.76
N VAL A 402 1.77 -16.08 -33.09
CA VAL A 402 1.08 -15.04 -33.84
C VAL A 402 -0.30 -15.50 -34.30
N THR A 403 -1.29 -14.60 -34.22
CA THR A 403 -2.63 -14.89 -34.69
C THR A 403 -3.12 -13.84 -35.70
N GLU A 404 -3.45 -14.30 -36.90
CA GLU A 404 -4.02 -13.44 -37.93
C GLU A 404 -5.53 -13.61 -37.99
N PHE A 405 -6.25 -12.50 -38.16
CA PHE A 405 -7.71 -12.53 -38.17
C PHE A 405 -8.29 -12.05 -39.49
N ASP A 406 -9.50 -12.48 -39.80
CA ASP A 406 -10.22 -12.02 -40.97
C ASP A 406 -11.29 -11.01 -40.55
N THR A 407 -10.91 -9.73 -40.53
CA THR A 407 -11.83 -8.68 -40.11
C THR A 407 -11.56 -7.37 -40.84
N ARG A 408 -12.57 -6.51 -40.90
CA ARG A 408 -12.46 -5.23 -41.58
C ARG A 408 -11.83 -4.16 -40.68
N ARG A 409 -11.78 -4.45 -39.38
CA ARG A 409 -11.25 -3.50 -38.41
C ARG A 409 -9.73 -3.48 -38.45
N THR A 410 -9.16 -2.29 -38.21
CA THR A 410 -7.71 -2.13 -38.18
C THR A 410 -7.13 -2.69 -36.89
N GLU A 411 -5.81 -2.79 -36.83
CA GLU A 411 -5.13 -3.31 -35.65
C GLU A 411 -5.34 -2.39 -34.44
N GLN A 412 -5.41 -1.09 -34.69
CA GLN A 412 -5.59 -0.11 -33.62
C GLN A 412 -6.98 -0.21 -33.00
N ASP A 413 -7.99 -0.46 -33.84
CA ASP A 413 -9.36 -0.59 -33.36
C ASP A 413 -9.51 -1.82 -32.48
N ILE A 414 -8.76 -2.87 -32.79
CA ILE A 414 -8.78 -4.10 -32.01
C ILE A 414 -8.11 -3.89 -30.66
N LEU A 415 -6.95 -3.23 -30.67
CA LEU A 415 -6.20 -2.98 -29.44
C LEU A 415 -6.94 -2.00 -28.53
N SER A 416 -7.79 -1.16 -29.11
CA SER A 416 -8.57 -0.20 -28.34
C SER A 416 -9.71 -0.88 -27.61
N HIS A 417 -10.43 -1.75 -28.32
CA HIS A 417 -11.54 -2.50 -27.74
C HIS A 417 -11.07 -3.42 -26.62
N ALA A 418 -9.94 -4.08 -26.83
CA ALA A 418 -9.38 -4.99 -25.84
C ALA A 418 -9.00 -4.24 -24.56
N ALA A 419 -8.50 -3.02 -24.73
CA ALA A 419 -8.16 -2.19 -23.58
C ALA A 419 -9.42 -1.80 -22.81
N GLY A 420 -10.52 -1.66 -23.54
CA GLY A 420 -11.79 -1.31 -22.92
C GLY A 420 -12.50 -2.51 -22.32
N LEU A 421 -12.03 -3.70 -22.67
CA LEU A 421 -12.58 -4.93 -22.13
C LEU A 421 -11.65 -5.54 -21.10
N GLN A 422 -10.72 -4.72 -20.61
CA GLN A 422 -9.71 -5.15 -19.64
C GLN A 422 -8.93 -6.35 -20.15
N LEU A 423 -8.45 -6.24 -21.38
CA LEU A 423 -7.65 -7.30 -22.00
C LEU A 423 -6.34 -6.72 -22.52
N GLU A 424 -5.23 -7.25 -22.05
CA GLU A 424 -3.92 -6.77 -22.45
C GLU A 424 -3.34 -7.57 -23.61
N ILE A 425 -3.45 -7.02 -24.82
CA ILE A 425 -2.86 -7.65 -25.98
C ILE A 425 -2.01 -6.63 -26.74
N PHE A 426 -1.05 -7.13 -27.52
CA PHE A 426 -0.18 -6.26 -28.29
C PHE A 426 -0.26 -6.57 -29.79
N GLY A 427 -0.08 -5.54 -30.61
CA GLY A 427 -0.18 -5.70 -32.04
C GLY A 427 1.01 -6.38 -32.67
N MET A 428 1.05 -6.41 -33.99
CA MET A 428 2.15 -7.03 -34.73
C MET A 428 2.88 -5.99 -35.56
N SER A 429 2.22 -4.86 -35.79
CA SER A 429 2.78 -3.77 -36.59
C SER A 429 3.88 -3.03 -35.84
N ARG A 430 3.94 -3.22 -34.53
CA ARG A 430 4.94 -2.55 -33.71
C ARG A 430 6.31 -3.21 -33.86
N PHE A 431 6.34 -4.38 -34.48
CA PHE A 431 7.59 -5.10 -34.69
C PHE A 431 8.14 -4.82 -36.09
N ASN A 432 7.41 -4.02 -36.85
CA ASN A 432 7.89 -3.53 -38.14
C ASN A 432 8.93 -2.44 -37.94
N LEU A 433 10.17 -2.72 -38.31
CA LEU A 433 11.26 -1.79 -38.08
C LEU A 433 11.28 -0.66 -39.10
N LYS A 434 11.40 -1.02 -40.38
CA LYS A 434 11.38 -0.02 -41.44
C LYS A 434 9.95 0.32 -41.84
N GLU A 435 9.62 1.60 -41.82
CA GLU A 435 8.27 2.05 -42.12
C GLU A 435 8.28 3.36 -42.91
N THR A 440 -1.05 -3.63 -43.29
CA THR A 440 -0.47 -4.57 -44.24
C THR A 440 -1.47 -5.09 -45.30
N GLY A 441 -2.65 -5.60 -44.92
CA GLY A 441 -3.13 -5.75 -43.56
C GLY A 441 -3.55 -7.18 -43.27
N ARG A 442 -2.96 -7.77 -42.25
CA ARG A 442 -3.27 -9.16 -41.92
C ARG A 442 -4.66 -9.28 -41.29
N PRO A 443 -4.93 -8.58 -40.16
CA PRO A 443 -4.12 -7.87 -39.17
C PRO A 443 -3.74 -8.81 -38.02
N ALA A 444 -2.47 -8.88 -37.69
CA ALA A 444 -2.00 -9.89 -36.74
C ALA A 444 -1.82 -9.36 -35.32
N LEU A 445 -1.79 -10.28 -34.37
CA LEU A 445 -1.54 -9.96 -32.97
C LEU A 445 -0.57 -10.97 -32.36
N ILE A 446 0.28 -10.51 -31.46
CA ILE A 446 1.16 -11.41 -30.74
C ILE A 446 0.46 -11.90 -29.47
N ILE A 447 0.41 -13.22 -29.31
CA ILE A 447 -0.31 -13.80 -28.19
C ILE A 447 0.63 -14.50 -27.22
N GLY A 448 0.82 -13.90 -26.05
CA GLY A 448 1.62 -14.50 -25.00
C GLY A 448 0.75 -15.26 -24.02
N PHE A 449 1.35 -16.22 -23.32
CA PHE A 449 0.63 -17.02 -22.34
C PHE A 449 1.50 -17.34 -21.14
N ALA A 450 2.43 -16.45 -20.84
CA ALA A 450 3.31 -16.64 -19.68
C ALA A 450 2.61 -16.25 -18.39
N ARG A 451 2.03 -15.05 -18.39
CA ARG A 451 1.33 -14.53 -17.21
C ARG A 451 -0.15 -14.89 -17.25
N LEU A 452 -0.56 -15.58 -18.31
CA LEU A 452 -1.96 -15.96 -18.47
C LEU A 452 -2.34 -17.09 -17.51
N LYS A 453 -3.45 -16.90 -16.81
CA LYS A 453 -3.95 -17.94 -15.90
C LYS A 453 -4.81 -18.92 -16.68
N GLU A 454 -4.83 -20.17 -16.23
CA GLU A 454 -5.58 -21.21 -16.93
C GLU A 454 -7.09 -20.99 -16.81
N GLU A 455 -7.48 -20.30 -15.74
CA GLU A 455 -8.90 -20.03 -15.50
C GLU A 455 -9.43 -18.93 -16.42
N ASP A 456 -8.55 -18.03 -16.84
CA ASP A 456 -8.95 -16.88 -17.66
C ASP A 456 -8.74 -17.13 -19.15
N ILE A 457 -8.60 -18.40 -19.52
CA ILE A 457 -8.33 -18.77 -20.91
C ILE A 457 -9.59 -18.61 -21.77
N GLN A 458 -10.68 -19.24 -21.34
CA GLN A 458 -11.92 -19.20 -22.12
C GLN A 458 -12.51 -17.79 -22.17
N GLU A 459 -12.39 -17.06 -21.07
CA GLU A 459 -12.90 -15.70 -21.01
C GLU A 459 -12.06 -14.74 -21.83
N GLY A 460 -10.74 -14.93 -21.79
CA GLY A 460 -9.82 -14.10 -22.54
C GLY A 460 -10.03 -14.18 -24.04
N VAL A 461 -10.29 -15.40 -24.52
CA VAL A 461 -10.55 -15.62 -25.93
C VAL A 461 -11.87 -14.99 -26.35
N GLN A 462 -12.87 -15.08 -25.46
CA GLN A 462 -14.16 -14.45 -25.71
C GLN A 462 -14.04 -12.93 -25.73
N ARG A 463 -13.20 -12.39 -24.87
CA ARG A 463 -12.93 -10.96 -24.87
C ARG A 463 -12.16 -10.56 -26.12
N LEU A 464 -11.24 -11.43 -26.52
CA LEU A 464 -10.43 -11.20 -27.71
C LEU A 464 -11.30 -11.16 -28.97
N PHE A 465 -12.31 -12.03 -29.00
CA PHE A 465 -13.19 -12.12 -30.16
C PHE A 465 -13.98 -10.83 -30.36
N LYS A 466 -14.52 -10.29 -29.27
CA LYS A 466 -15.30 -9.06 -29.32
C LYS A 466 -14.44 -7.90 -29.80
N ALA A 467 -13.16 -7.92 -29.40
CA ALA A 467 -12.22 -6.87 -29.79
C ALA A 467 -11.90 -6.94 -31.28
N VAL A 468 -11.80 -8.15 -31.80
CA VAL A 468 -11.46 -8.36 -33.20
C VAL A 468 -12.58 -7.88 -34.13
N TYR A 469 -13.82 -8.17 -33.76
CA TYR A 469 -14.96 -7.83 -34.60
C TYR A 469 -15.78 -6.68 -34.06
N GLY A 470 -15.23 -5.97 -33.08
CA GLY A 470 -15.83 -4.76 -32.53
C GLY A 470 -17.27 -4.91 -32.06
N HIS A 471 -17.55 -6.01 -31.37
CA HIS A 471 -18.89 -6.25 -30.85
C HIS A 471 -19.23 -5.29 -29.71
N LYS A 472 -20.33 -4.55 -29.88
CA LYS A 472 -20.76 -3.58 -28.89
C LYS A 472 -21.39 -4.25 -27.69
N LYS A 473 -21.22 -3.63 -26.52
CA LYS A 473 -21.78 -4.16 -25.27
C LYS A 473 -23.28 -3.90 -25.22
N ILE A 474 -24.04 -4.92 -24.85
CA ILE A 474 -25.49 -4.80 -24.74
C ILE A 474 -25.89 -4.17 -23.40
N PRO A 475 -26.53 -2.99 -23.45
CA PRO A 475 -26.97 -2.29 -22.24
C PRO A 475 -28.24 -2.91 -21.64
N ILE B 3 25.54 -48.54 -40.62
CA ILE B 3 26.34 -47.87 -39.60
C ILE B 3 25.80 -48.19 -38.21
N THR B 4 26.70 -48.57 -37.30
CA THR B 4 26.30 -49.00 -35.97
C THR B 4 26.05 -47.83 -35.01
N ILE B 5 25.10 -48.02 -34.10
CA ILE B 5 24.80 -47.03 -33.07
C ILE B 5 24.66 -47.71 -31.71
N THR B 6 25.68 -47.55 -30.86
CA THR B 6 25.67 -48.15 -29.53
C THR B 6 24.72 -47.39 -28.60
N LEU B 7 23.95 -48.13 -27.81
CA LEU B 7 22.93 -47.53 -26.95
C LEU B 7 23.04 -48.00 -25.50
N ASP B 8 22.87 -47.06 -24.58
CA ASP B 8 22.78 -47.38 -23.15
C ASP B 8 21.30 -47.38 -22.74
N ARG B 9 20.76 -48.57 -22.52
CA ARG B 9 19.33 -48.70 -22.25
C ARG B 9 18.98 -48.52 -20.78
N SER B 10 20.00 -48.27 -19.95
CA SER B 10 19.77 -47.94 -18.55
C SER B 10 19.38 -46.47 -18.44
N GLU B 11 19.87 -45.68 -19.40
CA GLU B 11 19.51 -44.27 -19.55
C GLU B 11 19.99 -43.38 -18.41
N GLN B 12 20.02 -42.08 -18.68
CA GLN B 12 20.38 -41.06 -17.70
C GLN B 12 21.74 -41.26 -17.03
N ALA B 13 22.89 -41.10 -17.71
CA ALA B 13 23.08 -40.93 -19.17
C ALA B 13 22.16 -39.98 -19.91
N ASP B 14 21.67 -40.43 -21.06
CA ASP B 14 20.66 -39.72 -21.83
C ASP B 14 19.51 -40.68 -22.12
N TYR B 15 18.39 -40.14 -22.59
CA TYR B 15 17.29 -40.99 -23.02
C TYR B 15 17.64 -41.63 -24.35
N ILE B 16 16.98 -42.73 -24.69
CA ILE B 16 17.28 -43.48 -25.90
C ILE B 16 17.17 -42.60 -27.15
N TYR B 17 16.09 -41.84 -27.25
CA TYR B 17 15.86 -41.00 -28.42
C TYR B 17 16.92 -39.91 -28.52
N GLN B 18 17.43 -39.49 -27.38
CA GLN B 18 18.49 -38.48 -27.34
C GLN B 18 19.81 -39.06 -27.86
N GLN B 19 20.11 -40.28 -27.43
CA GLN B 19 21.33 -40.96 -27.88
C GLN B 19 21.31 -41.16 -29.39
N ILE B 20 20.12 -41.35 -29.94
CA ILE B 20 19.96 -41.64 -31.36
C ILE B 20 20.22 -40.41 -32.24
N TYR B 21 19.55 -39.30 -31.97
CA TYR B 21 19.69 -38.14 -32.84
C TYR B 21 21.04 -37.47 -32.67
N GLN B 22 21.68 -37.68 -31.51
CA GLN B 22 23.02 -37.15 -31.29
C GLN B 22 24.03 -37.86 -32.19
N LYS B 23 23.89 -39.19 -32.28
CA LYS B 23 24.73 -39.99 -33.15
C LYS B 23 24.48 -39.65 -34.61
N LEU B 24 23.22 -39.44 -34.96
CA LEU B 24 22.83 -39.11 -36.33
C LEU B 24 23.30 -37.71 -36.72
N LYS B 25 23.28 -36.78 -35.76
CA LYS B 25 23.81 -35.44 -35.98
C LYS B 25 25.28 -35.50 -36.33
N LYS B 26 26.02 -36.33 -35.60
CA LYS B 26 27.46 -36.45 -35.78
C LYS B 26 27.82 -37.02 -37.16
N GLU B 27 27.02 -37.97 -37.62
CA GLU B 27 27.30 -38.64 -38.89
C GLU B 27 26.90 -37.78 -40.09
N ILE B 28 25.93 -36.89 -39.89
CA ILE B 28 25.51 -35.99 -40.97
C ILE B 28 26.50 -34.84 -41.12
N LEU B 29 26.97 -34.31 -39.99
CA LEU B 29 27.94 -33.22 -39.99
C LEU B 29 29.31 -33.70 -40.50
N SER B 30 29.65 -34.96 -40.21
CA SER B 30 30.93 -35.52 -40.63
C SER B 30 30.87 -36.03 -42.06
N ARG B 31 29.76 -35.73 -42.74
CA ARG B 31 29.55 -36.09 -44.15
C ARG B 31 29.58 -37.60 -44.39
N ASN B 32 29.47 -38.38 -43.32
CA ASN B 32 29.40 -39.84 -43.44
C ASN B 32 28.06 -40.26 -44.04
N LEU B 33 27.03 -39.50 -43.72
CA LEU B 33 25.72 -39.66 -44.34
C LEU B 33 25.54 -38.57 -45.40
N LEU B 34 25.65 -38.96 -46.66
CA LEU B 34 25.61 -38.02 -47.78
C LEU B 34 24.28 -37.26 -47.84
N PRO B 35 24.29 -36.05 -48.42
CA PRO B 35 23.06 -35.27 -48.60
C PRO B 35 22.00 -36.02 -49.43
N HIS B 36 20.73 -35.78 -49.11
CA HIS B 36 19.61 -36.38 -49.83
C HIS B 36 19.58 -37.90 -49.77
N SER B 37 20.38 -38.47 -48.87
CA SER B 37 20.39 -39.92 -48.69
C SER B 37 19.15 -40.37 -47.91
N LYS B 38 18.62 -41.53 -48.26
CA LYS B 38 17.44 -42.04 -47.59
C LYS B 38 17.75 -42.47 -46.15
N VAL B 39 16.93 -42.00 -45.22
CA VAL B 39 17.05 -42.39 -43.83
C VAL B 39 16.07 -43.52 -43.55
N PRO B 40 16.54 -44.59 -42.87
CA PRO B 40 15.68 -45.72 -42.50
C PRO B 40 14.38 -45.27 -41.83
N SER B 41 13.28 -45.94 -42.16
CA SER B 41 11.98 -45.60 -41.61
C SER B 41 11.97 -45.75 -40.09
N LYS B 42 11.01 -45.13 -39.44
CA LYS B 42 10.90 -45.20 -37.98
C LYS B 42 10.76 -46.63 -37.51
N ARG B 43 9.99 -47.43 -38.24
CA ARG B 43 9.83 -48.85 -37.93
C ARG B 43 11.11 -49.61 -38.20
N GLU B 44 11.74 -49.33 -39.34
CA GLU B 44 12.96 -50.02 -39.75
C GLU B 44 14.09 -49.85 -38.75
N LEU B 45 14.33 -48.61 -38.34
CA LEU B 45 15.41 -48.32 -37.40
C LEU B 45 15.08 -48.85 -36.01
N ALA B 46 13.80 -48.87 -35.66
CA ALA B 46 13.37 -49.37 -34.36
C ALA B 46 13.65 -50.86 -34.24
N GLU B 47 13.31 -51.60 -35.28
CA GLU B 47 13.57 -53.05 -35.33
C GLU B 47 15.07 -53.32 -35.34
N ASN B 48 15.82 -52.45 -36.01
CA ASN B 48 17.26 -52.64 -36.17
C ASN B 48 18.04 -52.33 -34.89
N LEU B 49 17.49 -51.43 -34.07
CA LEU B 49 18.15 -51.02 -32.84
C LEU B 49 17.47 -51.61 -31.61
N LYS B 50 16.42 -52.39 -31.84
CA LYS B 50 15.65 -53.02 -30.76
C LYS B 50 15.13 -51.98 -29.76
N VAL B 51 14.68 -50.85 -30.28
CA VAL B 51 14.09 -49.81 -29.45
C VAL B 51 12.67 -49.52 -29.90
N SER B 52 11.93 -48.77 -29.09
CA SER B 52 10.56 -48.41 -29.42
C SER B 52 10.50 -47.47 -30.62
N VAL B 53 9.42 -47.57 -31.39
CA VAL B 53 9.23 -46.70 -32.55
C VAL B 53 9.07 -45.24 -32.10
N ASN B 54 8.47 -45.07 -30.92
CA ASN B 54 8.28 -43.76 -30.33
C ASN B 54 9.61 -43.07 -30.06
N SER B 55 10.63 -43.87 -29.72
CA SER B 55 11.96 -43.36 -29.48
C SER B 55 12.57 -42.80 -30.77
N VAL B 56 12.52 -43.61 -31.83
CA VAL B 56 13.05 -43.19 -33.12
C VAL B 56 12.28 -41.98 -33.65
N ASN B 57 10.96 -41.99 -33.44
CA ASN B 57 10.13 -40.87 -33.85
C ASN B 57 10.53 -39.56 -33.16
N SER B 58 10.78 -39.65 -31.85
CA SER B 58 11.22 -38.50 -31.08
C SER B 58 12.59 -38.02 -31.56
N ALA B 59 13.44 -38.97 -31.96
CA ALA B 59 14.77 -38.65 -32.45
C ALA B 59 14.71 -38.00 -33.82
N TYR B 60 13.81 -38.51 -34.66
CA TYR B 60 13.65 -37.96 -36.01
C TYR B 60 13.05 -36.56 -35.99
N GLN B 61 12.09 -36.35 -35.08
CA GLN B 61 11.45 -35.04 -34.95
C GLN B 61 12.45 -33.96 -34.55
N GLN B 62 13.40 -34.35 -33.70
CA GLN B 62 14.46 -33.44 -33.27
C GLN B 62 15.30 -33.00 -34.47
N LEU B 63 15.58 -33.95 -35.35
CA LEU B 63 16.39 -33.67 -36.54
C LEU B 63 15.59 -32.88 -37.57
N LEU B 64 14.28 -33.09 -37.60
CA LEU B 64 13.41 -32.38 -38.54
C LEU B 64 13.24 -30.91 -38.16
N ALA B 65 13.19 -30.65 -36.86
CA ALA B 65 13.01 -29.28 -36.37
C ALA B 65 14.29 -28.48 -36.47
N GLU B 66 15.43 -29.15 -36.32
CA GLU B 66 16.72 -28.49 -36.39
C GLU B 66 17.25 -28.44 -37.83
N GLY B 67 16.57 -29.14 -38.73
CA GLY B 67 16.89 -29.08 -40.14
C GLY B 67 17.99 -30.02 -40.59
N TYR B 68 18.24 -31.06 -39.81
CA TYR B 68 19.21 -32.09 -40.20
C TYR B 68 18.58 -33.04 -41.21
N LEU B 69 17.28 -33.24 -41.09
CA LEU B 69 16.54 -34.08 -42.03
C LEU B 69 15.37 -33.31 -42.62
N TYR B 70 14.91 -33.73 -43.78
CA TYR B 70 13.69 -33.19 -44.37
C TYR B 70 12.81 -34.34 -44.83
N ALA B 71 11.50 -34.10 -44.88
CA ALA B 71 10.55 -35.17 -45.17
C ALA B 71 9.78 -34.92 -46.47
N ILE B 72 9.32 -36.02 -47.07
CA ILE B 72 8.47 -35.95 -48.26
C ILE B 72 7.07 -36.45 -47.88
N GLU B 73 6.05 -35.83 -48.48
CA GLU B 73 4.66 -36.16 -48.16
C GLU B 73 4.36 -37.64 -48.40
N ARG B 74 5.00 -38.22 -49.41
CA ARG B 74 4.82 -39.63 -49.72
C ARG B 74 5.89 -40.50 -49.07
N LYS B 75 6.68 -39.88 -48.18
CA LYS B 75 7.71 -40.56 -47.39
C LYS B 75 8.87 -41.10 -48.25
N GLY B 76 10.06 -41.21 -47.67
CA GLY B 76 10.29 -40.95 -46.26
C GLY B 76 11.21 -39.77 -45.97
N PHE B 77 12.11 -39.97 -45.01
CA PHE B 77 13.01 -38.91 -44.56
C PHE B 77 14.36 -38.97 -45.26
N PHE B 78 14.94 -37.81 -45.51
CA PHE B 78 16.23 -37.73 -46.19
C PHE B 78 17.16 -36.74 -45.49
N VAL B 79 18.46 -36.96 -45.62
CA VAL B 79 19.46 -36.08 -45.04
C VAL B 79 19.48 -34.73 -45.75
N GLU B 80 19.38 -33.65 -44.99
CA GLU B 80 19.38 -32.31 -45.55
C GLU B 80 20.76 -31.92 -46.08
N GLU B 81 20.78 -31.25 -47.23
CA GLU B 81 22.03 -30.78 -47.81
C GLU B 81 22.59 -29.60 -47.02
N LEU B 82 23.67 -29.85 -46.29
CA LEU B 82 24.29 -28.82 -45.45
C LEU B 82 25.63 -28.37 -46.01
N ASP B 83 25.82 -27.06 -46.08
CA ASP B 83 27.09 -26.48 -46.49
C ASP B 83 28.17 -26.82 -45.46
N MET B 84 29.38 -27.11 -45.93
CA MET B 84 30.49 -27.37 -45.03
C MET B 84 30.95 -26.08 -44.38
N PHE B 85 31.57 -26.20 -43.21
CA PHE B 85 32.09 -25.03 -42.51
C PHE B 85 33.25 -24.43 -43.29
N SER B 86 33.52 -23.15 -43.05
CA SER B 86 34.55 -22.43 -43.80
C SER B 86 35.93 -23.05 -43.63
N ALA B 87 36.23 -23.52 -42.42
CA ALA B 87 37.52 -24.09 -42.08
C ALA B 87 38.66 -23.14 -42.45
N GLU B 88 38.45 -21.86 -42.19
CA GLU B 88 39.43 -20.84 -42.54
C GLU B 88 40.43 -20.61 -41.40
N GLU B 89 40.11 -19.69 -40.51
CA GLU B 89 41.02 -19.31 -39.44
C GLU B 89 40.40 -19.47 -38.07
N HIS B 90 40.98 -20.34 -37.25
CA HIS B 90 40.49 -20.59 -35.90
C HIS B 90 41.29 -19.80 -34.86
N PRO B 91 40.58 -19.05 -34.00
CA PRO B 91 41.16 -18.25 -32.92
C PRO B 91 41.58 -19.08 -31.71
N PRO B 92 42.49 -18.55 -30.86
CA PRO B 92 43.01 -19.28 -29.70
C PRO B 92 41.98 -19.48 -28.58
N PHE B 93 42.33 -20.31 -27.60
CA PHE B 93 41.43 -20.61 -26.49
C PHE B 93 41.91 -20.02 -25.17
N ALA B 94 41.14 -19.06 -24.65
CA ALA B 94 41.37 -18.50 -23.32
C ALA B 94 42.81 -18.05 -23.09
N LEU B 95 43.14 -16.84 -23.56
CA LEU B 95 44.48 -16.31 -23.41
C LEU B 95 44.81 -16.09 -21.93
N PRO B 96 46.04 -16.46 -21.52
CA PRO B 96 46.50 -16.39 -20.13
C PRO B 96 46.38 -15.00 -19.50
N ASP B 97 46.55 -13.96 -20.31
CA ASP B 97 46.48 -12.60 -19.80
C ASP B 97 45.04 -12.16 -19.50
N ASP B 98 44.08 -12.83 -20.13
CA ASP B 98 42.68 -12.53 -19.90
C ASP B 98 42.12 -13.37 -18.75
N LEU B 99 42.94 -14.28 -18.23
CA LEU B 99 42.54 -15.08 -17.08
C LEU B 99 42.85 -14.33 -15.78
N LYS B 100 42.56 -13.04 -15.77
CA LYS B 100 42.82 -12.19 -14.61
C LYS B 100 41.98 -12.60 -13.41
N GLU B 101 40.89 -13.34 -13.66
CA GLU B 101 39.99 -13.76 -12.59
C GLU B 101 40.66 -14.72 -11.63
N ILE B 102 41.62 -14.22 -10.86
CA ILE B 102 42.23 -15.00 -9.78
C ILE B 102 41.69 -14.49 -8.45
N HIS B 103 41.75 -15.33 -7.43
CA HIS B 103 41.24 -14.95 -6.12
C HIS B 103 42.16 -13.94 -5.45
N ILE B 104 41.72 -12.69 -5.41
CA ILE B 104 42.49 -11.63 -4.76
C ILE B 104 42.01 -11.43 -3.33
N ASP B 105 42.90 -11.68 -2.37
CA ASP B 105 42.56 -11.58 -0.96
C ASP B 105 42.66 -10.14 -0.48
N GLN B 106 41.54 -9.60 -0.03
CA GLN B 106 41.49 -8.24 0.51
C GLN B 106 41.81 -8.24 2.00
N SER B 107 42.43 -9.31 2.47
CA SER B 107 42.80 -9.44 3.87
C SER B 107 44.21 -10.01 4.00
N ASP B 108 45.01 -9.46 4.92
CA ASP B 108 44.56 -8.39 5.80
C ASP B 108 44.92 -7.01 5.25
N TRP B 109 43.99 -6.42 4.51
CA TRP B 109 44.20 -5.10 3.93
C TRP B 109 43.34 -4.04 4.64
N ILE B 110 43.97 -2.93 4.99
CA ILE B 110 43.25 -1.80 5.54
C ILE B 110 42.83 -0.87 4.40
N SER B 111 41.52 -0.63 4.29
CA SER B 111 40.99 0.12 3.16
C SER B 111 40.59 1.55 3.51
N PHE B 112 41.04 2.50 2.70
CA PHE B 112 40.56 3.88 2.80
C PHE B 112 39.73 4.21 1.56
N SER B 113 39.07 3.20 1.01
CA SER B 113 38.29 3.36 -0.21
C SER B 113 36.98 4.10 0.03
N HIS B 114 36.58 4.91 -0.95
CA HIS B 114 35.36 5.70 -0.84
C HIS B 114 34.17 4.99 -1.48
N MET B 115 34.46 4.00 -2.32
CA MET B 115 33.42 3.31 -3.08
C MET B 115 32.84 2.13 -2.32
N SER B 116 32.30 2.38 -1.13
CA SER B 116 31.76 1.30 -0.32
C SER B 116 30.85 1.75 0.80
N SER B 117 30.23 0.77 1.45
CA SER B 117 29.47 0.97 2.68
C SER B 117 29.62 -0.26 3.54
N ASP B 118 29.65 -0.07 4.87
CA ASP B 118 29.92 -1.17 5.78
C ASP B 118 28.84 -2.24 5.70
N THR B 119 29.25 -3.45 5.33
CA THR B 119 28.34 -4.58 5.20
C THR B 119 28.02 -5.19 6.56
N ASP B 120 28.93 -4.99 7.51
CA ASP B 120 28.79 -5.60 8.84
C ASP B 120 27.74 -4.91 9.71
N HIS B 121 27.42 -3.67 9.38
CA HIS B 121 26.46 -2.89 10.17
C HIS B 121 25.08 -2.83 9.54
N PHE B 122 24.88 -3.59 8.47
CA PHE B 122 23.58 -3.63 7.79
C PHE B 122 22.66 -4.66 8.44
N PRO B 123 21.42 -4.25 8.78
CA PRO B 123 20.44 -5.15 9.38
C PRO B 123 19.87 -6.14 8.37
N ILE B 124 20.70 -7.10 7.97
CA ILE B 124 20.33 -8.06 6.93
C ILE B 124 19.12 -8.90 7.34
N LYS B 125 19.01 -9.20 8.62
CA LYS B 125 17.87 -9.97 9.13
C LYS B 125 16.59 -9.17 8.99
N SER B 126 16.70 -7.86 9.20
CA SER B 126 15.55 -6.97 9.07
C SER B 126 15.17 -6.81 7.60
N TRP B 127 16.16 -6.85 6.72
CA TRP B 127 15.94 -6.73 5.29
C TRP B 127 15.18 -7.94 4.74
N PHE B 128 15.55 -9.13 5.23
CA PHE B 128 14.90 -10.36 4.79
C PHE B 128 13.47 -10.46 5.30
N ARG B 129 13.24 -9.94 6.51
CA ARG B 129 11.90 -9.95 7.07
C ARG B 129 10.96 -9.05 6.28
N CYS B 130 11.51 -7.96 5.75
CA CYS B 130 10.73 -7.04 4.92
C CYS B 130 10.47 -7.65 3.54
N GLU B 131 11.43 -8.43 3.05
CA GLU B 131 11.29 -9.08 1.76
C GLU B 131 10.19 -10.14 1.80
N GLN B 132 10.07 -10.81 2.94
CA GLN B 132 9.09 -11.87 3.12
C GLN B 132 7.66 -11.31 3.23
N LYS B 133 7.53 -10.15 3.86
CA LYS B 133 6.22 -9.52 3.98
C LYS B 133 5.76 -8.96 2.64
N ALA B 134 6.70 -8.39 1.89
CA ALA B 134 6.39 -7.86 0.57
C ALA B 134 6.11 -8.99 -0.41
N ALA B 135 6.69 -10.15 -0.14
CA ALA B 135 6.47 -11.33 -0.97
C ALA B 135 5.05 -11.84 -0.80
N SER B 136 4.64 -12.07 0.45
CA SER B 136 3.33 -12.62 0.75
C SER B 136 2.20 -11.63 0.43
N ARG B 137 2.54 -10.35 0.32
CA ARG B 137 1.56 -9.33 -0.01
C ARG B 137 1.28 -9.28 -1.51
N SER B 138 2.31 -9.49 -2.32
CA SER B 138 2.18 -9.34 -3.76
C SER B 138 2.61 -10.57 -4.55
N TYR B 139 2.55 -11.74 -3.92
CA TYR B 139 2.94 -12.98 -4.60
C TYR B 139 2.03 -13.32 -5.76
N ARG B 140 0.76 -13.01 -5.61
CA ARG B 140 -0.24 -13.31 -6.63
C ARG B 140 -0.32 -12.21 -7.69
N THR B 141 0.38 -11.10 -7.43
CA THR B 141 0.33 -9.95 -8.33
C THR B 141 1.72 -9.46 -8.74
N LEU B 142 2.72 -10.34 -8.65
CA LEU B 142 4.07 -9.99 -9.04
C LEU B 142 4.18 -9.77 -10.55
N GLY B 143 3.35 -10.49 -11.31
CA GLY B 143 3.40 -10.41 -12.76
C GLY B 143 2.77 -9.16 -13.32
N ASP B 144 1.94 -8.49 -12.51
CA ASP B 144 1.24 -7.29 -12.95
C ASP B 144 1.97 -6.03 -12.52
N MET B 145 2.98 -6.18 -11.65
CA MET B 145 3.75 -5.05 -11.18
C MET B 145 5.12 -4.99 -11.86
N SER B 146 5.12 -4.68 -13.14
CA SER B 146 6.36 -4.56 -13.92
C SER B 146 6.41 -3.23 -14.65
N HIS B 147 6.02 -2.15 -13.96
CA HIS B 147 5.98 -0.82 -14.55
C HIS B 147 7.39 -0.33 -14.90
N PRO B 148 7.56 0.24 -16.10
CA PRO B 148 8.84 0.74 -16.61
C PRO B 148 9.53 1.73 -15.66
N GLN B 149 8.77 2.68 -15.13
CA GLN B 149 9.34 3.68 -14.21
C GLN B 149 9.59 3.08 -12.84
N GLY B 150 9.10 1.87 -12.62
CA GLY B 150 9.15 1.25 -11.32
C GLY B 150 7.74 1.15 -10.77
N ILE B 151 7.53 0.26 -9.80
CA ILE B 151 6.21 0.06 -9.21
C ILE B 151 5.73 1.35 -8.55
N TYR B 152 4.48 1.72 -8.83
CA TYR B 152 3.91 2.98 -8.38
C TYR B 152 3.97 3.18 -6.87
N GLU B 153 3.63 2.14 -6.13
CA GLU B 153 3.65 2.21 -4.67
C GLU B 153 5.06 2.43 -4.14
N VAL B 154 6.05 1.91 -4.87
CA VAL B 154 7.44 2.08 -4.50
C VAL B 154 7.91 3.51 -4.79
N ARG B 155 7.55 4.03 -5.96
CA ARG B 155 7.90 5.39 -6.33
C ARG B 155 7.25 6.40 -5.39
N ALA B 156 6.05 6.09 -4.93
CA ALA B 156 5.32 6.96 -4.00
C ALA B 156 6.01 6.99 -2.64
N ALA B 157 6.51 5.83 -2.21
CA ALA B 157 7.16 5.71 -0.91
C ALA B 157 8.49 6.48 -0.89
N ILE B 158 9.22 6.41 -2.00
CA ILE B 158 10.47 7.15 -2.13
C ILE B 158 10.19 8.65 -2.25
N THR B 159 9.11 8.98 -2.95
CA THR B 159 8.68 10.37 -3.10
C THR B 159 8.39 11.00 -1.74
N ARG B 160 7.60 10.30 -0.92
CA ARG B 160 7.27 10.77 0.41
C ARG B 160 8.51 10.87 1.30
N LEU B 161 9.47 9.98 1.08
CA LEU B 161 10.70 9.98 1.86
C LEU B 161 11.55 11.21 1.58
N ILE B 162 11.89 11.42 0.31
CA ILE B 162 12.75 12.54 -0.09
C ILE B 162 12.03 13.87 0.07
N SER B 163 10.70 13.82 0.20
CA SER B 163 9.93 15.01 0.46
C SER B 163 10.18 15.52 1.88
N LEU B 164 10.57 14.60 2.76
CA LEU B 164 10.77 14.93 4.17
C LEU B 164 12.25 15.08 4.52
N THR B 165 13.09 14.28 3.87
CA THR B 165 14.51 14.27 4.19
C THR B 165 15.33 15.19 3.30
N ARG B 166 14.82 15.47 2.10
CA ARG B 166 15.54 16.31 1.15
C ARG B 166 14.76 17.56 0.78
N GLY B 167 13.47 17.56 1.10
CA GLY B 167 12.62 18.69 0.77
C GLY B 167 12.21 18.69 -0.69
N VAL B 168 12.55 17.62 -1.40
CA VAL B 168 12.21 17.48 -2.81
C VAL B 168 10.70 17.37 -2.99
N LYS B 169 10.13 18.30 -3.76
CA LYS B 169 8.70 18.28 -4.03
C LYS B 169 8.44 17.76 -5.44
N CYS B 170 7.80 16.59 -5.51
CA CYS B 170 7.54 15.96 -6.81
C CYS B 170 6.39 14.98 -6.77
N ARG B 171 6.01 14.50 -7.94
CA ARG B 171 4.97 13.49 -8.08
C ARG B 171 5.59 12.13 -8.36
N PRO B 172 4.93 11.04 -7.93
CA PRO B 172 5.40 9.68 -8.25
C PRO B 172 5.53 9.45 -9.75
N GLU B 173 4.73 10.16 -10.53
CA GLU B 173 4.77 10.08 -11.99
C GLU B 173 6.13 10.45 -12.54
N GLN B 174 6.83 11.34 -11.84
CA GLN B 174 8.09 11.90 -12.34
C GLN B 174 9.29 11.03 -11.97
N MET B 175 9.13 10.16 -10.97
CA MET B 175 10.25 9.35 -10.49
C MET B 175 10.56 8.18 -11.44
N ILE B 176 11.85 7.92 -11.63
CA ILE B 176 12.27 6.78 -12.45
C ILE B 176 13.33 5.93 -11.75
N ILE B 177 12.96 4.71 -11.42
CA ILE B 177 13.86 3.70 -10.88
C ILE B 177 14.33 2.85 -12.07
N GLY B 178 15.59 2.44 -12.11
CA GLY B 178 16.60 2.75 -11.12
C GLY B 178 17.83 1.90 -11.34
N ALA B 179 18.22 1.12 -10.32
CA ALA B 179 19.35 0.19 -10.41
C ALA B 179 20.65 0.86 -10.84
N GLY B 180 21.07 1.87 -10.07
CA GLY B 180 22.31 2.57 -10.37
C GLY B 180 22.07 3.88 -11.11
N THR B 181 22.84 4.89 -10.75
CA THR B 181 22.74 6.20 -11.40
C THR B 181 23.29 6.13 -12.82
N GLN B 182 24.14 5.14 -13.07
CA GLN B 182 24.73 4.92 -14.38
C GLN B 182 23.67 4.61 -15.43
N VAL B 183 22.70 3.78 -15.05
CA VAL B 183 21.61 3.40 -15.93
C VAL B 183 20.69 4.59 -16.17
N LEU B 184 20.41 5.33 -15.10
CA LEU B 184 19.53 6.50 -15.16
C LEU B 184 20.16 7.61 -16.01
N MET B 185 21.46 7.78 -15.88
CA MET B 185 22.18 8.78 -16.67
C MET B 185 22.07 8.48 -18.16
N GLN B 186 22.20 7.20 -18.52
CA GLN B 186 22.09 6.76 -19.90
C GLN B 186 20.74 7.15 -20.49
N LEU B 187 19.67 6.91 -19.73
CA LEU B 187 18.33 7.26 -20.17
C LEU B 187 18.17 8.77 -20.24
N LEU B 188 18.82 9.48 -19.31
CA LEU B 188 18.71 10.94 -19.24
C LEU B 188 19.29 11.60 -20.48
N THR B 189 20.43 11.09 -20.94
CA THR B 189 21.08 11.63 -22.14
C THR B 189 20.19 11.45 -23.36
N GLU B 190 19.35 10.43 -23.34
CA GLU B 190 18.43 10.15 -24.44
C GLU B 190 17.19 11.03 -24.37
N LEU B 191 16.84 11.46 -23.15
CA LEU B 191 15.69 12.34 -22.95
C LEU B 191 16.05 13.78 -23.24
N LEU B 192 17.25 14.18 -22.83
CA LEU B 192 17.77 15.51 -23.09
C LEU B 192 18.00 15.72 -24.59
N PRO B 193 18.10 16.98 -25.03
CA PRO B 193 18.43 17.26 -26.43
C PRO B 193 19.69 16.52 -26.88
N LYS B 194 19.67 15.99 -28.11
CA LYS B 194 20.78 15.18 -28.62
C LYS B 194 22.05 16.01 -28.75
N GLU B 195 21.88 17.32 -28.94
CA GLU B 195 23.02 18.22 -29.10
C GLU B 195 23.24 19.07 -27.85
N ALA B 196 22.82 18.56 -26.70
CA ALA B 196 22.99 19.29 -25.45
C ALA B 196 24.43 19.24 -24.97
N VAL B 197 24.98 20.40 -24.62
CA VAL B 197 26.34 20.47 -24.11
C VAL B 197 26.36 20.32 -22.60
N TYR B 198 27.00 19.25 -22.12
CA TYR B 198 27.04 18.96 -20.69
C TYR B 198 28.22 19.64 -20.01
N ALA B 199 28.11 19.80 -18.69
CA ALA B 199 29.17 20.41 -17.90
C ALA B 199 29.25 19.78 -16.52
N MET B 200 30.42 19.24 -16.19
CA MET B 200 30.64 18.64 -14.88
C MET B 200 31.59 19.49 -14.06
N GLU B 201 31.81 19.08 -12.82
CA GLU B 201 32.73 19.78 -11.93
C GLU B 201 34.16 19.30 -12.14
N GLU B 202 35.12 20.18 -11.88
CA GLU B 202 36.53 19.85 -12.07
C GLU B 202 37.34 20.17 -10.81
N PRO B 203 37.74 19.14 -10.05
CA PRO B 203 37.53 17.71 -10.33
C PRO B 203 36.11 17.24 -10.05
N GLY B 204 35.75 16.06 -10.53
CA GLY B 204 34.41 15.53 -10.34
C GLY B 204 34.33 14.02 -10.41
N TYR B 205 33.10 13.51 -10.51
CA TYR B 205 32.84 12.08 -10.60
C TYR B 205 33.26 11.54 -11.96
N ARG B 206 34.44 10.91 -12.00
CA ARG B 206 35.05 10.47 -13.25
C ARG B 206 34.17 9.49 -14.05
N ARG B 207 33.37 8.70 -13.35
CA ARG B 207 32.53 7.70 -14.01
C ARG B 207 31.48 8.35 -14.90
N MET B 208 30.87 9.42 -14.41
CA MET B 208 29.86 10.14 -15.19
C MET B 208 30.50 10.88 -16.37
N TYR B 209 31.79 11.15 -16.25
CA TYR B 209 32.52 11.79 -17.35
C TYR B 209 32.70 10.82 -18.50
N GLN B 210 33.20 9.63 -18.20
CA GLN B 210 33.39 8.59 -19.20
C GLN B 210 32.06 8.18 -19.84
N LEU B 211 31.00 8.19 -19.03
CA LEU B 211 29.67 7.83 -19.49
C LEU B 211 29.19 8.79 -20.58
N LEU B 212 29.32 10.08 -20.30
CA LEU B 212 28.90 11.12 -21.23
C LEU B 212 29.76 11.14 -22.49
N LYS B 213 31.06 10.93 -22.32
CA LYS B 213 31.99 10.95 -23.44
C LYS B 213 31.72 9.79 -24.39
N ASN B 214 31.42 8.63 -23.84
CA ASN B 214 31.11 7.45 -24.65
C ASN B 214 29.76 7.56 -25.33
N ALA B 215 28.96 8.52 -24.89
CA ALA B 215 27.65 8.78 -25.50
C ALA B 215 27.79 9.77 -26.66
N GLY B 216 29.02 10.17 -26.94
CA GLY B 216 29.29 11.10 -28.02
C GLY B 216 28.86 12.52 -27.71
N LYS B 217 28.73 12.82 -26.43
CA LYS B 217 28.33 14.15 -26.00
C LYS B 217 29.54 15.03 -25.68
N GLN B 218 29.38 16.34 -25.87
CA GLN B 218 30.45 17.28 -25.56
C GLN B 218 30.39 17.68 -24.09
N VAL B 219 31.51 17.51 -23.40
CA VAL B 219 31.57 17.77 -21.96
C VAL B 219 32.62 18.82 -21.62
N LYS B 220 32.19 19.92 -21.02
CA LYS B 220 33.10 20.96 -20.56
C LYS B 220 33.31 20.88 -19.06
N THR B 221 34.51 21.22 -18.59
CA THR B 221 34.82 21.14 -17.18
C THR B 221 34.77 22.51 -16.50
N ILE B 222 34.05 22.58 -15.39
CA ILE B 222 33.95 23.82 -14.62
C ILE B 222 34.68 23.65 -13.28
N MET B 223 35.77 24.39 -13.11
CA MET B 223 36.56 24.30 -11.88
C MET B 223 35.81 24.94 -10.71
N LEU B 224 36.12 24.50 -9.50
CA LEU B 224 35.40 24.97 -8.32
C LEU B 224 36.11 26.13 -7.62
N ASP B 225 35.33 26.97 -6.95
CA ASP B 225 35.89 27.95 -6.02
C ASP B 225 35.48 27.57 -4.60
N GLU B 226 35.48 28.54 -3.69
CA GLU B 226 35.11 28.26 -2.30
C GLU B 226 33.62 27.97 -2.16
N LYS B 227 32.83 28.38 -3.14
CA LYS B 227 31.39 28.18 -3.10
C LYS B 227 30.95 27.03 -4.01
N GLY B 228 31.91 26.24 -4.47
CA GLY B 228 31.60 25.10 -5.32
C GLY B 228 31.72 25.40 -6.80
N MET B 229 30.77 24.90 -7.58
CA MET B 229 30.79 25.07 -9.03
C MET B 229 30.74 26.55 -9.42
N SER B 230 31.72 26.97 -10.22
CA SER B 230 31.88 28.38 -10.56
C SER B 230 30.81 28.89 -11.52
N ILE B 231 29.98 29.81 -11.04
CA ILE B 231 28.95 30.44 -11.86
C ILE B 231 29.59 31.32 -12.94
N ALA B 232 30.83 31.72 -12.69
CA ALA B 232 31.58 32.54 -13.64
C ALA B 232 31.90 31.73 -14.91
N GLU B 233 32.49 30.57 -14.73
CA GLU B 233 32.88 29.72 -15.86
C GLU B 233 31.65 29.15 -16.57
N ILE B 234 30.56 28.99 -15.84
CA ILE B 234 29.31 28.50 -16.41
C ILE B 234 28.79 29.48 -17.46
N THR B 235 28.89 30.77 -17.17
CA THR B 235 28.45 31.80 -18.10
C THR B 235 29.40 31.92 -19.29
N ARG B 236 30.68 31.63 -19.07
CA ARG B 236 31.69 31.77 -20.12
C ARG B 236 31.67 30.59 -21.08
N GLN B 237 31.55 29.37 -20.54
CA GLN B 237 31.58 28.17 -21.37
C GLN B 237 30.18 27.77 -21.82
N GLN B 238 29.19 28.51 -21.33
CA GLN B 238 27.77 28.37 -21.69
C GLN B 238 27.31 26.97 -22.10
N PRO B 239 27.19 26.06 -21.12
CA PRO B 239 26.67 24.72 -21.40
C PRO B 239 25.15 24.69 -21.44
N ASP B 240 24.57 23.51 -21.63
CA ASP B 240 23.12 23.35 -21.64
C ASP B 240 22.65 22.57 -20.42
N VAL B 241 23.49 21.65 -19.96
CA VAL B 241 23.16 20.82 -18.80
C VAL B 241 24.31 20.81 -17.79
N LEU B 242 23.97 21.05 -16.52
CA LEU B 242 24.97 21.02 -15.46
C LEU B 242 24.88 19.74 -14.64
N VAL B 243 26.02 19.10 -14.42
CA VAL B 243 26.09 17.95 -13.54
C VAL B 243 26.81 18.35 -12.26
N THR B 244 26.07 18.46 -11.17
CA THR B 244 26.59 19.03 -9.93
C THR B 244 26.29 18.17 -8.70
N THR B 245 27.12 18.35 -7.67
CA THR B 245 26.93 17.69 -6.39
C THR B 245 26.93 18.72 -5.28
N PRO B 246 25.84 19.51 -5.15
CA PRO B 246 25.79 20.68 -4.28
C PRO B 246 25.71 20.35 -2.79
N SER B 247 25.16 19.19 -2.45
CA SER B 247 25.05 18.78 -1.06
C SER B 247 26.42 18.49 -0.44
N HIS B 248 27.23 17.74 -1.19
CA HIS B 248 28.57 17.39 -0.78
C HIS B 248 29.42 17.09 -2.01
N GLN B 249 30.18 18.08 -2.46
CA GLN B 249 30.90 17.99 -3.72
C GLN B 249 31.86 16.80 -3.78
N PHE B 250 31.79 16.05 -4.86
CA PHE B 250 32.70 14.93 -5.08
C PHE B 250 33.75 15.33 -6.11
N PRO B 251 35.04 15.22 -5.74
CA PRO B 251 35.48 14.73 -4.43
C PRO B 251 36.01 15.81 -3.48
N SER B 252 35.91 17.09 -3.86
CA SER B 252 36.48 18.16 -3.05
C SER B 252 35.87 18.25 -1.66
N GLY B 253 34.59 17.89 -1.55
CA GLY B 253 33.95 17.79 -0.25
C GLY B 253 33.34 19.09 0.25
N THR B 254 33.38 20.13 -0.56
CA THR B 254 32.80 21.42 -0.18
C THR B 254 31.29 21.40 -0.35
N ILE B 255 30.60 22.17 0.47
CA ILE B 255 29.15 22.31 0.35
C ILE B 255 28.79 23.59 -0.39
N MET B 256 28.00 23.46 -1.45
CA MET B 256 27.55 24.61 -2.21
C MET B 256 26.60 25.44 -1.36
N PRO B 257 27.00 26.68 -1.02
CA PRO B 257 26.15 27.56 -0.21
C PRO B 257 24.91 28.00 -1.00
N VAL B 258 23.87 28.45 -0.29
CA VAL B 258 22.63 28.84 -0.94
C VAL B 258 22.86 30.00 -1.91
N SER B 259 23.92 30.77 -1.67
CA SER B 259 24.32 31.85 -2.57
C SER B 259 24.57 31.34 -3.99
N ARG B 260 25.43 30.34 -4.10
CA ARG B 260 25.78 29.77 -5.40
C ARG B 260 24.62 28.97 -5.99
N ARG B 261 23.82 28.35 -5.12
CA ARG B 261 22.69 27.54 -5.56
C ARG B 261 21.65 28.39 -6.31
N ILE B 262 21.38 29.57 -5.78
CA ILE B 262 20.42 30.49 -6.38
C ILE B 262 20.93 31.00 -7.73
N GLN B 263 22.24 31.25 -7.79
CA GLN B 263 22.86 31.72 -9.04
C GLN B 263 22.70 30.69 -10.15
N LEU B 264 22.90 29.42 -9.80
CA LEU B 264 22.77 28.33 -10.75
C LEU B 264 21.32 28.16 -11.20
N LEU B 265 20.39 28.29 -10.25
CA LEU B 265 18.97 28.14 -10.54
C LEU B 265 18.48 29.24 -11.47
N ASN B 266 18.89 30.47 -11.18
CA ASN B 266 18.56 31.60 -12.03
C ASN B 266 19.15 31.44 -13.42
N TRP B 267 20.36 30.89 -13.49
CA TRP B 267 21.05 30.64 -14.76
C TRP B 267 20.25 29.71 -15.65
N ALA B 268 19.65 28.68 -15.04
CA ALA B 268 18.88 27.70 -15.78
C ALA B 268 17.58 28.30 -16.32
N ALA B 269 17.11 29.37 -15.67
CA ALA B 269 15.87 30.02 -16.06
C ALA B 269 16.11 31.14 -17.06
N GLU B 270 17.38 31.53 -17.20
CA GLU B 270 17.77 32.56 -18.15
C GLU B 270 17.36 32.16 -19.58
N GLU B 271 17.62 30.91 -19.92
CA GLU B 271 17.32 30.41 -21.26
C GLU B 271 16.46 29.16 -21.21
N PRO B 272 15.60 28.96 -22.22
CA PRO B 272 14.83 27.72 -22.30
C PRO B 272 15.72 26.53 -22.60
N ARG B 273 15.26 25.33 -22.27
CA ARG B 273 16.01 24.09 -22.47
C ARG B 273 17.38 24.12 -21.80
N ARG B 274 17.43 24.66 -20.58
CA ARG B 274 18.62 24.56 -19.74
C ARG B 274 18.30 23.70 -18.52
N TYR B 275 19.14 22.70 -18.27
CA TYR B 275 18.86 21.75 -17.19
C TYR B 275 20.01 21.61 -16.20
N ILE B 276 19.69 21.16 -15.00
CA ILE B 276 20.70 20.92 -13.97
C ILE B 276 20.49 19.54 -13.35
N ILE B 277 21.53 18.70 -13.42
CA ILE B 277 21.47 17.39 -12.82
C ILE B 277 22.08 17.41 -11.42
N GLU B 278 21.24 17.21 -10.42
CA GLU B 278 21.70 17.17 -9.03
C GLU B 278 21.98 15.74 -8.61
N ASP B 279 23.26 15.44 -8.41
CA ASP B 279 23.68 14.10 -8.02
C ASP B 279 23.83 13.99 -6.50
N ASP B 280 22.75 13.61 -5.84
CA ASP B 280 22.76 13.43 -4.39
C ASP B 280 23.11 12.00 -4.04
N TYR B 281 24.18 11.82 -3.24
CA TYR B 281 24.69 10.48 -2.97
C TYR B 281 25.06 10.24 -1.52
N ASP B 282 25.09 11.30 -0.71
CA ASP B 282 25.48 11.17 0.69
C ASP B 282 24.99 12.30 1.57
N SER B 283 23.90 12.95 1.17
CA SER B 283 23.39 14.12 1.89
C SER B 283 22.74 13.73 3.21
N GLU B 284 22.41 12.45 3.37
CA GLU B 284 21.77 11.98 4.60
C GLU B 284 22.78 11.71 5.70
N PHE B 285 24.03 12.11 5.48
CA PHE B 285 25.08 11.91 6.48
C PHE B 285 25.83 13.21 6.80
N THR B 286 25.14 14.12 7.48
CA THR B 286 25.78 15.35 7.97
C THR B 286 25.92 15.24 9.49
N TYR B 287 27.09 15.61 10.00
CA TYR B 287 27.42 15.36 11.40
C TYR B 287 27.44 16.63 12.25
N ASP B 288 27.54 17.78 11.59
CA ASP B 288 27.49 19.05 12.30
C ASP B 288 26.08 19.60 12.33
N VAL B 289 25.38 19.48 11.20
CA VAL B 289 24.04 20.02 11.06
C VAL B 289 23.07 18.96 10.53
N ASP B 290 21.83 19.37 10.29
CA ASP B 290 20.85 18.47 9.69
C ASP B 290 21.12 18.32 8.20
N SER B 291 20.39 17.41 7.56
CA SER B 291 20.54 17.19 6.12
C SER B 291 20.13 18.45 5.35
N ILE B 292 21.08 19.00 4.59
CA ILE B 292 20.82 20.22 3.83
C ILE B 292 19.88 19.93 2.66
N PRO B 293 18.73 20.64 2.62
CA PRO B 293 17.71 20.47 1.59
C PRO B 293 18.29 20.52 0.17
N ALA B 294 17.78 19.66 -0.71
CA ALA B 294 18.31 19.53 -2.06
C ALA B 294 18.19 20.81 -2.87
N LEU B 295 19.00 20.90 -3.92
CA LEU B 295 18.97 22.05 -4.82
C LEU B 295 17.63 22.14 -5.54
N GLN B 296 17.02 20.99 -5.79
CA GLN B 296 15.75 20.91 -6.51
C GLN B 296 14.62 21.53 -5.70
N SER B 297 14.79 21.56 -4.38
CA SER B 297 13.77 22.07 -3.47
C SER B 297 13.59 23.59 -3.58
N LEU B 298 14.59 24.26 -4.13
CA LEU B 298 14.54 25.71 -4.30
C LEU B 298 14.21 26.08 -5.74
N ASP B 299 14.26 25.10 -6.63
CA ASP B 299 13.97 25.33 -8.05
C ASP B 299 12.49 25.60 -8.28
N ARG B 300 12.19 26.74 -8.90
CA ARG B 300 10.81 27.13 -9.14
C ARG B 300 10.46 27.10 -10.63
N PHE B 301 11.40 26.65 -11.44
CA PHE B 301 11.24 26.71 -12.89
C PHE B 301 11.37 25.35 -13.56
N GLN B 302 11.37 24.28 -12.75
CA GLN B 302 11.39 22.91 -13.24
C GLN B 302 12.55 22.66 -14.21
N ASN B 303 13.76 23.02 -13.79
CA ASN B 303 14.93 22.83 -14.63
C ASN B 303 15.95 21.87 -14.00
N VAL B 304 15.62 21.37 -12.81
CA VAL B 304 16.53 20.50 -12.09
C VAL B 304 16.09 19.05 -12.09
N ILE B 305 17.00 18.17 -12.52
CA ILE B 305 16.77 16.73 -12.42
C ILE B 305 17.45 16.20 -11.16
N TYR B 306 16.65 15.79 -10.19
CA TYR B 306 17.19 15.23 -8.95
C TYR B 306 17.47 13.73 -9.09
N MET B 307 18.68 13.32 -8.74
CA MET B 307 19.08 11.93 -8.86
C MET B 307 19.58 11.39 -7.53
N GLY B 308 18.85 10.42 -6.99
CA GLY B 308 19.21 9.82 -5.72
C GLY B 308 19.66 8.37 -5.86
N THR B 309 20.16 7.81 -4.76
CA THR B 309 20.64 6.44 -4.74
C THR B 309 20.65 5.86 -3.33
N PHE B 310 20.57 4.53 -3.24
CA PHE B 310 20.61 3.84 -1.96
C PHE B 310 21.90 3.06 -1.81
N SER B 311 22.77 3.16 -2.80
CA SER B 311 24.02 2.40 -2.83
C SER B 311 24.95 2.79 -1.68
N1 LLP B 312 27.22 9.47 -7.49
C2 LLP B 312 28.40 9.51 -6.89
C2' LLP B 312 29.28 10.83 -7.01
C3 LLP B 312 28.89 8.42 -6.15
O3 LLP B 312 30.15 8.51 -5.52
C4 LLP B 312 28.12 7.27 -6.03
C4' LLP B 312 28.61 6.03 -5.21
C5 LLP B 312 26.85 7.27 -6.70
C6 LLP B 312 26.46 8.39 -7.40
C5' LLP B 312 25.94 6.06 -6.63
OP4 LLP B 312 25.75 5.59 -7.95
P LLP B 312 25.26 4.10 -8.14
OP1 LLP B 312 23.88 3.94 -7.49
OP2 LLP B 312 25.16 3.80 -9.58
OP3 LLP B 312 26.23 3.15 -7.50
N LLP B 312 24.80 4.02 -1.20
CA LLP B 312 25.60 4.51 -0.12
CB LLP B 312 25.96 5.97 -0.38
CG LLP B 312 26.81 6.16 -1.72
CD LLP B 312 28.19 5.40 -1.68
CE LLP B 312 28.69 5.12 -3.02
NZ LLP B 312 28.71 6.35 -3.81
C LLP B 312 24.81 4.43 1.16
O LLP B 312 25.38 4.30 2.25
N SER B 313 23.49 4.52 1.03
CA SER B 313 22.61 4.49 2.19
C SER B 313 22.51 3.08 2.77
N LEU B 314 22.28 2.10 1.91
CA LEU B 314 22.12 0.72 2.33
C LEU B 314 23.38 -0.10 2.04
N LEU B 315 23.24 -1.09 1.16
CA LEU B 315 24.35 -1.92 0.74
C LEU B 315 24.80 -1.51 -0.66
N PRO B 316 26.12 -1.39 -0.87
CA PRO B 316 26.65 -1.06 -2.20
C PRO B 316 26.40 -2.18 -3.21
N GLY B 317 26.16 -3.38 -2.72
CA GLY B 317 25.87 -4.52 -3.58
C GLY B 317 24.42 -4.55 -4.04
N LEU B 318 23.60 -3.71 -3.43
CA LEU B 318 22.18 -3.63 -3.77
C LEU B 318 21.97 -2.79 -5.03
N ARG B 319 22.47 -1.55 -4.98
CA ARG B 319 22.39 -0.62 -6.09
C ARG B 319 20.96 -0.36 -6.56
N ILE B 320 20.26 0.50 -5.85
CA ILE B 320 18.96 1.00 -6.26
C ILE B 320 19.01 2.52 -6.31
N SER B 321 18.75 3.10 -7.48
CA SER B 321 18.75 4.54 -7.64
C SER B 321 17.39 5.05 -8.07
N TYR B 322 17.22 6.36 -8.09
CA TYR B 322 15.98 6.97 -8.55
C TYR B 322 16.22 8.34 -9.17
N MET B 323 15.32 8.75 -10.05
CA MET B 323 15.50 9.97 -10.81
C MET B 323 14.19 10.72 -10.96
N VAL B 324 14.16 11.97 -10.49
CA VAL B 324 12.97 12.80 -10.58
C VAL B 324 13.04 13.72 -11.78
N LEU B 325 12.12 13.55 -12.72
CA LEU B 325 12.13 14.32 -13.96
C LEU B 325 11.19 15.51 -13.91
N PRO B 326 11.65 16.66 -14.43
CA PRO B 326 10.75 17.78 -14.71
C PRO B 326 9.76 17.39 -15.81
N PRO B 327 8.55 17.99 -15.80
CA PRO B 327 7.43 17.65 -16.69
C PRO B 327 7.81 17.48 -18.16
N GLU B 328 8.68 18.35 -18.68
CA GLU B 328 9.08 18.29 -20.08
C GLU B 328 9.80 16.99 -20.41
N LEU B 329 10.64 16.53 -19.49
CA LEU B 329 11.43 15.32 -19.70
C LEU B 329 10.58 14.06 -19.53
N LEU B 330 9.59 14.13 -18.64
CA LEU B 330 8.69 13.00 -18.42
C LEU B 330 7.85 12.77 -19.67
N ARG B 331 7.50 13.86 -20.35
CA ARG B 331 6.75 13.78 -21.60
C ARG B 331 7.57 13.07 -22.67
N ALA B 332 8.85 13.42 -22.77
CA ALA B 332 9.76 12.79 -23.71
C ALA B 332 9.90 11.30 -23.42
N TYR B 333 9.85 10.97 -22.13
CA TYR B 333 9.92 9.59 -21.67
C TYR B 333 8.67 8.82 -22.10
N LYS B 334 7.52 9.43 -21.94
CA LYS B 334 6.24 8.80 -22.28
C LYS B 334 6.05 8.70 -23.79
N GLN B 335 6.86 9.44 -24.54
CA GLN B 335 6.81 9.39 -26.00
C GLN B 335 7.66 8.25 -26.54
N ARG B 336 8.40 7.60 -25.66
CA ARG B 336 9.20 6.44 -26.03
C ARG B 336 8.37 5.17 -25.94
N GLY B 337 8.19 4.68 -24.72
CA GLY B 337 7.34 3.53 -24.47
C GLY B 337 7.95 2.19 -24.78
N TYR B 338 9.28 2.10 -24.75
CA TYR B 338 9.97 0.84 -24.99
C TYR B 338 11.02 0.56 -23.91
N ASP B 339 11.13 1.46 -22.94
CA ASP B 339 12.05 1.27 -21.82
C ASP B 339 11.53 0.19 -20.88
N LEU B 340 12.46 -0.48 -20.20
CA LEU B 340 12.09 -1.51 -19.23
C LEU B 340 12.77 -1.28 -17.89
N GLN B 341 12.12 -1.72 -16.82
CA GLN B 341 12.66 -1.54 -15.48
C GLN B 341 13.86 -2.46 -15.24
N THR B 342 14.88 -1.91 -14.58
CA THR B 342 16.12 -2.63 -14.34
C THR B 342 16.20 -3.17 -12.92
N CYS B 343 15.37 -2.64 -12.03
CA CYS B 343 15.31 -3.12 -10.66
C CYS B 343 14.35 -4.29 -10.53
N SER B 344 14.71 -5.25 -9.68
CA SER B 344 13.84 -6.39 -9.43
C SER B 344 12.56 -5.96 -8.74
N SER B 345 11.44 -6.55 -9.15
CA SER B 345 10.15 -6.23 -8.55
C SER B 345 10.15 -6.55 -7.06
N LEU B 346 10.74 -7.68 -6.70
CA LEU B 346 10.81 -8.09 -5.31
C LEU B 346 11.77 -7.20 -4.53
N THR B 347 12.78 -6.68 -5.22
CA THR B 347 13.74 -5.79 -4.59
C THR B 347 13.12 -4.42 -4.29
N GLN B 348 12.33 -3.93 -5.24
CA GLN B 348 11.60 -2.68 -5.07
C GLN B 348 10.63 -2.76 -3.90
N LEU B 349 9.79 -3.79 -3.91
CA LEU B 349 8.79 -3.98 -2.87
C LEU B 349 9.42 -4.20 -1.50
N THR B 350 10.63 -4.74 -1.48
CA THR B 350 11.35 -4.93 -0.23
C THR B 350 11.84 -3.59 0.31
N LEU B 351 12.35 -2.75 -0.59
CA LEU B 351 12.81 -1.42 -0.24
C LEU B 351 11.66 -0.58 0.31
N GLN B 352 10.50 -0.66 -0.35
CA GLN B 352 9.32 0.07 0.09
C GLN B 352 8.92 -0.33 1.50
N GLU B 353 8.99 -1.62 1.78
CA GLU B 353 8.67 -2.14 3.10
C GLU B 353 9.71 -1.71 4.12
N PHE B 354 10.95 -1.63 3.68
CA PHE B 354 12.06 -1.22 4.54
C PHE B 354 11.91 0.25 4.95
N ILE B 355 11.42 1.06 4.02
CA ILE B 355 11.22 2.48 4.26
C ILE B 355 10.00 2.75 5.13
N GLU B 356 8.88 2.13 4.78
CA GLU B 356 7.61 2.39 5.44
C GLU B 356 7.51 1.78 6.84
N SER B 357 8.37 0.82 7.14
CA SER B 357 8.36 0.19 8.46
C SER B 357 9.18 1.01 9.45
N GLY B 358 9.92 1.98 8.93
CA GLY B 358 10.75 2.84 9.76
C GLY B 358 12.15 2.28 9.93
N GLU B 359 12.39 1.11 9.37
CA GLU B 359 13.69 0.44 9.47
C GLU B 359 14.78 1.21 8.73
N TYR B 360 14.41 1.90 7.66
CA TYR B 360 15.37 2.67 6.88
C TYR B 360 15.86 3.88 7.67
N GLN B 361 14.92 4.62 8.25
CA GLN B 361 15.26 5.79 9.06
C GLN B 361 16.01 5.38 10.32
N LYS B 362 15.67 4.20 10.84
CA LYS B 362 16.36 3.65 12.00
C LYS B 362 17.80 3.29 11.64
N HIS B 363 17.98 2.76 10.43
CA HIS B 363 19.30 2.38 9.94
C HIS B 363 20.18 3.60 9.66
N ILE B 364 19.61 4.60 9.00
CA ILE B 364 20.33 5.82 8.67
C ILE B 364 20.80 6.53 9.93
N LYS B 365 19.92 6.60 10.92
CA LYS B 365 20.22 7.26 12.18
C LYS B 365 21.38 6.58 12.92
N LYS B 366 21.40 5.26 12.89
CA LYS B 366 22.45 4.49 13.55
C LYS B 366 23.78 4.62 12.81
N MET B 367 23.71 4.59 11.48
CA MET B 367 24.92 4.67 10.67
C MET B 367 25.52 6.07 10.69
N LYS B 368 24.67 7.09 10.79
CA LYS B 368 25.13 8.47 10.80
C LYS B 368 25.97 8.75 12.04
N GLN B 369 25.56 8.20 13.17
CA GLN B 369 26.31 8.35 14.41
C GLN B 369 27.58 7.52 14.37
N HIS B 370 27.51 6.36 13.73
CA HIS B 370 28.67 5.48 13.60
C HIS B 370 29.73 6.06 12.68
N TYR B 371 29.28 6.72 11.61
CA TYR B 371 30.19 7.35 10.67
C TYR B 371 30.76 8.63 11.27
N LYS B 372 29.97 9.29 12.11
CA LYS B 372 30.40 10.50 12.78
C LYS B 372 31.55 10.23 13.75
N GLU B 373 31.35 9.26 14.62
CA GLU B 373 32.36 8.90 15.62
C GLU B 373 33.64 8.37 14.96
N LYS B 374 33.47 7.72 13.82
CA LYS B 374 34.61 7.12 13.12
C LYS B 374 35.41 8.17 12.38
N ARG B 375 34.72 9.16 11.82
CA ARG B 375 35.38 10.22 11.07
C ARG B 375 36.29 11.05 11.97
N GLU B 376 35.79 11.40 13.15
CA GLU B 376 36.53 12.22 14.10
C GLU B 376 37.74 11.50 14.67
N ARG B 377 37.59 10.21 14.94
CA ARG B 377 38.70 9.39 15.40
C ARG B 377 39.78 9.31 14.33
N LEU B 378 39.34 9.25 13.08
CA LEU B 378 40.26 9.22 11.95
C LEU B 378 40.99 10.56 11.81
N ILE B 379 40.25 11.64 11.99
CA ILE B 379 40.84 12.98 11.96
C ILE B 379 41.85 13.14 13.09
N THR B 380 41.46 12.70 14.28
CA THR B 380 42.32 12.77 15.46
C THR B 380 43.60 11.97 15.25
N ALA B 381 43.47 10.82 14.60
CA ALA B 381 44.62 9.97 14.31
C ALA B 381 45.50 10.60 13.24
N LEU B 382 44.89 11.33 12.31
CA LEU B 382 45.64 12.01 11.26
C LEU B 382 46.45 13.18 11.82
N GLU B 383 46.01 13.72 12.95
CA GLU B 383 46.70 14.84 13.58
C GLU B 383 47.80 14.35 14.52
N ALA B 384 47.63 13.15 15.05
CA ALA B 384 48.66 12.52 15.88
C ALA B 384 49.93 12.34 15.05
N GLU B 385 49.82 11.57 13.97
CA GLU B 385 50.87 11.52 12.96
C GLU B 385 50.80 12.81 12.15
N PHE B 386 51.70 12.98 11.19
CA PHE B 386 51.68 14.13 10.28
C PHE B 386 51.80 15.50 10.96
N SER B 387 51.11 15.66 12.09
CA SER B 387 51.01 16.93 12.80
C SER B 387 50.36 17.99 11.92
N GLY B 388 51.14 18.99 11.52
CA GLY B 388 50.64 20.07 10.71
C GLY B 388 50.94 19.90 9.23
N GLU B 389 51.69 18.85 8.90
CA GLU B 389 52.07 18.59 7.51
C GLU B 389 50.93 17.97 6.72
N VAL B 390 49.80 17.72 7.38
CA VAL B 390 48.61 17.21 6.69
C VAL B 390 47.54 18.29 6.69
N THR B 391 46.73 18.30 5.63
CA THR B 391 45.65 19.28 5.51
C THR B 391 44.34 18.61 5.11
N VAL B 392 43.43 18.47 6.07
CA VAL B 392 42.14 17.84 5.81
C VAL B 392 41.15 18.84 5.22
N LYS B 393 40.69 18.55 4.01
CA LYS B 393 39.73 19.41 3.33
C LYS B 393 38.39 18.70 3.16
N GLY B 394 37.32 19.48 3.05
CA GLY B 394 35.98 18.93 2.91
C GLY B 394 35.13 19.17 4.14
N ALA B 395 33.81 19.23 3.93
CA ALA B 395 32.88 19.47 5.02
C ALA B 395 32.79 18.27 5.96
N ASN B 396 32.23 18.49 7.14
CA ASN B 396 32.02 17.41 8.10
C ASN B 396 30.78 16.61 7.75
N ALA B 397 30.82 15.94 6.60
CA ALA B 397 29.69 15.17 6.12
C ALA B 397 30.16 14.09 5.16
N GLY B 398 29.23 13.22 4.75
CA GLY B 398 29.53 12.19 3.78
C GLY B 398 30.44 11.10 4.30
N LEU B 399 31.02 10.34 3.38
CA LEU B 399 31.85 9.19 3.73
C LEU B 399 33.27 9.35 3.23
N HIS B 400 33.67 10.58 2.92
CA HIS B 400 35.01 10.84 2.41
C HIS B 400 35.48 12.27 2.68
N PHE B 401 36.79 12.46 2.68
CA PHE B 401 37.39 13.78 2.72
C PHE B 401 38.77 13.77 2.06
N VAL B 402 39.30 14.96 1.79
CA VAL B 402 40.57 15.09 1.10
C VAL B 402 41.69 15.38 2.09
N THR B 403 42.88 14.84 1.82
CA THR B 403 44.04 15.11 2.66
C THR B 403 45.24 15.55 1.82
N GLU B 404 45.59 16.82 1.95
CA GLU B 404 46.79 17.35 1.29
C GLU B 404 48.01 17.07 2.15
N PHE B 405 49.10 16.66 1.51
CA PHE B 405 50.32 16.30 2.23
C PHE B 405 51.49 17.20 1.84
N ASP B 406 52.22 17.68 2.86
CA ASP B 406 53.39 18.51 2.63
C ASP B 406 54.62 17.64 2.46
N THR B 407 54.79 17.07 1.26
CA THR B 407 55.92 16.21 0.96
C THR B 407 56.42 16.45 -0.46
N ARG B 408 57.64 16.00 -0.74
CA ARG B 408 58.21 16.13 -2.07
C ARG B 408 58.16 14.80 -2.81
N ARG B 409 57.38 13.87 -2.26
CA ARG B 409 57.15 12.58 -2.92
C ARG B 409 55.91 12.67 -3.81
N THR B 410 56.00 12.13 -5.01
CA THR B 410 54.90 12.17 -5.96
C THR B 410 53.69 11.38 -5.46
N GLU B 411 52.51 11.68 -5.99
CA GLU B 411 51.29 10.98 -5.62
C GLU B 411 51.37 9.49 -5.97
N GLN B 412 51.97 9.20 -7.13
CA GLN B 412 52.09 7.84 -7.61
C GLN B 412 52.98 7.00 -6.72
N ASP B 413 54.03 7.61 -6.19
CA ASP B 413 54.96 6.91 -5.31
C ASP B 413 54.36 6.68 -3.93
N ILE B 414 53.44 7.54 -3.53
CA ILE B 414 52.72 7.35 -2.27
C ILE B 414 51.79 6.15 -2.38
N LEU B 415 51.08 6.05 -3.50
CA LEU B 415 50.17 4.95 -3.75
C LEU B 415 50.92 3.63 -3.90
N SER B 416 52.17 3.73 -4.36
CA SER B 416 53.02 2.56 -4.51
C SER B 416 53.35 1.95 -3.14
N HIS B 417 53.92 2.76 -2.25
CA HIS B 417 54.30 2.30 -0.92
C HIS B 417 53.09 1.91 -0.09
N ALA B 418 51.99 2.63 -0.26
CA ALA B 418 50.76 2.34 0.46
C ALA B 418 50.24 0.96 0.07
N ALA B 419 50.36 0.63 -1.21
CA ALA B 419 50.01 -0.71 -1.69
C ALA B 419 50.97 -1.73 -1.11
N GLY B 420 52.23 -1.35 -1.00
CA GLY B 420 53.26 -2.21 -0.43
C GLY B 420 53.05 -2.44 1.05
N LEU B 421 52.34 -1.53 1.70
CA LEU B 421 52.04 -1.66 3.12
C LEU B 421 50.62 -2.20 3.32
N GLN B 422 50.09 -2.81 2.26
CA GLN B 422 48.74 -3.38 2.27
C GLN B 422 47.70 -2.36 2.70
N LEU B 423 47.77 -1.17 2.10
CA LEU B 423 46.80 -0.11 2.37
C LEU B 423 46.12 0.33 1.08
N GLU B 424 44.80 0.13 1.01
CA GLU B 424 44.05 0.52 -0.18
C GLU B 424 43.69 2.00 -0.11
N ILE B 425 44.22 2.77 -1.05
CA ILE B 425 44.03 4.22 -1.06
C ILE B 425 44.03 4.75 -2.49
N PHE B 426 43.22 5.76 -2.75
CA PHE B 426 43.13 6.36 -4.08
C PHE B 426 43.65 7.79 -4.10
N GLY B 427 44.21 8.20 -5.23
CA GLY B 427 44.71 9.55 -5.40
C GLY B 427 43.67 10.48 -6.00
N MET B 428 43.87 11.78 -5.82
CA MET B 428 42.92 12.78 -6.29
C MET B 428 43.09 13.09 -7.77
N SER B 429 44.21 12.65 -8.34
CA SER B 429 44.48 12.90 -9.76
C SER B 429 43.57 12.08 -10.66
N ARG B 430 42.95 11.05 -10.09
CA ARG B 430 42.07 10.17 -10.86
C ARG B 430 40.70 10.81 -11.09
N PHE B 431 40.45 11.92 -10.40
CA PHE B 431 39.17 12.60 -10.50
C PHE B 431 39.27 13.85 -11.38
N ASN B 432 40.45 14.04 -11.98
CA ASN B 432 40.62 15.08 -12.98
C ASN B 432 40.03 14.64 -14.31
N LEU B 433 39.05 15.39 -14.80
CA LEU B 433 38.40 15.05 -16.06
C LEU B 433 39.32 15.37 -17.23
N LYS B 434 39.69 16.63 -17.36
CA LYS B 434 40.71 17.04 -18.33
C LYS B 434 42.06 17.09 -17.63
N GLU B 435 42.94 16.16 -17.99
CA GLU B 435 44.23 15.98 -17.31
C GLU B 435 45.06 17.26 -17.28
N ASN B 436 45.67 17.53 -16.12
CA ASN B 436 46.49 18.72 -15.95
C ASN B 436 47.96 18.44 -16.27
N GLY B 441 53.92 20.86 -6.20
CA GLY B 441 52.95 19.92 -5.67
C GLY B 441 51.60 20.57 -5.43
N ARG B 442 50.88 20.12 -4.41
CA ARG B 442 51.34 19.02 -3.56
C ARG B 442 50.37 17.85 -3.63
N PRO B 443 50.90 16.62 -3.50
CA PRO B 443 50.10 15.39 -3.63
C PRO B 443 48.91 15.33 -2.68
N ALA B 444 47.76 14.92 -3.20
CA ALA B 444 46.53 14.87 -2.43
C ALA B 444 45.84 13.52 -2.56
N LEU B 445 45.27 13.03 -1.46
CA LEU B 445 44.58 11.74 -1.47
C LEU B 445 43.14 11.89 -1.00
N ILE B 446 42.27 11.00 -1.48
CA ILE B 446 40.90 10.95 -1.01
C ILE B 446 40.75 9.84 0.03
N ILE B 447 40.17 10.18 1.18
CA ILE B 447 40.08 9.23 2.28
C ILE B 447 38.63 8.81 2.55
N GLY B 448 38.30 7.59 2.16
CA GLY B 448 36.99 7.04 2.45
C GLY B 448 37.02 6.17 3.70
N PHE B 449 36.08 6.39 4.61
CA PHE B 449 36.09 5.69 5.89
C PHE B 449 34.82 4.87 6.12
N ALA B 450 34.09 4.58 5.04
CA ALA B 450 32.85 3.83 5.14
C ALA B 450 33.11 2.36 5.46
N ARG B 451 34.14 1.79 4.86
CA ARG B 451 34.47 0.38 5.04
C ARG B 451 35.48 0.18 6.17
N LEU B 452 36.23 1.25 6.47
CA LEU B 452 37.27 1.19 7.50
C LEU B 452 36.73 0.78 8.86
N LYS B 453 37.38 -0.20 9.48
CA LYS B 453 37.04 -0.61 10.84
C LYS B 453 37.73 0.29 11.85
N GLU B 454 37.13 0.42 13.03
CA GLU B 454 37.66 1.31 14.06
C GLU B 454 38.99 0.80 14.63
N GLU B 455 39.18 -0.51 14.58
CA GLU B 455 40.37 -1.15 15.14
C GLU B 455 41.58 -1.01 14.23
N ASP B 456 41.34 -0.62 12.98
CA ASP B 456 42.43 -0.48 12.01
C ASP B 456 42.74 0.98 11.69
N ILE B 457 42.09 1.88 12.42
CA ILE B 457 42.31 3.31 12.22
C ILE B 457 43.74 3.73 12.54
N GLN B 458 44.22 3.32 13.72
CA GLN B 458 45.56 3.69 14.16
C GLN B 458 46.63 3.14 13.23
N GLU B 459 46.56 1.84 12.94
CA GLU B 459 47.53 1.22 12.05
C GLU B 459 47.40 1.76 10.63
N GLY B 460 46.17 2.02 10.21
CA GLY B 460 45.91 2.57 8.88
C GLY B 460 46.59 3.91 8.68
N VAL B 461 46.50 4.78 9.69
CA VAL B 461 47.20 6.05 9.67
C VAL B 461 48.71 5.82 9.78
N GLN B 462 49.07 4.79 10.53
CA GLN B 462 50.48 4.40 10.65
C GLN B 462 50.99 3.75 9.37
N ARG B 463 50.08 3.08 8.66
CA ARG B 463 50.41 2.54 7.34
C ARG B 463 50.50 3.68 6.34
N LEU B 464 49.74 4.73 6.60
CA LEU B 464 49.95 6.00 5.92
C LEU B 464 51.20 6.61 6.55
N PHE B 465 51.41 7.92 6.37
CA PHE B 465 52.64 8.56 6.84
C PHE B 465 53.84 7.86 6.19
N LYS B 466 54.14 6.68 6.74
CA LYS B 466 55.09 5.72 6.17
C LYS B 466 55.23 5.77 4.65
N ALA B 467 54.10 5.74 3.96
CA ALA B 467 54.08 5.73 2.50
C ALA B 467 54.36 7.12 1.93
N VAL B 468 54.10 8.15 2.72
CA VAL B 468 54.28 9.53 2.28
C VAL B 468 55.72 10.00 2.51
N TYR B 469 56.32 9.55 3.60
CA TYR B 469 57.62 10.07 4.01
C TYR B 469 58.73 9.02 3.99
N GLY B 470 58.41 7.79 4.42
CA GLY B 470 59.40 6.74 4.52
C GLY B 470 59.72 6.07 3.21
N HIS B 471 60.89 5.43 3.15
CA HIS B 471 61.30 4.69 1.95
C HIS B 471 62.17 3.49 2.33
N ILE C 3 -11.70 -41.83 -13.66
CA ILE C 3 -11.29 -40.48 -14.05
C ILE C 3 -9.83 -40.23 -13.67
N THR C 4 -9.26 -39.17 -14.23
CA THR C 4 -7.85 -38.86 -14.02
C THR C 4 -7.65 -37.80 -12.94
N ILE C 5 -6.81 -38.12 -11.96
CA ILE C 5 -6.47 -37.17 -10.91
C ILE C 5 -4.97 -36.87 -10.90
N THR C 6 -4.59 -35.76 -11.51
CA THR C 6 -3.19 -35.35 -11.52
C THR C 6 -2.80 -34.67 -10.20
N LEU C 7 -1.63 -35.00 -9.70
CA LEU C 7 -1.17 -34.47 -8.42
C LEU C 7 0.16 -33.74 -8.54
N ASP C 8 0.23 -32.55 -7.95
CA ASP C 8 1.47 -31.80 -7.89
C ASP C 8 2.12 -31.98 -6.53
N ARG C 9 3.15 -32.83 -6.48
CA ARG C 9 3.78 -33.21 -5.22
C ARG C 9 4.84 -32.21 -4.77
N SER C 10 4.80 -31.00 -5.34
CA SER C 10 5.71 -29.94 -4.95
C SER C 10 5.24 -29.27 -3.66
N GLU C 11 6.12 -28.50 -3.04
CA GLU C 11 5.83 -27.89 -1.75
C GLU C 11 4.97 -26.63 -1.86
N GLN C 12 5.17 -25.88 -2.94
CA GLN C 12 4.44 -24.61 -3.11
C GLN C 12 2.95 -24.85 -3.36
N ALA C 13 2.61 -26.05 -3.82
CA ALA C 13 1.22 -26.39 -4.09
C ALA C 13 0.50 -26.76 -2.79
N ASP C 14 -0.79 -27.05 -2.90
CA ASP C 14 -1.58 -27.47 -1.74
C ASP C 14 -1.19 -28.88 -1.31
N TYR C 15 -1.62 -29.26 -0.11
CA TYR C 15 -1.35 -30.60 0.40
C TYR C 15 -2.04 -31.64 -0.47
N ILE C 16 -1.53 -32.86 -0.45
CA ILE C 16 -2.04 -33.94 -1.30
C ILE C 16 -3.54 -34.17 -1.10
N TYR C 17 -3.97 -34.19 0.16
CA TYR C 17 -5.38 -34.44 0.47
C TYR C 17 -6.26 -33.29 0.00
N GLN C 18 -5.70 -32.08 0.03
CA GLN C 18 -6.41 -30.89 -0.43
C GLN C 18 -6.60 -30.93 -1.94
N GLN C 19 -5.59 -31.43 -2.65
CA GLN C 19 -5.64 -31.51 -4.10
C GLN C 19 -6.66 -32.54 -4.57
N ILE C 20 -6.88 -33.58 -3.76
CA ILE C 20 -7.79 -34.65 -4.13
C ILE C 20 -9.25 -34.21 -4.10
N TYR C 21 -9.69 -33.63 -2.99
CA TYR C 21 -11.10 -33.28 -2.85
C TYR C 21 -11.45 -32.05 -3.69
N GLN C 22 -10.45 -31.24 -4.02
CA GLN C 22 -10.67 -30.13 -4.93
C GLN C 22 -11.00 -30.64 -6.32
N LYS C 23 -10.21 -31.62 -6.77
CA LYS C 23 -10.45 -32.26 -8.06
C LYS C 23 -11.77 -33.00 -8.05
N LEU C 24 -12.10 -33.63 -6.92
CA LEU C 24 -13.32 -34.41 -6.79
C LEU C 24 -14.56 -33.50 -6.69
N LYS C 25 -14.39 -32.33 -6.10
CA LYS C 25 -15.46 -31.33 -6.07
C LYS C 25 -15.80 -30.91 -7.50
N LYS C 26 -14.77 -30.74 -8.31
CA LYS C 26 -14.91 -30.30 -9.69
C LYS C 26 -15.66 -31.33 -10.53
N GLU C 27 -15.32 -32.61 -10.35
CA GLU C 27 -15.92 -33.67 -11.14
C GLU C 27 -17.39 -33.90 -10.80
N ILE C 28 -17.73 -33.72 -9.52
CA ILE C 28 -19.11 -33.89 -9.08
C ILE C 28 -19.99 -32.76 -9.63
N LEU C 29 -19.46 -31.55 -9.59
CA LEU C 29 -20.18 -30.38 -10.10
C LEU C 29 -20.27 -30.37 -11.62
N SER C 30 -19.32 -31.04 -12.27
CA SER C 30 -19.27 -31.08 -13.73
C SER C 30 -20.02 -32.28 -14.29
N ARG C 31 -20.68 -33.03 -13.41
CA ARG C 31 -21.41 -34.24 -13.78
C ARG C 31 -20.51 -35.29 -14.42
N ASN C 32 -19.20 -35.15 -14.26
CA ASN C 32 -18.27 -36.16 -14.73
C ASN C 32 -18.40 -37.42 -13.90
N LEU C 33 -18.66 -37.24 -12.61
CA LEU C 33 -19.00 -38.33 -11.72
C LEU C 33 -20.50 -38.30 -11.45
N LEU C 34 -21.23 -39.20 -12.10
CA LEU C 34 -22.69 -39.24 -12.00
C LEU C 34 -23.15 -39.39 -10.56
N PRO C 35 -24.32 -38.80 -10.24
CA PRO C 35 -24.89 -38.90 -8.89
C PRO C 35 -25.11 -40.33 -8.43
N HIS C 36 -24.96 -40.56 -7.12
CA HIS C 36 -25.17 -41.86 -6.50
C HIS C 36 -24.24 -42.93 -7.06
N SER C 37 -23.08 -42.50 -7.57
CA SER C 37 -22.07 -43.43 -8.03
C SER C 37 -21.10 -43.77 -6.91
N LYS C 38 -20.70 -45.04 -6.83
CA LYS C 38 -19.79 -45.48 -5.79
C LYS C 38 -18.38 -44.96 -6.04
N VAL C 39 -17.82 -44.27 -5.05
CA VAL C 39 -16.44 -43.82 -5.12
C VAL C 39 -15.54 -44.94 -4.62
N PRO C 40 -14.33 -45.05 -5.18
CA PRO C 40 -13.37 -46.09 -4.75
C PRO C 40 -13.03 -45.95 -3.27
N SER C 41 -12.71 -47.07 -2.63
CA SER C 41 -12.38 -47.07 -1.21
C SER C 41 -11.10 -46.29 -0.94
N LYS C 42 -10.82 -46.04 0.33
CA LYS C 42 -9.66 -45.26 0.74
C LYS C 42 -8.35 -45.93 0.32
N ARG C 43 -8.34 -47.26 0.39
CA ARG C 43 -7.15 -48.03 0.05
C ARG C 43 -6.93 -48.12 -1.46
N GLU C 44 -8.03 -48.32 -2.19
CA GLU C 44 -7.95 -48.45 -3.65
C GLU C 44 -7.46 -47.16 -4.30
N LEU C 45 -8.03 -46.04 -3.89
CA LEU C 45 -7.67 -44.74 -4.45
C LEU C 45 -6.25 -44.34 -4.05
N ALA C 46 -5.82 -44.79 -2.87
CA ALA C 46 -4.48 -44.49 -2.39
C ALA C 46 -3.42 -45.14 -3.26
N GLU C 47 -3.66 -46.39 -3.64
CA GLU C 47 -2.72 -47.13 -4.47
C GLU C 47 -2.74 -46.64 -5.92
N ASN C 48 -3.92 -46.18 -6.36
CA ASN C 48 -4.07 -45.65 -7.71
C ASN C 48 -3.42 -44.28 -7.85
N LEU C 49 -3.35 -43.53 -6.76
CA LEU C 49 -2.74 -42.22 -6.76
C LEU C 49 -1.33 -42.26 -6.16
N LYS C 50 -0.95 -43.45 -5.68
CA LYS C 50 0.35 -43.67 -5.03
C LYS C 50 0.56 -42.70 -3.87
N VAL C 51 -0.47 -42.54 -3.05
CA VAL C 51 -0.39 -41.65 -1.91
C VAL C 51 -0.80 -42.37 -0.63
N SER C 52 -0.59 -41.73 0.51
CA SER C 52 -0.95 -42.30 1.80
C SER C 52 -2.46 -42.46 1.92
N VAL C 53 -2.89 -43.47 2.69
CA VAL C 53 -4.31 -43.72 2.89
C VAL C 53 -4.90 -42.62 3.78
N ASN C 54 -4.03 -41.98 4.56
CA ASN C 54 -4.44 -40.87 5.41
C ASN C 54 -4.82 -39.66 4.55
N SER C 55 -4.08 -39.47 3.47
CA SER C 55 -4.36 -38.38 2.53
C SER C 55 -5.72 -38.56 1.88
N VAL C 56 -6.01 -39.78 1.45
CA VAL C 56 -7.30 -40.08 0.84
C VAL C 56 -8.43 -39.93 1.86
N ASN C 57 -8.19 -40.39 3.08
CA ASN C 57 -9.17 -40.30 4.14
C ASN C 57 -9.52 -38.87 4.50
N SER C 58 -8.50 -38.02 4.64
CA SER C 58 -8.71 -36.61 4.93
C SER C 58 -9.46 -35.91 3.80
N ALA C 59 -9.26 -36.41 2.58
CA ALA C 59 -9.94 -35.86 1.42
C ALA C 59 -11.41 -36.26 1.42
N TYR C 60 -11.69 -37.50 1.80
CA TYR C 60 -13.06 -37.99 1.88
C TYR C 60 -13.84 -37.31 3.00
N GLN C 61 -13.19 -37.16 4.16
CA GLN C 61 -13.82 -36.53 5.31
C GLN C 61 -14.22 -35.09 5.00
N GLN C 62 -13.45 -34.43 4.14
CA GLN C 62 -13.77 -33.08 3.71
C GLN C 62 -15.04 -33.10 2.87
N LEU C 63 -15.08 -34.02 1.91
CA LEU C 63 -16.24 -34.14 1.01
C LEU C 63 -17.47 -34.64 1.75
N LEU C 64 -17.25 -35.44 2.80
CA LEU C 64 -18.35 -35.94 3.60
C LEU C 64 -18.96 -34.83 4.44
N ALA C 65 -18.12 -33.90 4.90
CA ALA C 65 -18.57 -32.81 5.75
C ALA C 65 -19.32 -31.75 4.94
N GLU C 66 -18.93 -31.56 3.69
CA GLU C 66 -19.54 -30.55 2.84
C GLU C 66 -20.77 -31.07 2.09
N GLY C 67 -21.00 -32.37 2.19
CA GLY C 67 -22.18 -32.98 1.57
C GLY C 67 -21.98 -33.34 0.11
N TYR C 68 -20.73 -33.36 -0.34
CA TYR C 68 -20.42 -33.80 -1.70
C TYR C 68 -20.57 -35.32 -1.80
N LEU C 69 -20.20 -36.01 -0.72
CA LEU C 69 -20.34 -37.45 -0.64
C LEU C 69 -21.25 -37.85 0.52
N TYR C 70 -21.85 -39.03 0.43
CA TYR C 70 -22.61 -39.57 1.55
C TYR C 70 -22.22 -41.04 1.75
N ALA C 71 -22.20 -41.47 3.00
CA ALA C 71 -21.71 -42.80 3.35
C ALA C 71 -22.85 -43.75 3.72
N ILE C 72 -22.68 -45.01 3.32
CA ILE C 72 -23.59 -46.08 3.73
C ILE C 72 -22.76 -47.15 4.41
N GLU C 73 -23.23 -47.65 5.55
CA GLU C 73 -22.49 -48.67 6.29
C GLU C 73 -22.31 -49.92 5.43
N ARG C 74 -21.25 -50.68 5.72
CA ARG C 74 -20.87 -51.88 4.96
C ARG C 74 -20.48 -51.52 3.51
N LYS C 75 -21.35 -50.81 2.81
CA LYS C 75 -21.07 -50.38 1.44
C LYS C 75 -20.07 -49.22 1.44
N GLY C 76 -19.74 -48.73 0.25
CA GLY C 76 -18.76 -47.67 0.11
C GLY C 76 -19.33 -46.27 0.19
N PHE C 77 -18.54 -45.30 -0.25
CA PHE C 77 -18.97 -43.91 -0.29
C PHE C 77 -19.54 -43.56 -1.66
N PHE C 78 -20.63 -42.79 -1.67
CA PHE C 78 -21.32 -42.48 -2.91
C PHE C 78 -21.38 -40.98 -3.19
N VAL C 79 -21.40 -40.62 -4.48
CA VAL C 79 -21.49 -39.23 -4.89
C VAL C 79 -22.91 -38.69 -4.70
N GLU C 80 -23.04 -37.69 -3.83
CA GLU C 80 -24.34 -37.09 -3.56
C GLU C 80 -24.91 -36.40 -4.79
N GLU C 81 -26.21 -36.57 -5.03
CA GLU C 81 -26.87 -35.93 -6.15
C GLU C 81 -27.06 -34.44 -5.89
N LEU C 82 -26.46 -33.62 -6.74
CA LEU C 82 -26.58 -32.17 -6.61
C LEU C 82 -27.28 -31.58 -7.83
N ASP C 83 -28.19 -30.64 -7.59
CA ASP C 83 -28.84 -29.94 -8.68
C ASP C 83 -27.83 -29.16 -9.50
N MET C 84 -27.83 -29.35 -10.80
CA MET C 84 -26.94 -28.61 -11.69
C MET C 84 -27.27 -27.12 -11.62
N PHE C 85 -26.25 -26.28 -11.69
CA PHE C 85 -26.46 -24.85 -11.69
C PHE C 85 -27.31 -24.46 -12.91
N SER C 86 -28.28 -23.58 -12.68
CA SER C 86 -29.22 -23.16 -13.70
C SER C 86 -28.52 -22.53 -14.91
N ALA C 87 -27.40 -21.87 -14.65
CA ALA C 87 -26.58 -21.24 -15.68
C ALA C 87 -27.41 -20.28 -16.53
N GLU C 88 -28.08 -19.35 -15.86
CA GLU C 88 -28.91 -18.35 -16.52
C GLU C 88 -28.04 -17.21 -17.02
N GLU C 89 -28.49 -15.98 -16.75
CA GLU C 89 -27.74 -14.80 -17.16
C GLU C 89 -26.66 -14.44 -16.15
N HIS C 90 -25.41 -14.43 -16.60
CA HIS C 90 -24.29 -14.09 -15.74
C HIS C 90 -24.01 -12.58 -15.79
N PRO C 91 -24.03 -11.93 -14.62
CA PRO C 91 -23.80 -10.49 -14.51
C PRO C 91 -22.36 -10.10 -14.87
N PRO C 92 -22.17 -8.86 -15.36
CA PRO C 92 -20.84 -8.38 -15.76
C PRO C 92 -19.88 -8.26 -14.58
N PHE C 93 -18.60 -8.47 -14.84
CA PHE C 93 -17.58 -8.42 -13.79
C PHE C 93 -16.87 -7.07 -13.75
N ALA C 94 -16.82 -6.47 -12.56
CA ALA C 94 -16.16 -5.19 -12.33
C ALA C 94 -16.67 -4.10 -13.25
N LEU C 95 -17.80 -3.50 -12.88
CA LEU C 95 -18.42 -2.44 -13.67
C LEU C 95 -17.53 -1.20 -13.73
N PRO C 96 -17.51 -0.53 -14.90
CA PRO C 96 -16.70 0.67 -15.11
C PRO C 96 -17.04 1.81 -14.15
N ASP C 97 -18.33 2.01 -13.89
CA ASP C 97 -18.78 3.08 -13.00
C ASP C 97 -18.49 2.76 -11.53
N ASP C 98 -18.29 1.49 -11.22
CA ASP C 98 -18.00 1.06 -9.86
C ASP C 98 -16.51 1.03 -9.60
N LEU C 99 -15.71 1.28 -10.65
CA LEU C 99 -14.26 1.37 -10.51
C LEU C 99 -13.86 2.77 -10.07
N LYS C 100 -14.72 3.41 -9.28
CA LYS C 100 -14.48 4.76 -8.80
C LYS C 100 -13.25 4.82 -7.90
N GLU C 101 -12.92 3.69 -7.28
CA GLU C 101 -11.76 3.60 -6.41
C GLU C 101 -10.46 3.73 -7.20
N ILE C 102 -10.13 4.96 -7.58
CA ILE C 102 -8.87 5.24 -8.26
C ILE C 102 -7.87 5.79 -7.24
N HIS C 103 -6.58 5.75 -7.59
CA HIS C 103 -5.54 6.21 -6.68
C HIS C 103 -4.62 7.23 -7.33
N ILE C 104 -5.23 8.24 -7.95
CA ILE C 104 -4.46 9.35 -8.51
C ILE C 104 -3.82 10.13 -7.35
N ASP C 105 -2.53 10.41 -7.47
CA ASP C 105 -1.79 11.09 -6.41
C ASP C 105 -2.40 12.44 -6.06
N GLN C 106 -2.80 12.59 -4.80
CA GLN C 106 -3.55 13.76 -4.36
C GLN C 106 -2.63 14.87 -3.82
N SER C 107 -1.38 14.87 -4.24
CA SER C 107 -0.47 15.94 -3.87
C SER C 107 -0.80 17.20 -4.65
N ASP C 108 -0.17 18.31 -4.27
CA ASP C 108 -0.42 19.61 -4.90
C ASP C 108 -1.87 20.04 -4.78
N TRP C 109 -2.59 19.41 -3.85
CA TRP C 109 -3.99 19.74 -3.60
C TRP C 109 -4.11 20.49 -2.28
N ILE C 110 -4.74 21.66 -2.34
CA ILE C 110 -4.97 22.47 -1.14
C ILE C 110 -6.41 22.35 -0.71
N SER C 111 -6.61 22.00 0.56
CA SER C 111 -7.95 21.70 1.06
C SER C 111 -8.48 22.77 2.00
N PHE C 112 -9.69 23.26 1.70
CA PHE C 112 -10.41 24.15 2.59
C PHE C 112 -11.57 23.39 3.24
N SER C 113 -11.45 22.07 3.28
CA SER C 113 -12.50 21.21 3.80
C SER C 113 -12.67 21.36 5.31
N HIS C 114 -13.87 21.05 5.79
CA HIS C 114 -14.19 21.11 7.20
C HIS C 114 -14.25 19.71 7.80
N MET C 115 -13.90 18.72 6.98
CA MET C 115 -14.04 17.32 7.37
C MET C 115 -12.70 16.68 7.73
N SER C 116 -11.90 17.38 8.53
CA SER C 116 -10.60 16.87 8.95
C SER C 116 -10.09 17.57 10.20
N SER C 117 -8.92 17.14 10.65
CA SER C 117 -8.23 17.74 11.79
C SER C 117 -6.80 17.24 11.79
N ASP C 118 -5.87 18.14 11.43
CA ASP C 118 -4.47 17.81 11.20
C ASP C 118 -3.86 16.83 12.20
N THR C 119 -3.45 15.67 11.69
CA THR C 119 -2.88 14.62 12.52
C THR C 119 -1.46 14.97 12.96
N ASP C 120 -0.81 15.84 12.20
CA ASP C 120 0.57 16.23 12.46
C ASP C 120 0.72 16.96 13.80
N HIS C 121 -0.41 17.33 14.40
CA HIS C 121 -0.43 18.05 15.66
C HIS C 121 -1.01 17.20 16.78
N PHE C 122 -1.27 15.93 16.50
CA PHE C 122 -1.83 15.03 17.50
C PHE C 122 -0.75 14.23 18.20
N PRO C 123 -0.77 14.21 19.55
CA PRO C 123 0.20 13.47 20.35
C PRO C 123 0.03 11.96 20.21
N ILE C 124 0.51 11.40 19.11
CA ILE C 124 0.34 9.98 18.83
C ILE C 124 1.19 9.13 19.77
N LYS C 125 2.30 9.70 20.24
CA LYS C 125 3.16 8.98 21.18
C LYS C 125 2.55 9.01 22.58
N SER C 126 1.96 10.15 22.94
CA SER C 126 1.29 10.28 24.23
C SER C 126 0.04 9.41 24.28
N TRP C 127 -0.59 9.22 23.13
CA TRP C 127 -1.77 8.38 23.02
C TRP C 127 -1.40 6.91 23.26
N PHE C 128 -0.26 6.50 22.68
CA PHE C 128 0.21 5.13 22.82
C PHE C 128 0.68 4.85 24.24
N ARG C 129 1.26 5.85 24.89
CA ARG C 129 1.68 5.71 26.28
C ARG C 129 0.48 5.46 27.19
N CYS C 130 -0.60 6.19 26.93
CA CYS C 130 -1.83 6.02 27.69
C CYS C 130 -2.47 4.66 27.40
N GLU C 131 -2.35 4.22 26.15
CA GLU C 131 -2.94 2.95 25.73
C GLU C 131 -2.27 1.76 26.43
N GLN C 132 -0.94 1.75 26.41
CA GLN C 132 -0.18 0.67 27.00
C GLN C 132 -0.17 0.75 28.52
N LYS C 133 -0.54 1.91 29.06
CA LYS C 133 -0.65 2.10 30.49
C LYS C 133 -2.02 1.62 30.96
N ALA C 134 -3.02 1.77 30.10
CA ALA C 134 -4.37 1.30 30.38
C ALA C 134 -4.45 -0.21 30.18
N ALA C 135 -3.57 -0.73 29.33
CA ALA C 135 -3.54 -2.17 29.03
C ALA C 135 -2.95 -2.95 30.21
N SER C 136 -1.95 -2.37 30.87
CA SER C 136 -1.34 -3.01 32.02
C SER C 136 -2.23 -2.88 33.25
N ARG C 137 -3.09 -1.87 33.24
CA ARG C 137 -4.00 -1.64 34.36
C ARG C 137 -5.23 -2.53 34.27
N SER C 138 -5.69 -2.77 33.04
CA SER C 138 -6.90 -3.55 32.81
C SER C 138 -6.62 -4.78 31.94
N TYR C 139 -5.88 -5.74 32.49
CA TYR C 139 -5.67 -7.01 31.81
C TYR C 139 -5.98 -8.16 32.76
N ARG C 140 -6.85 -9.08 32.35
CA ARG C 140 -7.50 -9.05 31.03
C ARG C 140 -8.54 -7.93 30.91
N THR C 141 -8.82 -7.52 29.67
CA THR C 141 -9.66 -6.36 29.40
C THR C 141 -10.98 -6.43 30.16
N LEU C 142 -11.49 -5.27 30.55
CA LEU C 142 -12.65 -5.15 31.45
C LEU C 142 -13.83 -6.05 31.07
N GLY C 143 -13.64 -7.35 31.20
CA GLY C 143 -14.68 -8.32 30.96
C GLY C 143 -15.32 -8.22 29.58
N ASP C 144 -14.56 -8.58 28.55
CA ASP C 144 -15.08 -8.60 27.19
C ASP C 144 -16.25 -9.57 27.07
N MET C 145 -17.30 -9.18 26.33
CA MET C 145 -17.32 -7.94 25.57
C MET C 145 -17.73 -6.72 26.39
N SER C 146 -17.61 -5.54 25.79
CA SER C 146 -17.87 -4.28 26.47
C SER C 146 -19.35 -4.10 26.84
N HIS C 147 -19.58 -3.27 27.84
CA HIS C 147 -20.93 -2.88 28.23
C HIS C 147 -21.61 -2.15 27.07
N PRO C 148 -22.88 -2.48 26.80
CA PRO C 148 -23.64 -1.93 25.67
C PRO C 148 -23.60 -0.40 25.58
N GLN C 149 -23.56 0.28 26.73
CA GLN C 149 -23.48 1.74 26.74
C GLN C 149 -22.03 2.19 26.71
N GLY C 150 -21.12 1.27 26.98
CA GLY C 150 -19.71 1.58 27.10
C GLY C 150 -19.23 1.29 28.50
N ILE C 151 -17.91 1.16 28.66
CA ILE C 151 -17.32 0.89 29.96
C ILE C 151 -17.64 2.01 30.94
N TYR C 152 -18.14 1.63 32.12
CA TYR C 152 -18.62 2.59 33.11
C TYR C 152 -17.54 3.59 33.54
N GLU C 153 -16.33 3.09 33.79
CA GLU C 153 -15.22 3.94 34.21
C GLU C 153 -14.87 4.94 33.12
N VAL C 154 -15.08 4.56 31.87
CA VAL C 154 -14.83 5.45 30.74
C VAL C 154 -15.94 6.49 30.65
N ARG C 155 -17.19 6.04 30.78
CA ARG C 155 -18.34 6.94 30.76
C ARG C 155 -18.27 7.95 31.90
N ALA C 156 -17.86 7.47 33.07
CA ALA C 156 -17.72 8.35 34.24
C ALA C 156 -16.60 9.36 34.03
N ALA C 157 -15.58 8.97 33.28
CA ALA C 157 -14.47 9.85 32.97
C ALA C 157 -14.92 10.98 32.05
N ILE C 158 -15.75 10.65 31.06
CA ILE C 158 -16.29 11.63 30.13
C ILE C 158 -17.32 12.51 30.84
N THR C 159 -18.13 11.89 31.70
CA THR C 159 -19.13 12.61 32.48
C THR C 159 -18.46 13.67 33.35
N ARG C 160 -17.31 13.33 33.90
CA ARG C 160 -16.55 14.25 34.73
C ARG C 160 -15.95 15.37 33.89
N LEU C 161 -15.53 15.05 32.67
CA LEU C 161 -14.88 16.00 31.79
C LEU C 161 -15.85 17.08 31.28
N ILE C 162 -16.98 16.66 30.73
CA ILE C 162 -17.95 17.59 30.17
C ILE C 162 -18.68 18.37 31.26
N SER C 163 -18.58 17.90 32.49
CA SER C 163 -19.16 18.61 33.62
C SER C 163 -18.38 19.88 33.91
N LEU C 164 -17.08 19.85 33.64
CA LEU C 164 -16.20 20.98 33.91
C LEU C 164 -15.97 21.84 32.68
N THR C 165 -16.06 21.23 31.50
CA THR C 165 -15.74 21.94 30.26
C THR C 165 -16.98 22.38 29.51
N ARG C 166 -18.14 21.92 29.94
CA ARG C 166 -19.40 22.25 29.26
C ARG C 166 -20.54 22.51 30.25
N GLY C 167 -20.31 22.17 31.52
CA GLY C 167 -21.32 22.34 32.55
C GLY C 167 -22.45 21.34 32.43
N VAL C 168 -22.22 20.28 31.67
CA VAL C 168 -23.21 19.22 31.51
C VAL C 168 -23.41 18.46 32.82
N LYS C 169 -24.65 18.44 33.29
CA LYS C 169 -24.98 17.75 34.53
C LYS C 169 -25.70 16.44 34.25
N CYS C 170 -25.04 15.32 34.54
CA CYS C 170 -25.63 14.01 34.30
C CYS C 170 -24.90 12.91 35.09
N ARG C 171 -25.49 11.73 35.10
CA ARG C 171 -24.85 10.55 35.66
C ARG C 171 -24.32 9.66 34.53
N PRO C 172 -23.23 8.91 34.80
CA PRO C 172 -22.64 8.02 33.80
C PRO C 172 -23.63 6.99 33.24
N GLU C 173 -24.67 6.70 33.99
CA GLU C 173 -25.70 5.75 33.57
C GLU C 173 -26.48 6.25 32.36
N GLN C 174 -26.48 7.57 32.17
CA GLN C 174 -27.27 8.19 31.09
C GLN C 174 -26.49 8.26 29.78
N MET C 175 -25.17 8.12 29.86
CA MET C 175 -24.32 8.27 28.69
C MET C 175 -24.26 7.01 27.83
N ILE C 176 -24.26 7.20 26.51
CA ILE C 176 -24.15 6.08 25.58
C ILE C 176 -23.08 6.34 24.51
N ILE C 177 -22.12 5.41 24.43
CA ILE C 177 -21.08 5.43 23.41
C ILE C 177 -21.36 4.28 22.43
N GLY C 178 -21.22 4.51 21.12
CA GLY C 178 -20.84 5.79 20.54
C GLY C 178 -20.42 5.59 19.09
N ALA C 179 -19.12 5.71 18.83
CA ALA C 179 -18.54 5.46 17.51
C ALA C 179 -19.22 6.23 16.38
N GLY C 180 -19.30 7.55 16.54
CA GLY C 180 -19.92 8.38 15.53
C GLY C 180 -21.34 8.76 15.92
N THR C 181 -21.70 10.02 15.67
CA THR C 181 -23.02 10.52 16.01
C THR C 181 -24.11 9.88 15.16
N GLN C 182 -23.72 9.39 13.99
CA GLN C 182 -24.66 8.75 13.07
C GLN C 182 -25.24 7.47 13.66
N VAL C 183 -24.39 6.70 14.33
CA VAL C 183 -24.83 5.48 15.00
C VAL C 183 -25.75 5.84 16.18
N LEU C 184 -25.36 6.87 16.92
CA LEU C 184 -26.14 7.33 18.06
C LEU C 184 -27.46 7.96 17.64
N MET C 185 -27.43 8.75 16.57
CA MET C 185 -28.62 9.42 16.07
C MET C 185 -29.65 8.40 15.59
N GLN C 186 -29.16 7.30 15.02
CA GLN C 186 -30.03 6.21 14.58
C GLN C 186 -30.73 5.58 15.77
N LEU C 187 -29.95 5.24 16.79
CA LEU C 187 -30.49 4.61 18.00
C LEU C 187 -31.45 5.54 18.73
N LEU C 188 -31.16 6.84 18.68
CA LEU C 188 -31.98 7.83 19.36
C LEU C 188 -33.37 7.92 18.75
N THR C 189 -33.46 7.73 17.44
CA THR C 189 -34.74 7.78 16.74
C THR C 189 -35.58 6.54 17.05
N GLU C 190 -34.94 5.49 17.57
CA GLU C 190 -35.64 4.27 17.95
C GLU C 190 -36.11 4.35 19.39
N LEU C 191 -35.50 5.24 20.17
CA LEU C 191 -35.93 5.47 21.55
C LEU C 191 -37.08 6.47 21.59
N LEU C 192 -36.96 7.53 20.79
CA LEU C 192 -38.05 8.50 20.64
C LEU C 192 -39.24 7.84 19.97
N PRO C 193 -40.44 8.44 20.14
CA PRO C 193 -41.64 7.94 19.46
C PRO C 193 -41.42 7.77 17.96
N LYS C 194 -42.02 6.73 17.38
CA LYS C 194 -41.82 6.41 15.97
C LYS C 194 -42.34 7.54 15.07
N GLU C 195 -43.49 8.09 15.41
CA GLU C 195 -44.11 9.13 14.61
C GLU C 195 -43.75 10.53 15.11
N ALA C 196 -42.61 10.63 15.79
CA ALA C 196 -42.16 11.91 16.33
C ALA C 196 -41.75 12.88 15.21
N VAL C 197 -42.20 14.12 15.30
CA VAL C 197 -41.87 15.13 14.31
C VAL C 197 -40.56 15.82 14.65
N TYR C 198 -39.58 15.69 13.76
CA TYR C 198 -38.27 16.31 13.96
C TYR C 198 -38.19 17.66 13.28
N ALA C 199 -37.32 18.52 13.80
CA ALA C 199 -37.11 19.85 13.22
C ALA C 199 -35.63 20.17 13.17
N MET C 200 -35.14 20.58 12.00
CA MET C 200 -33.74 20.90 11.83
C MET C 200 -33.53 22.32 11.33
N GLU C 201 -32.34 22.84 11.56
CA GLU C 201 -31.97 24.18 11.13
C GLU C 201 -31.82 24.26 9.61
N GLU C 202 -32.20 25.40 9.04
CA GLU C 202 -32.11 25.61 7.60
C GLU C 202 -31.32 26.89 7.30
N PRO C 203 -30.08 26.74 6.79
CA PRO C 203 -29.42 25.47 6.47
C PRO C 203 -28.86 24.77 7.71
N GLY C 204 -28.39 23.54 7.53
CA GLY C 204 -27.87 22.77 8.65
C GLY C 204 -27.13 21.50 8.22
N TYR C 205 -26.79 20.69 9.22
CA TYR C 205 -26.09 19.44 8.99
C TYR C 205 -26.95 18.48 8.16
N ARG C 206 -26.67 18.43 6.86
CA ARG C 206 -27.48 17.66 5.92
C ARG C 206 -27.42 16.17 6.20
N ARG C 207 -26.30 15.72 6.76
CA ARG C 207 -26.10 14.30 7.07
C ARG C 207 -27.15 13.77 8.04
N MET C 208 -27.47 14.57 9.06
CA MET C 208 -28.52 14.20 10.00
C MET C 208 -29.88 14.21 9.33
N TYR C 209 -30.09 15.18 8.44
CA TYR C 209 -31.34 15.30 7.72
C TYR C 209 -31.61 14.06 6.87
N GLN C 210 -30.59 13.62 6.14
CA GLN C 210 -30.70 12.43 5.31
C GLN C 210 -30.95 11.19 6.17
N LEU C 211 -30.29 11.13 7.32
CA LEU C 211 -30.45 10.00 8.24
C LEU C 211 -31.89 9.90 8.72
N LEU C 212 -32.46 11.04 9.11
CA LEU C 212 -33.83 11.10 9.59
C LEU C 212 -34.84 10.74 8.50
N LYS C 213 -34.57 11.19 7.28
CA LYS C 213 -35.46 10.95 6.15
C LYS C 213 -35.47 9.49 5.75
N ASN C 214 -34.30 8.84 5.82
CA ASN C 214 -34.20 7.43 5.52
C ASN C 214 -34.90 6.57 6.58
N ALA C 215 -35.02 7.12 7.77
CA ALA C 215 -35.68 6.43 8.88
C ALA C 215 -37.20 6.59 8.78
N GLY C 216 -37.65 7.32 7.76
CA GLY C 216 -39.08 7.51 7.53
C GLY C 216 -39.69 8.53 8.47
N LYS C 217 -38.82 9.32 9.11
CA LYS C 217 -39.29 10.35 10.05
C LYS C 217 -39.60 11.64 9.31
N GLN C 218 -40.65 12.34 9.76
CA GLN C 218 -41.02 13.61 9.18
C GLN C 218 -40.17 14.73 9.77
N VAL C 219 -39.50 15.49 8.91
CA VAL C 219 -38.58 16.53 9.35
C VAL C 219 -38.97 17.92 8.83
N LYS C 220 -39.22 18.83 9.75
CA LYS C 220 -39.54 20.21 9.40
C LYS C 220 -38.28 21.06 9.33
N THR C 221 -38.27 22.04 8.44
CA THR C 221 -37.11 22.92 8.29
C THR C 221 -37.36 24.25 9.00
N ILE C 222 -36.45 24.60 9.90
CA ILE C 222 -36.56 25.84 10.66
C ILE C 222 -35.52 26.85 10.20
N MET C 223 -35.96 28.05 9.86
CA MET C 223 -35.09 29.10 9.38
C MET C 223 -34.20 29.65 10.50
N LEU C 224 -33.17 30.39 10.12
CA LEU C 224 -32.27 31.01 11.08
C LEU C 224 -32.39 32.52 11.05
N ASP C 225 -32.37 33.15 12.23
CA ASP C 225 -32.33 34.60 12.29
C ASP C 225 -31.00 35.07 12.88
N GLU C 226 -30.96 36.31 13.36
CA GLU C 226 -29.74 36.86 13.95
C GLU C 226 -29.39 36.17 15.27
N LYS C 227 -30.35 35.49 15.86
CA LYS C 227 -30.14 34.82 17.14
C LYS C 227 -30.08 33.30 16.98
N GLY C 228 -30.08 32.84 15.73
CA GLY C 228 -30.00 31.41 15.46
C GLY C 228 -31.33 30.80 15.08
N MET C 229 -31.60 29.61 15.61
CA MET C 229 -32.82 28.87 15.31
C MET C 229 -34.06 29.68 15.74
N SER C 230 -34.91 29.98 14.76
CA SER C 230 -36.08 30.82 15.00
C SER C 230 -37.14 30.11 15.84
N ILE C 231 -37.41 30.66 17.03
CA ILE C 231 -38.45 30.13 17.90
C ILE C 231 -39.84 30.45 17.32
N ALA C 232 -39.88 31.46 16.46
CA ALA C 232 -41.13 31.90 15.85
C ALA C 232 -41.64 30.85 14.86
N GLU C 233 -40.72 30.12 14.23
CA GLU C 233 -41.09 29.08 13.28
C GLU C 233 -41.29 27.74 13.98
N ILE C 234 -40.60 27.54 15.10
CA ILE C 234 -40.76 26.32 15.88
C ILE C 234 -42.19 26.20 16.41
N THR C 235 -42.73 27.31 16.89
CA THR C 235 -44.10 27.32 17.39
C THR C 235 -45.11 27.18 16.26
N ARG C 236 -44.72 27.59 15.06
CA ARG C 236 -45.61 27.55 13.90
C ARG C 236 -45.68 26.15 13.30
N GLN C 237 -44.51 25.56 13.05
CA GLN C 237 -44.44 24.20 12.53
C GLN C 237 -44.91 23.20 13.58
N GLN C 238 -44.60 23.52 14.84
CA GLN C 238 -44.98 22.71 15.99
C GLN C 238 -44.50 21.25 15.88
N PRO C 239 -43.19 21.04 16.05
CA PRO C 239 -42.62 19.69 16.00
C PRO C 239 -42.48 19.08 17.40
N ASP C 240 -41.92 17.87 17.47
CA ASP C 240 -41.69 17.22 18.75
C ASP C 240 -40.23 17.34 19.19
N VAL C 241 -39.32 17.13 18.23
CA VAL C 241 -37.89 17.12 18.55
C VAL C 241 -37.12 18.16 17.73
N LEU C 242 -36.30 18.93 18.43
CA LEU C 242 -35.44 19.93 17.78
C LEU C 242 -34.01 19.43 17.70
N VAL C 243 -33.38 19.65 16.55
CA VAL C 243 -31.96 19.35 16.38
C VAL C 243 -31.19 20.65 16.14
N THR C 244 -30.48 21.11 17.15
CA THR C 244 -29.84 22.43 17.09
C THR C 244 -28.34 22.37 17.38
N THR C 245 -27.62 23.38 16.90
CA THR C 245 -26.21 23.56 17.19
C THR C 245 -25.98 24.96 17.76
N PRO C 246 -26.33 25.16 19.03
CA PRO C 246 -26.33 26.50 19.64
C PRO C 246 -24.93 27.05 19.96
N SER C 247 -24.00 26.19 20.34
CA SER C 247 -22.65 26.63 20.67
C SER C 247 -21.94 27.24 19.46
N HIS C 248 -22.20 26.66 18.30
CA HIS C 248 -21.65 27.15 17.04
C HIS C 248 -22.43 26.55 15.89
N GLN C 249 -23.33 27.35 15.32
CA GLN C 249 -24.26 26.88 14.29
C GLN C 249 -23.53 26.34 13.08
N PHE C 250 -24.00 25.21 12.57
CA PHE C 250 -23.45 24.64 11.35
C PHE C 250 -24.47 24.76 10.22
N PRO C 251 -24.07 25.33 9.08
CA PRO C 251 -22.71 25.84 8.86
C PRO C 251 -22.57 27.36 8.94
N SER C 252 -23.63 28.06 9.34
CA SER C 252 -23.63 29.52 9.35
C SER C 252 -22.62 30.11 10.33
N GLY C 253 -22.24 29.32 11.33
CA GLY C 253 -21.23 29.75 12.29
C GLY C 253 -21.71 30.75 13.32
N THR C 254 -23.02 30.78 13.55
CA THR C 254 -23.60 31.73 14.49
C THR C 254 -23.72 31.14 15.89
N ILE C 255 -23.26 31.88 16.89
CA ILE C 255 -23.42 31.48 18.28
C ILE C 255 -24.80 31.90 18.78
N MET C 256 -25.57 30.93 19.26
CA MET C 256 -26.91 31.21 19.76
C MET C 256 -26.84 31.90 21.13
N PRO C 257 -27.37 33.12 21.21
CA PRO C 257 -27.40 33.89 22.47
C PRO C 257 -28.23 33.20 23.54
N VAL C 258 -28.01 33.57 24.80
CA VAL C 258 -28.70 32.93 25.92
C VAL C 258 -30.21 33.20 25.85
N SER C 259 -30.59 34.36 25.32
CA SER C 259 -31.99 34.73 25.21
C SER C 259 -32.77 33.75 24.36
N ARG C 260 -32.18 33.35 23.23
CA ARG C 260 -32.83 32.39 22.34
C ARG C 260 -32.77 30.98 22.94
N ARG C 261 -31.70 30.71 23.69
CA ARG C 261 -31.56 29.42 24.36
C ARG C 261 -32.65 29.21 25.39
N ILE C 262 -32.94 30.26 26.15
CA ILE C 262 -34.00 30.22 27.15
C ILE C 262 -35.36 29.97 26.50
N GLN C 263 -35.58 30.61 25.35
CA GLN C 263 -36.82 30.46 24.60
C GLN C 263 -37.04 29.01 24.15
N LEU C 264 -35.96 28.37 23.71
CA LEU C 264 -36.01 26.99 23.27
C LEU C 264 -36.25 26.04 24.43
N LEU C 265 -35.58 26.28 25.55
CA LEU C 265 -35.73 25.46 26.75
C LEU C 265 -37.15 25.53 27.29
N ASN C 266 -37.71 26.74 27.30
CA ASN C 266 -39.08 26.94 27.74
C ASN C 266 -40.08 26.21 26.86
N TRP C 267 -39.82 26.23 25.55
CA TRP C 267 -40.66 25.54 24.59
C TRP C 267 -40.73 24.04 24.88
N ALA C 268 -39.56 23.45 25.16
CA ALA C 268 -39.47 22.03 25.44
C ALA C 268 -40.13 21.67 26.77
N ALA C 269 -40.34 22.68 27.61
CA ALA C 269 -40.93 22.46 28.93
C ALA C 269 -42.42 22.79 28.95
N GLU C 270 -42.87 23.58 27.97
CA GLU C 270 -44.26 24.03 27.93
C GLU C 270 -45.25 22.92 27.57
N GLU C 271 -44.78 21.91 26.86
CA GLU C 271 -45.62 20.77 26.51
C GLU C 271 -44.86 19.46 26.70
N PRO C 272 -45.57 18.39 27.09
CA PRO C 272 -44.93 17.09 27.30
C PRO C 272 -44.41 16.48 26.00
N ARG C 273 -43.46 15.54 26.12
CA ARG C 273 -42.89 14.84 24.98
C ARG C 273 -42.24 15.78 23.96
N ARG C 274 -41.55 16.80 24.46
CA ARG C 274 -40.76 17.69 23.62
C ARG C 274 -39.28 17.54 23.97
N TYR C 275 -38.46 17.27 22.96
CA TYR C 275 -37.04 17.04 23.19
C TYR C 275 -36.18 17.96 22.33
N ILE C 276 -34.99 18.28 22.83
CA ILE C 276 -34.03 19.08 22.07
C ILE C 276 -32.70 18.36 21.95
N ILE C 277 -32.32 18.01 20.72
CA ILE C 277 -31.04 17.36 20.48
C ILE C 277 -29.96 18.40 20.22
N GLU C 278 -29.04 18.53 21.18
CA GLU C 278 -27.95 19.48 21.05
C GLU C 278 -26.72 18.82 20.43
N ASP C 279 -26.31 19.32 19.27
CA ASP C 279 -25.18 18.74 18.55
C ASP C 279 -23.89 19.51 18.78
N ASP C 280 -23.11 19.06 19.75
CA ASP C 280 -21.80 19.63 20.02
C ASP C 280 -20.73 18.96 19.16
N TYR C 281 -19.86 19.76 18.55
CA TYR C 281 -18.84 19.22 17.66
C TYR C 281 -17.54 20.03 17.71
N ASP C 282 -17.66 21.35 17.86
CA ASP C 282 -16.49 22.21 17.94
C ASP C 282 -16.63 23.24 19.05
N SER C 283 -17.17 22.80 20.18
CA SER C 283 -17.47 23.70 21.29
C SER C 283 -16.22 24.05 22.11
N GLU C 284 -15.23 23.18 22.10
CA GLU C 284 -14.01 23.39 22.88
C GLU C 284 -13.04 24.32 22.19
N PHE C 285 -13.45 24.87 21.05
CA PHE C 285 -12.58 25.75 20.28
C PHE C 285 -13.16 27.16 20.14
N THR C 286 -12.91 27.99 21.16
CA THR C 286 -13.24 29.41 21.11
C THR C 286 -11.95 30.21 21.28
N TYR C 287 -11.79 31.27 20.50
CA TYR C 287 -10.51 31.97 20.43
C TYR C 287 -10.53 33.35 21.08
N ASP C 288 -11.70 33.99 21.11
CA ASP C 288 -11.83 35.31 21.71
C ASP C 288 -12.26 35.22 23.17
N VAL C 289 -13.14 34.26 23.46
CA VAL C 289 -13.66 34.08 24.81
C VAL C 289 -13.48 32.64 25.28
N ASP C 290 -13.94 32.36 26.50
CA ASP C 290 -13.87 31.01 27.06
C ASP C 290 -14.89 30.09 26.42
N SER C 291 -14.83 28.81 26.79
CA SER C 291 -15.77 27.82 26.28
C SER C 291 -17.17 28.09 26.81
N ILE C 292 -18.06 28.55 25.93
CA ILE C 292 -19.42 28.93 26.31
C ILE C 292 -20.21 27.75 26.89
N PRO C 293 -20.72 27.92 28.11
CA PRO C 293 -21.54 26.91 28.80
C PRO C 293 -22.64 26.36 27.90
N ALA C 294 -22.90 25.06 28.03
CA ALA C 294 -23.74 24.36 27.07
C ALA C 294 -25.24 24.60 27.32
N LEU C 295 -26.05 24.34 26.29
CA LEU C 295 -27.50 24.57 26.39
C LEU C 295 -28.14 23.63 27.40
N GLN C 296 -27.60 22.42 27.48
CA GLN C 296 -28.11 21.41 28.41
C GLN C 296 -27.85 21.82 29.85
N SER C 297 -26.84 22.66 30.06
CA SER C 297 -26.46 23.11 31.40
C SER C 297 -27.52 24.03 31.98
N LEU C 298 -28.20 24.78 31.12
CA LEU C 298 -29.25 25.69 31.56
C LEU C 298 -30.58 24.97 31.71
N ASP C 299 -30.65 23.75 31.19
CA ASP C 299 -31.87 22.95 31.24
C ASP C 299 -32.12 22.43 32.65
N ARG C 300 -33.33 22.68 33.16
CA ARG C 300 -33.71 22.25 34.50
C ARG C 300 -34.84 21.24 34.45
N PHE C 301 -35.11 20.70 33.26
CA PHE C 301 -36.29 19.85 33.08
C PHE C 301 -35.98 18.58 32.28
N GLN C 302 -34.70 18.33 32.03
CA GLN C 302 -34.25 17.11 31.35
C GLN C 302 -34.94 16.90 29.98
N ASN C 303 -34.96 17.96 29.17
CA ASN C 303 -35.55 17.87 27.83
C ASN C 303 -34.51 18.03 26.73
N VAL C 304 -33.24 18.00 27.12
CA VAL C 304 -32.16 18.17 26.16
C VAL C 304 -31.29 16.93 26.08
N ILE C 305 -31.15 16.40 24.87
CA ILE C 305 -30.24 15.29 24.61
C ILE C 305 -28.91 15.85 24.13
N TYR C 306 -27.88 15.76 24.97
CA TYR C 306 -26.56 16.27 24.62
C TYR C 306 -25.76 15.24 23.83
N MET C 307 -25.37 15.62 22.61
CA MET C 307 -24.57 14.74 21.77
C MET C 307 -23.21 15.35 21.47
N GLY C 308 -22.17 14.80 22.10
CA GLY C 308 -20.81 15.28 21.89
C GLY C 308 -19.97 14.34 21.05
N THR C 309 -18.79 14.78 20.68
CA THR C 309 -17.88 13.97 19.87
C THR C 309 -16.43 14.35 20.12
N PHE C 310 -15.53 13.42 19.82
CA PHE C 310 -14.09 13.65 19.97
C PHE C 310 -13.40 13.71 18.62
N SER C 311 -14.19 13.74 17.56
CA SER C 311 -13.66 13.71 16.19
C SER C 311 -12.89 14.98 15.85
N1 LLP C 312 -21.82 17.50 13.85
C2 LLP C 312 -21.30 18.29 12.91
C2' LLP C 312 -22.13 19.57 12.47
C3 LLP C 312 -20.05 18.03 12.33
O3 LLP C 312 -19.54 18.90 11.34
C4 LLP C 312 -19.32 16.92 12.72
C4' LLP C 312 -17.93 16.61 12.07
C5 LLP C 312 -19.91 16.09 13.72
C6 LLP C 312 -21.14 16.43 14.24
C5' LLP C 312 -19.21 14.85 14.23
OP4 LLP C 312 -19.94 13.71 13.83
P LLP C 312 -19.21 12.32 13.93
OP1 LLP C 312 -18.14 12.38 15.02
OP2 LLP C 312 -20.20 11.28 14.26
OP3 LLP C 312 -18.57 11.99 12.60
N LLP C 312 -13.36 16.11 16.36
CA LLP C 312 -12.73 17.38 16.09
CB LLP C 312 -13.76 18.49 16.18
CG LLP C 312 -14.48 18.79 14.78
CD LLP C 312 -15.81 17.95 14.61
CE LLP C 312 -16.19 17.79 13.21
NZ LLP C 312 -16.87 16.51 13.05
C LLP C 312 -11.64 17.63 17.10
O LLP C 312 -10.62 18.24 16.76
N SER C 313 -11.85 17.18 18.32
CA SER C 313 -10.88 17.38 19.39
C SER C 313 -9.62 16.57 19.17
N LEU C 314 -9.77 15.25 19.02
CA LEU C 314 -8.64 14.36 18.85
C LEU C 314 -8.40 14.05 17.37
N LEU C 315 -8.73 12.83 16.97
CA LEU C 315 -8.56 12.39 15.60
C LEU C 315 -9.91 12.22 14.90
N PRO C 316 -10.03 12.74 13.67
CA PRO C 316 -11.26 12.61 12.88
C PRO C 316 -11.50 11.17 12.45
N GLY C 317 -10.43 10.39 12.34
CA GLY C 317 -10.53 9.00 11.93
C GLY C 317 -10.78 8.06 13.10
N LEU C 318 -10.79 8.62 14.30
CA LEU C 318 -11.06 7.83 15.50
C LEU C 318 -12.57 7.65 15.68
N ARG C 319 -13.30 8.76 15.60
CA ARG C 319 -14.75 8.79 15.76
C ARG C 319 -15.23 8.11 17.04
N ILE C 320 -15.06 8.80 18.17
CA ILE C 320 -15.67 8.38 19.42
C ILE C 320 -16.66 9.46 19.86
N SER C 321 -17.94 9.15 19.76
CA SER C 321 -18.99 10.09 20.15
C SER C 321 -19.72 9.58 21.39
N TYR C 322 -20.51 10.46 22.01
CA TYR C 322 -21.30 10.08 23.17
C TYR C 322 -22.63 10.81 23.16
N MET C 323 -23.56 10.33 23.98
CA MET C 323 -24.91 10.88 24.00
C MET C 323 -25.52 10.75 25.40
N VAL C 324 -25.93 11.88 25.96
CA VAL C 324 -26.54 11.89 27.28
C VAL C 324 -28.07 11.87 27.19
N LEU C 325 -28.68 10.84 27.78
CA LEU C 325 -30.11 10.66 27.68
C LEU C 325 -30.86 11.10 28.93
N PRO C 326 -32.02 11.76 28.73
CA PRO C 326 -32.96 11.98 29.82
C PRO C 326 -33.48 10.66 30.36
N PRO C 327 -33.85 10.60 31.65
CA PRO C 327 -34.31 9.37 32.31
C PRO C 327 -35.38 8.62 31.54
N GLU C 328 -36.26 9.34 30.85
CA GLU C 328 -37.34 8.72 30.09
C GLU C 328 -36.80 7.92 28.90
N LEU C 329 -35.75 8.44 28.26
CA LEU C 329 -35.18 7.79 27.09
C LEU C 329 -34.19 6.69 27.48
N LEU C 330 -33.59 6.82 28.66
CA LEU C 330 -32.70 5.79 29.18
C LEU C 330 -33.50 4.55 29.58
N ARG C 331 -34.68 4.80 30.16
CA ARG C 331 -35.57 3.71 30.57
C ARG C 331 -36.02 2.91 29.35
N ALA C 332 -36.30 3.62 28.25
CA ALA C 332 -36.69 2.99 27.00
C ALA C 332 -35.55 2.15 26.43
N TYR C 333 -34.33 2.64 26.60
CA TYR C 333 -33.14 1.96 26.10
C TYR C 333 -32.87 0.65 26.84
N LYS C 334 -33.11 0.67 28.15
CA LYS C 334 -32.85 -0.50 28.98
C LYS C 334 -33.91 -1.58 28.79
N GLN C 335 -35.03 -1.20 28.17
CA GLN C 335 -36.10 -2.14 27.86
C GLN C 335 -35.77 -2.93 26.60
N ARG C 336 -34.70 -2.54 25.92
CA ARG C 336 -34.27 -3.22 24.71
C ARG C 336 -33.37 -4.41 25.05
N GLY C 337 -32.13 -4.12 25.42
CA GLY C 337 -31.21 -5.15 25.88
C GLY C 337 -30.61 -6.01 24.79
N TYR C 338 -30.79 -5.60 23.54
CA TYR C 338 -30.26 -6.35 22.41
C TYR C 338 -29.24 -5.53 21.62
N ASP C 339 -28.83 -4.40 22.19
CA ASP C 339 -27.86 -3.52 21.54
C ASP C 339 -26.44 -3.93 21.90
N LEU C 340 -25.48 -3.50 21.08
CA LEU C 340 -24.08 -3.81 21.30
C LEU C 340 -23.22 -2.56 21.18
N GLN C 341 -22.13 -2.51 21.94
CA GLN C 341 -21.20 -1.39 21.86
C GLN C 341 -20.49 -1.36 20.51
N THR C 342 -20.28 -0.15 19.98
CA THR C 342 -19.67 0.01 18.67
C THR C 342 -18.25 0.59 18.76
N CYS C 343 -17.80 0.88 19.97
CA CYS C 343 -16.44 1.38 20.16
C CYS C 343 -15.54 0.29 20.71
N SER C 344 -14.28 0.29 20.28
CA SER C 344 -13.30 -0.68 20.75
C SER C 344 -13.07 -0.50 22.25
N SER C 345 -13.07 -1.60 22.99
CA SER C 345 -12.85 -1.57 24.43
C SER C 345 -11.47 -1.00 24.74
N LEU C 346 -10.53 -1.27 23.86
CA LEU C 346 -9.15 -0.80 24.02
C LEU C 346 -9.05 0.71 23.82
N THR C 347 -9.83 1.24 22.88
CA THR C 347 -9.81 2.67 22.59
C THR C 347 -10.57 3.46 23.66
N GLN C 348 -11.56 2.83 24.27
CA GLN C 348 -12.30 3.46 25.36
C GLN C 348 -11.39 3.65 26.58
N LEU C 349 -10.73 2.56 26.97
CA LEU C 349 -9.81 2.60 28.10
C LEU C 349 -8.65 3.55 27.86
N THR C 350 -8.24 3.66 26.59
CA THR C 350 -7.18 4.58 26.21
C THR C 350 -7.66 6.03 26.36
N LEU C 351 -8.88 6.28 25.92
CA LEU C 351 -9.47 7.61 26.02
C LEU C 351 -9.64 8.04 27.47
N GLN C 352 -10.07 7.12 28.32
CA GLN C 352 -10.21 7.37 29.74
C GLN C 352 -8.88 7.78 30.36
N GLU C 353 -7.83 7.03 30.05
CA GLU C 353 -6.50 7.32 30.55
C GLU C 353 -5.98 8.64 29.97
N PHE C 354 -6.33 8.90 28.72
CA PHE C 354 -5.89 10.11 28.05
C PHE C 354 -6.55 11.36 28.64
N ILE C 355 -7.75 11.17 29.18
CA ILE C 355 -8.49 12.27 29.80
C ILE C 355 -8.10 12.44 31.27
N GLU C 356 -8.15 11.35 32.02
CA GLU C 356 -7.90 11.38 33.46
C GLU C 356 -6.44 11.70 33.81
N SER C 357 -5.56 11.65 32.82
CA SER C 357 -4.17 12.01 33.06
C SER C 357 -3.96 13.50 32.82
N GLY C 358 -4.95 14.15 32.23
CA GLY C 358 -4.87 15.56 31.94
C GLY C 358 -4.24 15.84 30.59
N GLU C 359 -3.87 14.77 29.90
CA GLU C 359 -3.23 14.89 28.58
C GLU C 359 -4.20 15.38 27.52
N TYR C 360 -5.49 15.20 27.76
CA TYR C 360 -6.52 15.65 26.83
C TYR C 360 -6.65 17.16 26.86
N GLN C 361 -6.89 17.70 28.05
CA GLN C 361 -7.06 19.13 28.24
C GLN C 361 -5.80 19.91 27.86
N LYS C 362 -4.65 19.25 28.01
CA LYS C 362 -3.37 19.83 27.60
C LYS C 362 -3.33 19.97 26.08
N HIS C 363 -3.86 18.95 25.39
CA HIS C 363 -3.88 18.93 23.94
C HIS C 363 -4.84 19.98 23.38
N ILE C 364 -5.96 20.16 24.06
CA ILE C 364 -6.99 21.12 23.62
C ILE C 364 -6.47 22.54 23.66
N LYS C 365 -5.75 22.89 24.72
CA LYS C 365 -5.16 24.22 24.85
C LYS C 365 -4.19 24.50 23.72
N LYS C 366 -3.38 23.49 23.38
CA LYS C 366 -2.40 23.63 22.31
C LYS C 366 -3.08 23.81 20.95
N MET C 367 -4.20 23.13 20.75
CA MET C 367 -4.95 23.22 19.51
C MET C 367 -5.72 24.54 19.42
N LYS C 368 -6.26 24.97 20.56
CA LYS C 368 -7.06 26.19 20.61
C LYS C 368 -6.22 27.41 20.26
N GLN C 369 -4.96 27.40 20.68
CA GLN C 369 -4.05 28.50 20.37
C GLN C 369 -3.47 28.37 18.97
N HIS C 370 -3.30 27.14 18.50
CA HIS C 370 -2.79 26.89 17.16
C HIS C 370 -3.82 27.27 16.11
N TYR C 371 -5.07 26.93 16.37
CA TYR C 371 -6.16 27.26 15.46
C TYR C 371 -6.51 28.74 15.50
N LYS C 372 -6.22 29.37 16.63
CA LYS C 372 -6.44 30.80 16.79
C LYS C 372 -5.54 31.59 15.85
N GLU C 373 -4.27 31.19 15.76
CA GLU C 373 -3.30 31.87 14.91
C GLU C 373 -3.53 31.54 13.44
N LYS C 374 -3.90 30.30 13.16
CA LYS C 374 -4.10 29.85 11.78
C LYS C 374 -5.28 30.55 11.12
N ARG C 375 -6.38 30.67 11.86
CA ARG C 375 -7.57 31.35 11.35
C ARG C 375 -7.29 32.84 11.16
N GLU C 376 -6.48 33.39 12.05
CA GLU C 376 -6.09 34.79 11.98
C GLU C 376 -5.23 35.04 10.74
N ARG C 377 -4.31 34.11 10.47
CA ARG C 377 -3.44 34.21 9.30
C ARG C 377 -4.21 33.95 8.01
N LEU C 378 -5.32 33.23 8.12
CA LEU C 378 -6.13 32.89 6.96
C LEU C 378 -7.04 34.04 6.55
N ILE C 379 -7.72 34.63 7.53
CA ILE C 379 -8.62 35.75 7.27
C ILE C 379 -7.83 37.01 6.87
N THR C 380 -6.55 37.02 7.23
CA THR C 380 -5.67 38.12 6.84
C THR C 380 -5.33 38.01 5.35
N ALA C 381 -5.07 36.79 4.90
CA ALA C 381 -4.74 36.54 3.50
C ALA C 381 -5.95 36.80 2.61
N LEU C 382 -7.14 36.57 3.13
CA LEU C 382 -8.37 36.82 2.39
C LEU C 382 -8.61 38.31 2.22
N GLU C 383 -8.17 39.10 3.20
CA GLU C 383 -8.34 40.55 3.16
C GLU C 383 -7.36 41.20 2.18
N ALA C 384 -6.22 40.55 1.96
CA ALA C 384 -5.17 41.11 1.14
C ALA C 384 -5.25 40.66 -0.32
N GLU C 385 -6.17 39.76 -0.60
CA GLU C 385 -6.32 39.23 -1.96
C GLU C 385 -7.65 39.60 -2.59
N PHE C 386 -8.62 39.95 -1.75
CA PHE C 386 -9.94 40.38 -2.23
C PHE C 386 -10.16 41.86 -1.97
N SER C 387 -9.53 42.38 -0.91
CA SER C 387 -9.60 43.79 -0.55
C SER C 387 -11.04 44.26 -0.32
N GLY C 388 -11.83 43.43 0.37
CA GLY C 388 -13.20 43.80 0.70
C GLY C 388 -14.22 43.25 -0.27
N GLU C 389 -13.76 42.52 -1.28
CA GLU C 389 -14.66 41.93 -2.26
C GLU C 389 -15.15 40.56 -1.80
N VAL C 390 -14.86 40.22 -0.54
CA VAL C 390 -15.33 38.98 0.06
C VAL C 390 -15.98 39.26 1.41
N THR C 391 -17.07 38.55 1.70
CA THR C 391 -17.78 38.73 2.97
C THR C 391 -17.55 37.54 3.89
N VAL C 392 -16.82 37.76 4.96
CA VAL C 392 -16.53 36.70 5.93
C VAL C 392 -17.61 36.65 7.01
N LYS C 393 -18.28 35.50 7.11
CA LYS C 393 -19.33 35.31 8.10
C LYS C 393 -18.98 34.20 9.09
N GLY C 394 -19.65 34.20 10.24
CA GLY C 394 -19.39 33.23 11.28
C GLY C 394 -18.57 33.81 12.40
N ALA C 395 -18.81 33.34 13.62
CA ALA C 395 -18.09 33.82 14.79
C ALA C 395 -16.63 33.37 14.78
N ASN C 396 -15.81 33.99 15.62
CA ASN C 396 -14.41 33.62 15.73
C ASN C 396 -14.24 32.39 16.63
N ALA C 397 -14.82 31.27 16.18
CA ALA C 397 -14.74 30.03 16.92
C ALA C 397 -14.96 28.85 15.99
N GLY C 398 -14.62 27.65 16.45
CA GLY C 398 -14.77 26.45 15.65
C GLY C 398 -13.64 26.25 14.67
N LEU C 399 -13.88 25.43 13.66
CA LEU C 399 -12.85 25.11 12.68
C LEU C 399 -13.30 25.48 11.27
N HIS C 400 -14.25 26.39 11.16
CA HIS C 400 -14.79 26.79 9.87
C HIS C 400 -15.52 28.13 9.91
N PHE C 401 -15.59 28.78 8.75
CA PHE C 401 -16.42 29.97 8.59
C PHE C 401 -16.95 30.05 7.16
N VAL C 402 -17.72 31.10 6.87
CA VAL C 402 -18.36 31.24 5.56
C VAL C 402 -17.84 32.47 4.82
N THR C 403 -17.67 32.35 3.51
CA THR C 403 -17.24 33.47 2.68
C THR C 403 -18.17 33.68 1.49
N GLU C 404 -18.74 34.88 1.39
CA GLU C 404 -19.63 35.21 0.29
C GLU C 404 -18.94 36.10 -0.73
N PHE C 405 -19.32 35.97 -1.99
CA PHE C 405 -18.68 36.71 -3.08
C PHE C 405 -19.70 37.50 -3.90
N ASP C 406 -19.19 38.40 -4.75
CA ASP C 406 -20.03 39.22 -5.60
C ASP C 406 -19.64 39.04 -7.06
N THR C 407 -20.07 37.94 -7.67
CA THR C 407 -19.74 37.65 -9.06
C THR C 407 -20.96 37.19 -9.83
N ARG C 408 -20.82 37.12 -11.16
CA ARG C 408 -21.87 36.59 -12.02
C ARG C 408 -21.74 35.07 -12.09
N ARG C 409 -20.68 34.55 -11.48
CA ARG C 409 -20.44 33.12 -11.41
C ARG C 409 -21.47 32.41 -10.55
N THR C 410 -22.03 31.33 -11.05
CA THR C 410 -22.96 30.52 -10.27
C THR C 410 -22.16 29.70 -9.27
N GLU C 411 -22.85 28.98 -8.39
CA GLU C 411 -22.16 28.18 -7.38
C GLU C 411 -21.73 26.85 -7.97
N GLN C 412 -22.33 26.48 -9.10
CA GLN C 412 -22.02 25.21 -9.75
C GLN C 412 -20.66 25.24 -10.46
N ASP C 413 -20.29 26.40 -11.01
CA ASP C 413 -18.99 26.52 -11.65
C ASP C 413 -17.90 26.62 -10.59
N ILE C 414 -17.32 27.81 -10.42
CA ILE C 414 -16.24 28.14 -9.48
C ILE C 414 -15.66 26.99 -8.63
N LEU C 415 -16.53 26.22 -7.99
CA LEU C 415 -16.13 25.01 -7.29
C LEU C 415 -15.47 24.03 -8.26
N SER C 416 -15.92 24.07 -9.51
CA SER C 416 -15.33 23.26 -10.57
C SER C 416 -14.03 23.88 -11.08
N HIS C 417 -13.97 25.21 -11.07
CA HIS C 417 -12.73 25.91 -11.41
C HIS C 417 -11.67 25.62 -10.36
N ALA C 418 -12.10 25.53 -9.11
CA ALA C 418 -11.21 25.20 -8.01
C ALA C 418 -10.71 23.77 -8.13
N ALA C 419 -11.55 22.90 -8.71
CA ALA C 419 -11.17 21.52 -8.96
C ALA C 419 -10.07 21.44 -10.01
N GLY C 420 -10.13 22.36 -10.98
CA GLY C 420 -9.11 22.44 -12.01
C GLY C 420 -7.85 23.09 -11.49
N LEU C 421 -7.97 23.79 -10.36
CA LEU C 421 -6.83 24.43 -9.71
C LEU C 421 -6.37 23.62 -8.51
N GLN C 422 -6.82 22.37 -8.43
CA GLN C 422 -6.48 21.46 -7.34
C GLN C 422 -6.78 22.07 -5.98
N LEU C 423 -8.03 22.50 -5.80
CA LEU C 423 -8.45 23.15 -4.56
C LEU C 423 -9.75 22.53 -4.04
N GLU C 424 -9.66 21.81 -2.92
CA GLU C 424 -10.84 21.19 -2.34
C GLU C 424 -11.60 22.17 -1.46
N ILE C 425 -12.83 22.48 -1.85
CA ILE C 425 -13.68 23.39 -1.11
C ILE C 425 -15.15 23.12 -1.46
N PHE C 426 -16.04 23.33 -0.50
CA PHE C 426 -17.45 23.03 -0.69
C PHE C 426 -18.32 24.28 -0.67
N GLY C 427 -19.42 24.24 -1.42
CA GLY C 427 -20.36 25.34 -1.45
C GLY C 427 -21.40 25.24 -0.35
N MET C 428 -22.01 26.38 -0.02
CA MET C 428 -22.99 26.44 1.07
C MET C 428 -24.34 25.85 0.68
N SER C 429 -24.56 25.67 -0.61
CA SER C 429 -25.83 25.14 -1.11
C SER C 429 -26.00 23.68 -0.73
N ARG C 430 -24.90 23.01 -0.39
CA ARG C 430 -24.93 21.63 0.04
C ARG C 430 -25.75 21.45 1.31
N PHE C 431 -25.58 22.38 2.25
CA PHE C 431 -26.20 22.27 3.57
C PHE C 431 -27.66 22.74 3.55
N ASN C 432 -28.14 23.11 2.36
CA ASN C 432 -29.55 23.45 2.20
C ASN C 432 -30.41 22.18 2.14
N LEU C 433 -31.15 21.94 3.23
CA LEU C 433 -32.03 20.79 3.29
C LEU C 433 -33.11 20.90 2.24
N LYS C 434 -33.74 22.08 2.18
CA LYS C 434 -34.71 22.39 1.14
C LYS C 434 -34.46 23.80 0.61
N GLU C 435 -34.07 23.89 -0.66
CA GLU C 435 -33.76 25.18 -1.27
C GLU C 435 -35.04 25.89 -1.70
N THR C 440 -28.03 31.08 -3.08
CA THR C 440 -29.35 31.27 -3.66
C THR C 440 -29.42 32.22 -4.87
N GLY C 441 -28.80 33.41 -4.86
CA GLY C 441 -27.99 33.94 -3.78
C GLY C 441 -26.90 34.89 -4.25
N ARG C 442 -25.72 34.33 -4.55
CA ARG C 442 -25.49 32.90 -4.46
C ARG C 442 -24.09 32.50 -3.99
N PRO C 443 -23.01 33.04 -4.61
CA PRO C 443 -21.68 32.50 -4.28
C PRO C 443 -21.28 32.61 -2.82
N ALA C 444 -21.55 31.55 -2.06
CA ALA C 444 -21.12 31.45 -0.68
C ALA C 444 -20.44 30.11 -0.45
N LEU C 445 -19.24 30.15 0.13
CA LEU C 445 -18.46 28.93 0.33
C LEU C 445 -18.10 28.73 1.80
N ILE C 446 -18.25 27.50 2.28
CA ILE C 446 -17.80 27.15 3.62
C ILE C 446 -16.31 26.82 3.57
N ILE C 447 -15.56 27.35 4.53
CA ILE C 447 -14.12 27.16 4.54
C ILE C 447 -13.61 26.64 5.88
N GLY C 448 -13.14 25.40 5.88
CA GLY C 448 -12.54 24.80 7.05
C GLY C 448 -11.04 24.93 7.00
N PHE C 449 -10.40 25.13 8.15
CA PHE C 449 -8.96 25.35 8.21
C PHE C 449 -8.26 24.40 9.17
N ALA C 450 -8.95 23.32 9.54
CA ALA C 450 -8.39 22.37 10.50
C ALA C 450 -7.20 21.61 9.93
N ARG C 451 -7.33 21.17 8.68
CA ARG C 451 -6.28 20.41 8.01
C ARG C 451 -5.27 21.32 7.32
N LEU C 452 -5.74 22.51 6.92
CA LEU C 452 -4.94 23.47 6.19
C LEU C 452 -3.64 23.83 6.92
N LYS C 453 -2.54 23.86 6.19
CA LYS C 453 -1.26 24.25 6.75
C LYS C 453 -0.95 25.71 6.48
N GLU C 454 -0.22 26.36 7.38
CA GLU C 454 0.11 27.77 7.23
C GLU C 454 1.09 27.97 6.08
N GLU C 455 1.75 26.89 5.67
CA GLU C 455 2.70 26.94 4.58
C GLU C 455 2.01 27.01 3.22
N ASP C 456 0.72 26.67 3.19
CA ASP C 456 -0.04 26.62 1.95
C ASP C 456 -1.22 27.59 1.95
N ILE C 457 -1.19 28.57 2.84
CA ILE C 457 -2.27 29.55 2.94
C ILE C 457 -2.23 30.53 1.78
N GLN C 458 -1.05 31.09 1.52
CA GLN C 458 -0.88 32.08 0.46
C GLN C 458 -1.26 31.54 -0.91
N GLU C 459 -0.82 30.32 -1.20
CA GLU C 459 -1.13 29.67 -2.46
C GLU C 459 -2.60 29.26 -2.52
N GLY C 460 -3.13 28.85 -1.37
CA GLY C 460 -4.52 28.43 -1.29
C GLY C 460 -5.49 29.56 -1.56
N VAL C 461 -5.23 30.71 -0.96
CA VAL C 461 -6.06 31.89 -1.16
C VAL C 461 -5.88 32.43 -2.58
N GLN C 462 -4.66 32.30 -3.11
CA GLN C 462 -4.37 32.75 -4.47
C GLN C 462 -5.12 31.91 -5.50
N ARG C 463 -5.26 30.62 -5.21
CA ARG C 463 -6.03 29.72 -6.07
C ARG C 463 -7.52 29.92 -5.86
N LEU C 464 -7.89 30.44 -4.70
CA LEU C 464 -9.30 30.64 -4.36
C LEU C 464 -9.96 31.65 -5.30
N PHE C 465 -9.21 32.68 -5.69
CA PHE C 465 -9.75 33.65 -6.64
C PHE C 465 -9.20 33.41 -8.04
N LYS C 466 -9.94 33.87 -9.03
CA LYS C 466 -9.63 33.64 -10.45
C LYS C 466 -9.42 32.16 -10.80
N ALA C 467 -10.48 31.35 -10.75
CA ALA C 467 -11.79 31.71 -10.20
C ALA C 467 -11.77 31.36 -8.71
N VAL C 468 -12.58 32.02 -7.87
CA VAL C 468 -13.65 32.94 -8.27
C VAL C 468 -13.16 34.30 -8.76
N TYR C 469 -13.91 34.91 -9.66
CA TYR C 469 -13.63 36.26 -10.15
C TYR C 469 -12.26 36.36 -10.82
N ASP D 2 -26.89 47.10 41.61
CA ASP D 2 -26.30 47.18 42.95
C ASP D 2 -26.16 45.79 43.55
N ILE D 3 -25.01 45.17 43.32
CA ILE D 3 -24.76 43.81 43.81
C ILE D 3 -23.43 43.72 44.55
N THR D 4 -23.23 42.61 45.26
CA THR D 4 -21.97 42.36 45.97
C THR D 4 -21.15 41.29 45.24
N ILE D 5 -19.89 41.61 44.97
CA ILE D 5 -19.03 40.69 44.24
C ILE D 5 -17.79 40.30 45.05
N THR D 6 -17.72 39.03 45.43
CA THR D 6 -16.58 38.52 46.17
C THR D 6 -15.58 37.85 45.23
N LEU D 7 -14.31 38.20 45.36
CA LEU D 7 -13.28 37.68 44.49
C LEU D 7 -12.25 36.83 45.24
N ASP D 8 -12.01 35.62 44.73
CA ASP D 8 -10.97 34.76 45.27
C ASP D 8 -9.72 34.87 44.42
N ARG D 9 -8.81 35.75 44.83
CA ARG D 9 -7.59 36.00 44.06
C ARG D 9 -6.62 34.83 44.12
N SER D 10 -6.94 33.84 44.96
CA SER D 10 -6.20 32.58 44.96
C SER D 10 -6.70 31.72 43.81
N GLU D 11 -6.38 32.13 42.59
CA GLU D 11 -6.89 31.50 41.38
C GLU D 11 -6.47 30.04 41.26
N GLN D 12 -6.99 29.20 42.14
CA GLN D 12 -6.72 27.77 42.11
C GLN D 12 -7.92 27.02 41.57
N ALA D 13 -8.98 27.76 41.23
CA ALA D 13 -10.16 27.19 40.61
C ALA D 13 -10.47 27.94 39.32
N ASP D 14 -11.18 29.05 39.45
CA ASP D 14 -11.46 29.92 38.31
C ASP D 14 -10.69 31.23 38.44
N TYR D 15 -10.26 31.78 37.32
CA TYR D 15 -9.58 33.08 37.31
C TYR D 15 -10.54 34.17 37.78
N ILE D 16 -9.99 35.31 38.17
CA ILE D 16 -10.80 36.40 38.71
C ILE D 16 -11.78 36.93 37.67
N TYR D 17 -11.37 36.96 36.40
CA TYR D 17 -12.24 37.43 35.33
C TYR D 17 -13.34 36.41 35.08
N GLN D 18 -13.03 35.15 35.34
CA GLN D 18 -14.01 34.08 35.22
C GLN D 18 -15.02 34.16 36.36
N GLN D 19 -14.55 34.56 37.53
CA GLN D 19 -15.42 34.73 38.69
C GLN D 19 -16.38 35.89 38.49
N ILE D 20 -15.97 36.86 37.68
CA ILE D 20 -16.76 38.07 37.46
C ILE D 20 -17.98 37.82 36.59
N TYR D 21 -17.78 37.24 35.41
CA TYR D 21 -18.91 37.05 34.49
C TYR D 21 -19.82 35.92 34.99
N GLN D 22 -19.26 35.00 35.76
CA GLN D 22 -20.07 33.96 36.39
C GLN D 22 -20.99 34.56 37.44
N LYS D 23 -20.46 35.49 38.21
CA LYS D 23 -21.25 36.19 39.23
C LYS D 23 -22.27 37.10 38.56
N LEU D 24 -21.89 37.70 37.45
CA LEU D 24 -22.79 38.57 36.70
C LEU D 24 -23.88 37.77 35.99
N LYS D 25 -23.53 36.58 35.53
CA LYS D 25 -24.52 35.68 34.95
C LYS D 25 -25.60 35.36 35.97
N LYS D 26 -25.17 35.05 37.19
CA LYS D 26 -26.07 34.66 38.27
C LYS D 26 -27.02 35.79 38.65
N GLU D 27 -26.51 37.01 38.69
CA GLU D 27 -27.31 38.16 39.10
C GLU D 27 -28.28 38.61 38.01
N ILE D 28 -27.98 38.25 36.76
CA ILE D 28 -28.87 38.55 35.65
C ILE D 28 -30.01 37.53 35.59
N LEU D 29 -29.66 36.26 35.77
CA LEU D 29 -30.65 35.19 35.75
C LEU D 29 -31.56 35.23 36.98
N SER D 30 -31.05 35.78 38.07
CA SER D 30 -31.83 35.88 39.31
C SER D 30 -32.66 37.15 39.32
N ARG D 31 -32.56 37.93 38.25
CA ARG D 31 -33.29 39.19 38.09
C ARG D 31 -32.97 40.19 39.20
N ASN D 32 -31.84 40.00 39.87
CA ASN D 32 -31.37 40.96 40.85
C ASN D 32 -30.72 42.15 40.16
N LEU D 33 -30.31 41.91 38.92
CA LEU D 33 -29.78 42.96 38.06
C LEU D 33 -30.74 43.16 36.88
N LEU D 34 -31.61 44.15 37.01
CA LEU D 34 -32.70 44.39 36.08
C LEU D 34 -32.27 44.50 34.63
N PRO D 35 -33.13 44.05 33.70
CA PRO D 35 -32.88 44.16 32.26
C PRO D 35 -32.71 45.62 31.82
N HIS D 36 -31.91 45.83 30.77
CA HIS D 36 -31.65 47.16 30.22
C HIS D 36 -31.04 48.13 31.23
N SER D 37 -30.40 47.59 32.27
CA SER D 37 -29.71 48.43 33.25
C SER D 37 -28.24 48.57 32.87
N LYS D 38 -27.72 49.79 32.99
CA LYS D 38 -26.36 50.07 32.57
C LYS D 38 -25.33 49.37 33.47
N VAL D 39 -24.40 48.66 32.83
CA VAL D 39 -23.31 47.99 33.53
C VAL D 39 -22.14 48.95 33.67
N PRO D 40 -21.55 49.02 34.88
CA PRO D 40 -20.39 49.89 35.16
C PRO D 40 -19.29 49.78 34.11
N SER D 41 -18.59 50.90 33.87
CA SER D 41 -17.54 50.94 32.87
C SER D 41 -16.45 49.92 33.16
N LYS D 42 -15.72 49.51 32.11
CA LYS D 42 -14.64 48.55 32.26
C LYS D 42 -13.56 49.09 33.18
N ARG D 43 -13.41 50.41 33.19
CA ARG D 43 -12.47 51.07 34.09
C ARG D 43 -13.08 51.24 35.48
N GLU D 44 -14.36 51.55 35.52
CA GLU D 44 -15.07 51.77 36.78
C GLU D 44 -15.21 50.50 37.61
N LEU D 45 -15.55 49.40 36.95
CA LEU D 45 -15.70 48.11 37.63
C LEU D 45 -14.34 47.60 38.10
N ALA D 46 -13.30 47.96 37.37
CA ALA D 46 -11.94 47.56 37.72
C ALA D 46 -11.46 48.24 38.99
N GLU D 47 -11.78 49.53 39.13
CA GLU D 47 -11.36 50.29 40.30
C GLU D 47 -12.13 49.87 41.54
N ASN D 48 -13.37 49.46 41.35
CA ASN D 48 -14.22 49.04 42.47
C ASN D 48 -13.81 47.68 43.02
N LEU D 49 -13.35 46.80 42.13
CA LEU D 49 -12.98 45.44 42.52
C LEU D 49 -11.47 45.32 42.71
N LYS D 50 -10.76 46.42 42.49
CA LYS D 50 -9.30 46.46 42.61
C LYS D 50 -8.62 45.42 41.73
N VAL D 51 -9.16 45.23 40.53
CA VAL D 51 -8.56 44.31 39.56
C VAL D 51 -8.21 45.07 38.28
N SER D 52 -7.38 44.47 37.44
CA SER D 52 -6.98 45.10 36.19
C SER D 52 -8.17 45.20 35.24
N VAL D 53 -8.14 46.20 34.36
CA VAL D 53 -9.21 46.42 33.40
C VAL D 53 -9.24 45.29 32.38
N ASN D 54 -8.07 44.72 32.10
CA ASN D 54 -7.96 43.60 31.17
C ASN D 54 -8.73 42.38 31.66
N SER D 55 -8.88 42.27 32.98
CA SER D 55 -9.67 41.21 33.57
C SER D 55 -11.15 41.48 33.38
N VAL D 56 -11.57 42.71 33.71
CA VAL D 56 -12.96 43.13 33.54
C VAL D 56 -13.37 43.04 32.07
N ASN D 57 -12.45 43.38 31.18
CA ASN D 57 -12.69 43.35 29.74
C ASN D 57 -13.04 41.95 29.25
N SER D 58 -12.22 40.97 29.62
CA SER D 58 -12.46 39.57 29.22
C SER D 58 -13.76 39.03 29.80
N ALA D 59 -14.14 39.55 30.97
CA ALA D 59 -15.38 39.14 31.60
C ALA D 59 -16.59 39.71 30.85
N TYR D 60 -16.43 40.93 30.35
CA TYR D 60 -17.48 41.57 29.56
C TYR D 60 -17.61 40.92 28.19
N GLN D 61 -16.49 40.58 27.58
CA GLN D 61 -16.48 39.94 26.27
C GLN D 61 -17.23 38.61 26.31
N GLN D 62 -17.08 37.89 27.42
CA GLN D 62 -17.75 36.62 27.61
C GLN D 62 -19.26 36.80 27.65
N LEU D 63 -19.70 37.80 28.40
CA LEU D 63 -21.12 38.09 28.55
C LEU D 63 -21.73 38.61 27.26
N LEU D 64 -20.99 39.48 26.56
CA LEU D 64 -21.45 40.04 25.30
C LEU D 64 -21.61 38.95 24.24
N ALA D 65 -20.68 38.00 24.24
CA ALA D 65 -20.69 36.91 23.26
C ALA D 65 -21.84 35.95 23.53
N GLU D 66 -22.05 35.60 24.79
CA GLU D 66 -23.10 34.66 25.16
C GLU D 66 -24.48 35.30 25.09
N GLY D 67 -24.52 36.63 25.15
CA GLY D 67 -25.76 37.36 25.03
C GLY D 67 -26.36 37.78 26.37
N TYR D 68 -25.55 37.81 27.41
CA TYR D 68 -26.00 38.29 28.71
C TYR D 68 -25.97 39.81 28.74
N LEU D 69 -25.06 40.39 27.97
CA LEU D 69 -24.98 41.84 27.82
C LEU D 69 -25.04 42.22 26.35
N TYR D 70 -25.48 43.44 26.08
CA TYR D 70 -25.43 43.98 24.72
C TYR D 70 -24.78 45.36 24.73
N ALA D 71 -24.00 45.65 23.70
CA ALA D 71 -23.23 46.89 23.66
C ALA D 71 -23.86 47.95 22.79
N ILE D 72 -23.91 49.17 23.31
CA ILE D 72 -24.37 50.33 22.54
C ILE D 72 -23.16 51.22 22.26
N GLU D 73 -23.12 51.82 21.07
CA GLU D 73 -21.97 52.62 20.63
C GLU D 73 -21.53 53.68 21.65
N ARG D 74 -22.47 54.16 22.44
CA ARG D 74 -22.16 55.06 23.54
C ARG D 74 -21.93 54.24 24.81
N LYS D 75 -20.93 53.36 24.74
CA LYS D 75 -20.69 52.30 25.73
C LYS D 75 -20.63 52.76 27.19
N GLY D 76 -21.69 52.48 27.95
CA GLY D 76 -22.92 51.91 27.41
C GLY D 76 -23.01 50.40 27.26
N PHE D 77 -22.66 49.67 28.32
CA PHE D 77 -22.91 48.24 28.36
C PHE D 77 -24.14 47.97 29.20
N PHE D 78 -25.12 47.30 28.61
CA PHE D 78 -26.41 47.09 29.28
C PHE D 78 -26.76 45.62 29.42
N VAL D 79 -27.51 45.29 30.47
CA VAL D 79 -27.97 43.93 30.69
C VAL D 79 -29.05 43.55 29.69
N GLU D 80 -28.86 42.40 29.05
CA GLU D 80 -29.80 41.92 28.04
C GLU D 80 -31.12 41.49 28.66
N GLU D 81 -32.22 41.77 27.96
CA GLU D 81 -33.54 41.36 28.41
C GLU D 81 -33.75 39.88 28.16
N LEU D 82 -33.80 39.10 29.24
CA LEU D 82 -33.97 37.66 29.14
C LEU D 82 -35.34 37.21 29.65
N ASP D 83 -35.94 36.25 28.95
CA ASP D 83 -37.19 35.66 29.40
C ASP D 83 -36.94 34.78 30.62
N MET D 84 -37.94 34.71 31.50
CA MET D 84 -37.85 33.83 32.66
C MET D 84 -38.11 32.39 32.25
N PHE D 85 -37.60 31.44 33.03
CA PHE D 85 -37.83 30.03 32.77
C PHE D 85 -39.30 29.69 33.00
N SER D 86 -39.95 29.14 31.97
CA SER D 86 -41.37 28.83 32.01
C SER D 86 -41.73 27.90 33.16
N ALA D 87 -40.92 26.87 33.35
CA ALA D 87 -41.06 25.95 34.48
C ALA D 87 -42.47 25.38 34.64
N GLU D 88 -42.95 24.68 33.63
CA GLU D 88 -44.26 24.05 33.70
C GLU D 88 -44.28 22.95 34.74
N GLU D 89 -43.49 21.90 34.49
CA GLU D 89 -43.38 20.78 35.41
C GLU D 89 -41.93 20.40 35.65
N HIS D 90 -41.55 20.24 36.91
CA HIS D 90 -40.18 19.87 37.24
C HIS D 90 -40.06 18.35 37.45
N PRO D 91 -39.21 17.69 36.65
CA PRO D 91 -39.01 16.25 36.73
C PRO D 91 -38.07 15.86 37.86
N PRO D 92 -38.22 14.63 38.38
CA PRO D 92 -37.35 14.12 39.45
C PRO D 92 -35.96 13.77 38.93
N PHE D 93 -35.00 13.61 39.84
CA PHE D 93 -33.65 13.20 39.44
C PHE D 93 -33.63 11.74 39.04
N ALA D 94 -32.44 11.24 38.74
CA ALA D 94 -32.27 9.86 38.28
C ALA D 94 -32.75 8.85 39.33
N LEU D 95 -33.81 8.12 38.99
CA LEU D 95 -34.34 7.08 39.86
C LEU D 95 -33.35 5.93 40.03
N PRO D 96 -33.34 5.31 41.23
CA PRO D 96 -32.51 4.14 41.55
C PRO D 96 -32.76 2.96 40.61
N ASP D 97 -33.91 2.96 39.96
CA ASP D 97 -34.26 1.92 38.99
C ASP D 97 -33.32 1.93 37.79
N ASP D 98 -32.95 3.13 37.34
CA ASP D 98 -32.07 3.26 36.18
C ASP D 98 -30.66 3.63 36.64
N LEU D 99 -30.47 3.75 37.94
CA LEU D 99 -29.19 4.14 38.51
C LEU D 99 -28.19 2.98 38.44
N LYS D 100 -27.71 2.55 39.61
CA LYS D 100 -26.77 1.44 39.67
C LYS D 100 -27.44 0.14 39.18
N GLU D 101 -26.80 -0.67 38.34
CA GLU D 101 -25.43 -0.55 37.79
C GLU D 101 -24.34 -0.37 38.86
N ILE D 102 -24.30 -1.31 39.80
CA ILE D 102 -23.29 -1.29 40.86
C ILE D 102 -22.19 -2.29 40.52
N HIS D 103 -20.98 -2.01 40.99
CA HIS D 103 -19.83 -2.85 40.69
C HIS D 103 -19.99 -4.26 41.27
N ILE D 104 -20.38 -5.20 40.43
CA ILE D 104 -20.50 -6.60 40.85
C ILE D 104 -19.16 -7.31 40.69
N ASP D 105 -18.98 -8.39 41.44
CA ASP D 105 -17.72 -9.12 41.43
C ASP D 105 -17.86 -10.47 40.73
N GLN D 106 -16.94 -10.75 39.81
CA GLN D 106 -16.97 -12.01 39.07
C GLN D 106 -16.08 -13.05 39.76
N SER D 107 -16.30 -13.22 41.07
CA SER D 107 -15.54 -14.21 41.83
C SER D 107 -16.37 -15.49 41.99
N ASP D 108 -15.70 -16.63 41.83
CA ASP D 108 -16.34 -17.94 41.87
C ASP D 108 -17.48 -18.00 40.85
N TRP D 109 -17.25 -17.38 39.70
CA TRP D 109 -18.29 -17.25 38.69
C TRP D 109 -17.75 -17.52 37.29
N ILE D 110 -18.03 -18.71 36.77
CA ILE D 110 -17.60 -19.09 35.43
C ILE D 110 -18.75 -18.93 34.45
N SER D 111 -18.42 -18.87 33.16
CA SER D 111 -19.43 -18.55 32.15
C SER D 111 -19.40 -19.47 30.93
N PHE D 112 -20.58 -19.79 30.43
CA PHE D 112 -20.73 -20.55 29.20
C PHE D 112 -21.32 -19.67 28.10
N SER D 113 -20.99 -18.38 28.16
CA SER D 113 -21.52 -17.41 27.21
C SER D 113 -20.92 -17.59 25.83
N HIS D 114 -21.74 -17.34 24.81
CA HIS D 114 -21.32 -17.48 23.42
C HIS D 114 -20.90 -16.13 22.83
N MET D 115 -20.88 -15.10 23.68
CA MET D 115 -20.63 -13.74 23.22
C MET D 115 -19.29 -13.19 23.70
N SER D 116 -18.24 -13.99 23.55
CA SER D 116 -16.90 -13.56 23.96
C SER D 116 -15.82 -14.43 23.32
N SER D 117 -14.58 -14.24 23.76
CA SER D 117 -13.45 -15.01 23.26
C SER D 117 -12.29 -15.02 24.25
N ASP D 118 -11.36 -15.93 24.06
CA ASP D 118 -10.20 -16.06 24.94
C ASP D 118 -9.30 -14.83 24.86
N THR D 119 -9.37 -14.00 25.88
CA THR D 119 -8.53 -12.81 25.97
C THR D 119 -7.17 -13.16 26.57
N ASP D 120 -7.09 -14.32 27.21
CA ASP D 120 -5.85 -14.77 27.84
C ASP D 120 -4.89 -15.36 26.81
N HIS D 121 -5.41 -15.72 25.65
CA HIS D 121 -4.60 -16.35 24.61
C HIS D 121 -4.42 -15.45 23.39
N PHE D 122 -4.66 -14.15 23.58
CA PHE D 122 -4.47 -13.20 22.49
C PHE D 122 -3.10 -12.53 22.58
N PRO D 123 -2.35 -12.55 21.47
CA PRO D 123 -1.02 -11.92 21.41
C PRO D 123 -1.11 -10.40 21.42
N ILE D 124 -1.44 -9.83 22.56
CA ILE D 124 -1.63 -8.39 22.69
C ILE D 124 -0.31 -7.64 22.47
N LYS D 125 0.80 -8.29 22.77
CA LYS D 125 2.11 -7.69 22.56
C LYS D 125 2.40 -7.56 21.06
N SER D 126 1.88 -8.50 20.28
CA SER D 126 2.05 -8.47 18.83
C SER D 126 1.09 -7.47 18.20
N TRP D 127 -0.09 -7.33 18.79
CA TRP D 127 -1.10 -6.40 18.31
C TRP D 127 -0.65 -4.95 18.52
N PHE D 128 -0.02 -4.69 19.66
CA PHE D 128 0.52 -3.37 19.96
C PHE D 128 1.70 -3.05 19.05
N ARG D 129 2.49 -4.06 18.74
CA ARG D 129 3.65 -3.90 17.86
C ARG D 129 3.20 -3.53 16.45
N CYS D 130 2.11 -4.13 16.01
CA CYS D 130 1.56 -3.84 14.69
C CYS D 130 0.87 -2.47 14.65
N GLU D 131 0.36 -2.05 15.81
CA GLU D 131 -0.32 -0.76 15.89
C GLU D 131 0.68 0.40 15.79
N GLN D 132 1.81 0.26 16.46
CA GLN D 132 2.85 1.29 16.45
C GLN D 132 3.49 1.38 15.06
N LYS D 133 3.58 0.24 14.38
CA LYS D 133 4.11 0.20 13.03
C LYS D 133 3.11 0.79 12.04
N ALA D 134 1.83 0.67 12.36
CA ALA D 134 0.78 1.21 11.50
C ALA D 134 0.76 2.74 11.59
N ALA D 135 1.08 3.27 12.75
CA ALA D 135 1.12 4.72 12.95
C ALA D 135 2.39 5.31 12.34
N SER D 136 3.48 4.56 12.41
CA SER D 136 4.75 4.98 11.85
C SER D 136 4.79 4.75 10.34
N ARG D 137 3.73 4.15 9.81
CA ARG D 137 3.63 3.88 8.38
C ARG D 137 2.85 4.98 7.67
N SER D 138 2.04 5.70 8.43
CA SER D 138 1.15 6.70 7.86
C SER D 138 1.62 8.12 8.13
N TYR D 139 1.46 8.57 9.37
CA TYR D 139 1.70 9.95 9.77
C TYR D 139 0.83 10.91 8.94
N ARG D 140 -0.31 10.41 8.49
CA ARG D 140 -1.21 11.20 7.66
C ARG D 140 -2.64 11.13 8.18
N THR D 141 -3.30 10.01 7.91
CA THR D 141 -4.69 9.77 8.34
C THR D 141 -5.61 10.94 8.00
N LEU D 142 -6.20 11.54 9.03
CA LEU D 142 -7.07 12.69 8.86
C LEU D 142 -8.35 12.32 8.14
N GLY D 143 -8.81 13.21 7.27
CA GLY D 143 -10.02 12.98 6.51
C GLY D 143 -9.75 12.23 5.22
N ASP D 144 -8.47 12.09 4.89
CA ASP D 144 -8.06 11.37 3.69
C ASP D 144 -8.25 9.87 3.86
N MET D 145 -7.85 9.35 5.03
CA MET D 145 -7.99 7.94 5.33
C MET D 145 -9.27 7.66 6.10
N SER D 146 -10.26 8.52 5.89
CA SER D 146 -11.57 8.36 6.50
C SER D 146 -12.61 7.98 5.44
N HIS D 147 -12.18 7.14 4.50
CA HIS D 147 -13.05 6.69 3.41
C HIS D 147 -14.25 5.93 3.96
N PRO D 148 -15.47 6.31 3.51
CA PRO D 148 -16.75 5.78 3.98
C PRO D 148 -16.84 4.26 4.01
N GLN D 149 -16.16 3.59 3.07
CA GLN D 149 -16.17 2.13 3.00
C GLN D 149 -15.01 1.53 3.78
N GLY D 150 -14.13 2.39 4.28
CA GLY D 150 -12.94 1.95 4.97
C GLY D 150 -11.71 2.19 4.12
N ILE D 151 -10.54 2.11 4.73
CA ILE D 151 -9.28 2.34 4.01
C ILE D 151 -9.06 1.27 2.95
N TYR D 152 -8.69 1.70 1.75
CA TYR D 152 -8.54 0.81 0.61
C TYR D 152 -7.54 -0.31 0.87
N GLU D 153 -6.37 0.05 1.38
CA GLU D 153 -5.32 -0.92 1.69
C GLU D 153 -5.80 -1.93 2.73
N VAL D 154 -6.67 -1.48 3.62
CA VAL D 154 -7.26 -2.34 4.63
C VAL D 154 -8.29 -3.27 3.98
N ARG D 155 -9.11 -2.71 3.09
CA ARG D 155 -10.10 -3.49 2.37
C ARG D 155 -9.44 -4.49 1.42
N ALA D 156 -8.28 -4.12 0.89
CA ALA D 156 -7.55 -4.99 -0.02
C ALA D 156 -6.93 -6.18 0.71
N ALA D 157 -6.50 -5.94 1.96
CA ALA D 157 -5.89 -6.97 2.77
C ALA D 157 -6.92 -7.99 3.22
N ILE D 158 -8.11 -7.51 3.57
CA ILE D 158 -9.21 -8.39 3.97
C ILE D 158 -9.70 -9.22 2.78
N THR D 159 -9.71 -8.59 1.61
CA THR D 159 -10.18 -9.25 0.40
C THR D 159 -9.29 -10.43 0.01
N ARG D 160 -7.99 -10.22 0.06
CA ARG D 160 -7.04 -11.29 -0.25
C ARG D 160 -7.10 -12.40 0.79
N LEU D 161 -7.44 -12.04 2.02
CA LEU D 161 -7.55 -13.01 3.11
C LEU D 161 -8.74 -13.94 2.91
N ILE D 162 -9.91 -13.35 2.66
CA ILE D 162 -11.13 -14.13 2.50
C ILE D 162 -11.16 -14.86 1.15
N SER D 163 -10.29 -14.45 0.23
CA SER D 163 -10.18 -15.13 -1.06
C SER D 163 -9.42 -16.44 -0.88
N LEU D 164 -8.58 -16.51 0.13
CA LEU D 164 -7.75 -17.68 0.38
C LEU D 164 -8.36 -18.61 1.44
N THR D 165 -9.07 -18.02 2.39
CA THR D 165 -9.60 -18.77 3.53
C THR D 165 -11.09 -19.09 3.39
N ARG D 166 -11.79 -18.35 2.54
CA ARG D 166 -13.22 -18.52 2.38
C ARG D 166 -13.61 -18.79 0.93
N GLY D 167 -12.71 -18.46 0.01
CA GLY D 167 -12.98 -18.65 -1.41
C GLY D 167 -13.88 -17.57 -1.96
N VAL D 168 -14.08 -16.51 -1.18
CA VAL D 168 -14.91 -15.39 -1.58
C VAL D 168 -14.23 -14.56 -2.67
N LYS D 169 -14.94 -14.32 -3.76
CA LYS D 169 -14.40 -13.57 -4.88
C LYS D 169 -15.05 -12.19 -5.00
N CYS D 170 -14.24 -11.15 -4.84
CA CYS D 170 -14.75 -9.79 -4.92
C CYS D 170 -13.62 -8.77 -5.09
N ARG D 171 -14.01 -7.54 -5.39
CA ARG D 171 -13.09 -6.43 -5.46
C ARG D 171 -13.11 -5.68 -4.13
N PRO D 172 -12.01 -4.97 -3.80
CA PRO D 172 -12.02 -4.11 -2.61
C PRO D 172 -13.10 -3.02 -2.69
N GLU D 173 -13.52 -2.69 -3.91
CA GLU D 173 -14.56 -1.70 -4.15
C GLU D 173 -15.87 -2.04 -3.44
N GLN D 174 -16.29 -3.29 -3.58
CA GLN D 174 -17.61 -3.71 -3.09
C GLN D 174 -17.63 -4.08 -1.61
N MET D 175 -16.48 -3.97 -0.94
CA MET D 175 -16.39 -4.26 0.49
C MET D 175 -16.70 -3.03 1.33
N ILE D 176 -17.41 -3.22 2.44
CA ILE D 176 -17.72 -2.12 3.35
C ILE D 176 -17.43 -2.45 4.81
N ILE D 177 -16.55 -1.66 5.41
CA ILE D 177 -16.24 -1.72 6.83
C ILE D 177 -16.97 -0.55 7.50
N GLY D 178 -17.59 -0.75 8.65
CA GLY D 178 -17.68 -2.03 9.33
C GLY D 178 -18.06 -1.82 10.78
N ALA D 179 -17.16 -2.17 11.68
CA ALA D 179 -17.34 -1.96 13.13
C ALA D 179 -18.65 -2.55 13.66
N GLY D 180 -18.84 -3.84 13.45
CA GLY D 180 -20.04 -4.51 13.92
C GLY D 180 -21.00 -4.83 12.80
N THR D 181 -21.58 -6.03 12.85
CA THR D 181 -22.51 -6.47 11.82
C THR D 181 -23.86 -5.76 11.94
N GLN D 182 -24.18 -5.31 13.15
CA GLN D 182 -25.44 -4.63 13.40
C GLN D 182 -25.48 -3.27 12.73
N VAL D 183 -24.31 -2.64 12.63
CA VAL D 183 -24.19 -1.37 11.93
C VAL D 183 -24.33 -1.57 10.44
N LEU D 184 -23.73 -2.64 9.94
CA LEU D 184 -23.78 -2.97 8.52
C LEU D 184 -25.17 -3.45 8.11
N MET D 185 -25.81 -4.21 8.99
CA MET D 185 -27.17 -4.70 8.73
C MET D 185 -28.15 -3.55 8.56
N GLN D 186 -28.01 -2.53 9.40
CA GLN D 186 -28.85 -1.33 9.30
C GLN D 186 -28.65 -0.66 7.95
N LEU D 187 -27.40 -0.54 7.54
CA LEU D 187 -27.06 0.03 6.25
C LEU D 187 -27.61 -0.81 5.11
N LEU D 188 -27.55 -2.12 5.26
CA LEU D 188 -27.95 -3.05 4.22
C LEU D 188 -29.45 -3.02 3.97
N THR D 189 -30.22 -2.80 5.02
CA THR D 189 -31.67 -2.68 4.92
C THR D 189 -32.06 -1.46 4.09
N GLU D 190 -31.24 -0.43 4.16
CA GLU D 190 -31.51 0.82 3.45
C GLU D 190 -31.08 0.73 1.99
N LEU D 191 -30.10 -0.14 1.72
CA LEU D 191 -29.67 -0.37 0.35
C LEU D 191 -30.67 -1.27 -0.37
N LEU D 192 -31.16 -2.28 0.34
CA LEU D 192 -32.20 -3.16 -0.17
C LEU D 192 -33.52 -2.41 -0.29
N PRO D 193 -34.46 -2.92 -1.10
CA PRO D 193 -35.78 -2.29 -1.23
C PRO D 193 -36.48 -2.12 0.11
N LYS D 194 -37.28 -1.07 0.25
CA LYS D 194 -37.91 -0.74 1.52
C LYS D 194 -38.96 -1.78 1.92
N GLU D 195 -39.72 -2.26 0.94
CA GLU D 195 -40.77 -3.23 1.20
C GLU D 195 -40.30 -4.66 0.94
N ALA D 196 -38.99 -4.88 1.01
CA ALA D 196 -38.43 -6.20 0.83
C ALA D 196 -38.83 -7.12 1.96
N VAL D 197 -39.08 -8.39 1.65
CA VAL D 197 -39.50 -9.35 2.65
C VAL D 197 -38.32 -10.21 3.10
N TYR D 198 -37.95 -10.10 4.37
CA TYR D 198 -36.82 -10.84 4.93
C TYR D 198 -37.28 -12.18 5.50
N ALA D 199 -36.36 -13.14 5.54
CA ALA D 199 -36.63 -14.46 6.09
C ALA D 199 -35.42 -15.00 6.82
N MET D 200 -35.60 -15.30 8.11
CA MET D 200 -34.51 -15.81 8.92
C MET D 200 -34.75 -17.26 9.32
N GLU D 201 -33.70 -17.90 9.84
CA GLU D 201 -33.78 -19.28 10.27
C GLU D 201 -34.49 -19.39 11.62
N GLU D 202 -35.24 -20.48 11.81
CA GLU D 202 -35.93 -20.72 13.06
C GLU D 202 -35.48 -22.05 13.68
N PRO D 203 -34.71 -21.98 14.78
CA PRO D 203 -34.28 -20.76 15.48
C PRO D 203 -33.12 -20.05 14.80
N GLY D 204 -32.80 -18.84 15.25
CA GLY D 204 -31.75 -18.06 14.66
C GLY D 204 -31.16 -16.98 15.56
N TYR D 205 -30.48 -16.03 14.94
CA TYR D 205 -29.82 -14.93 15.66
C TYR D 205 -30.84 -13.83 15.99
N ARG D 206 -31.34 -13.86 17.22
CA ARG D 206 -32.44 -12.98 17.64
C ARG D 206 -32.09 -11.49 17.52
N ARG D 207 -30.83 -11.14 17.80
CA ARG D 207 -30.39 -9.76 17.71
C ARG D 207 -30.66 -9.18 16.33
N MET D 208 -30.35 -9.95 15.30
CA MET D 208 -30.56 -9.51 13.92
C MET D 208 -32.05 -9.50 13.61
N TYR D 209 -32.80 -10.37 14.29
CA TYR D 209 -34.26 -10.39 14.14
C TYR D 209 -34.85 -9.13 14.75
N GLN D 210 -34.36 -8.76 15.94
CA GLN D 210 -34.81 -7.54 16.61
C GLN D 210 -34.56 -6.30 15.76
N LEU D 211 -33.41 -6.27 15.10
CA LEU D 211 -33.02 -5.15 14.25
C LEU D 211 -34.01 -4.96 13.09
N LEU D 212 -34.30 -6.06 12.40
CA LEU D 212 -35.19 -6.02 11.24
C LEU D 212 -36.61 -5.65 11.62
N LYS D 213 -37.06 -6.09 12.78
CA LYS D 213 -38.40 -5.77 13.26
C LYS D 213 -38.53 -4.28 13.58
N ASN D 214 -37.50 -3.72 14.22
CA ASN D 214 -37.49 -2.31 14.55
C ASN D 214 -37.31 -1.42 13.33
N ALA D 215 -36.81 -2.02 12.24
CA ALA D 215 -36.64 -1.30 10.99
C ALA D 215 -37.96 -1.25 10.21
N GLY D 216 -38.98 -1.90 10.76
CA GLY D 216 -40.30 -1.94 10.14
C GLY D 216 -40.41 -3.00 9.07
N LYS D 217 -39.39 -3.85 8.97
CA LYS D 217 -39.35 -4.89 7.95
C LYS D 217 -40.18 -6.11 8.33
N GLN D 218 -40.85 -6.69 7.35
CA GLN D 218 -41.61 -7.92 7.56
C GLN D 218 -40.68 -9.12 7.52
N VAL D 219 -40.62 -9.85 8.63
CA VAL D 219 -39.68 -10.97 8.75
C VAL D 219 -40.41 -12.30 8.90
N LYS D 220 -40.24 -13.18 7.91
CA LYS D 220 -40.78 -14.52 7.96
C LYS D 220 -39.77 -15.47 8.60
N THR D 221 -40.26 -16.59 9.13
CA THR D 221 -39.38 -17.56 9.78
C THR D 221 -39.37 -18.89 9.03
N ILE D 222 -38.18 -19.40 8.76
CA ILE D 222 -38.00 -20.65 8.04
C ILE D 222 -37.38 -21.72 8.93
N MET D 223 -38.14 -22.79 9.19
CA MET D 223 -37.68 -23.86 10.06
C MET D 223 -36.50 -24.61 9.45
N LEU D 224 -35.81 -25.39 10.28
CA LEU D 224 -34.65 -26.14 9.84
C LEU D 224 -34.94 -27.63 9.72
N ASP D 225 -34.38 -28.27 8.70
CA ASP D 225 -34.45 -29.72 8.59
C ASP D 225 -33.05 -30.32 8.73
N GLU D 226 -32.85 -31.51 8.17
CA GLU D 226 -31.56 -32.18 8.27
C GLU D 226 -30.47 -31.45 7.51
N LYS D 227 -30.84 -30.74 6.46
CA LYS D 227 -29.89 -30.04 5.61
C LYS D 227 -29.85 -28.54 5.91
N GLY D 228 -30.37 -28.16 7.06
CA GLY D 228 -30.37 -26.75 7.46
C GLY D 228 -31.66 -26.03 7.09
N MET D 229 -31.52 -24.81 6.59
CA MET D 229 -32.66 -23.98 6.24
C MET D 229 -33.54 -24.64 5.18
N SER D 230 -34.81 -24.80 5.50
CA SER D 230 -35.75 -25.50 4.62
C SER D 230 -36.02 -24.72 3.34
N ILE D 231 -35.55 -25.27 2.22
CA ILE D 231 -35.80 -24.67 0.91
C ILE D 231 -37.29 -24.78 0.57
N ALA D 232 -37.95 -25.79 1.13
CA ALA D 232 -39.37 -25.99 0.90
C ALA D 232 -40.20 -24.87 1.52
N GLU D 233 -39.80 -24.42 2.70
CA GLU D 233 -40.51 -23.36 3.41
C GLU D 233 -40.23 -22.00 2.77
N ILE D 234 -39.06 -21.85 2.16
CA ILE D 234 -38.70 -20.62 1.47
C ILE D 234 -39.59 -20.43 0.23
N THR D 235 -39.86 -21.52 -0.46
CA THR D 235 -40.68 -21.48 -1.67
C THR D 235 -42.17 -21.34 -1.33
N ARG D 236 -42.53 -21.64 -0.10
CA ARG D 236 -43.93 -21.58 0.32
C ARG D 236 -44.33 -20.18 0.76
N GLN D 237 -43.43 -19.51 1.48
CA GLN D 237 -43.71 -18.18 1.99
C GLN D 237 -43.20 -17.10 1.02
N GLN D 238 -42.23 -17.49 0.20
CA GLN D 238 -41.67 -16.62 -0.85
C GLN D 238 -41.26 -15.24 -0.35
N PRO D 239 -40.10 -15.17 0.33
CA PRO D 239 -39.55 -13.88 0.76
C PRO D 239 -38.74 -13.23 -0.36
N ASP D 240 -38.00 -12.17 -0.03
CA ASP D 240 -37.16 -11.50 -1.01
C ASP D 240 -35.68 -11.60 -0.62
N VAL D 241 -35.42 -11.57 0.69
CA VAL D 241 -34.05 -11.63 1.19
C VAL D 241 -33.91 -12.73 2.25
N LEU D 242 -32.89 -13.57 2.09
CA LEU D 242 -32.63 -14.65 3.04
C LEU D 242 -31.49 -14.29 3.99
N VAL D 243 -31.67 -14.63 5.26
CA VAL D 243 -30.61 -14.47 6.25
C VAL D 243 -30.21 -15.84 6.79
N THR D 244 -29.06 -16.33 6.34
CA THR D 244 -28.64 -17.70 6.66
C THR D 244 -27.22 -17.79 7.20
N THR D 245 -26.95 -18.90 7.87
CA THR D 245 -25.61 -19.18 8.39
C THR D 245 -25.18 -20.59 7.97
N PRO D 246 -24.78 -20.75 6.69
CA PRO D 246 -24.50 -22.06 6.10
C PRO D 246 -23.23 -22.73 6.60
N SER D 247 -22.23 -21.95 6.98
CA SER D 247 -20.96 -22.51 7.45
C SER D 247 -21.14 -23.21 8.79
N HIS D 248 -21.98 -22.63 9.65
CA HIS D 248 -22.26 -23.17 10.97
C HIS D 248 -23.49 -22.49 11.53
N GLN D 249 -24.63 -23.15 11.41
CA GLN D 249 -25.92 -22.55 11.75
C GLN D 249 -25.97 -22.11 13.21
N PHE D 250 -26.55 -20.93 13.43
CA PHE D 250 -26.74 -20.42 14.78
C PHE D 250 -28.22 -20.45 15.13
N PRO D 251 -28.56 -21.10 16.25
CA PRO D 251 -27.62 -21.75 17.15
C PRO D 251 -27.53 -23.28 17.01
N SER D 252 -28.29 -23.86 16.07
CA SER D 252 -28.38 -25.33 15.97
C SER D 252 -27.02 -25.99 15.75
N GLY D 253 -26.13 -25.30 15.04
CA GLY D 253 -24.78 -25.78 14.84
C GLY D 253 -24.60 -26.73 13.68
N THR D 254 -25.66 -26.90 12.88
CA THR D 254 -25.58 -27.79 11.73
C THR D 254 -24.93 -27.10 10.54
N ILE D 255 -24.14 -27.85 9.78
CA ILE D 255 -23.51 -27.30 8.59
C ILE D 255 -24.39 -27.56 7.36
N MET D 256 -24.72 -26.50 6.64
CA MET D 256 -25.52 -26.63 5.44
C MET D 256 -24.72 -27.30 4.33
N PRO D 257 -25.20 -28.46 3.87
CA PRO D 257 -24.53 -29.22 2.82
C PRO D 257 -24.63 -28.54 1.46
N VAL D 258 -23.73 -28.89 0.54
CA VAL D 258 -23.68 -28.28 -0.78
C VAL D 258 -25.00 -28.49 -1.54
N SER D 259 -25.71 -29.55 -1.20
CA SER D 259 -27.01 -29.84 -1.79
C SER D 259 -27.99 -28.70 -1.55
N ARG D 260 -28.18 -28.35 -0.28
CA ARG D 260 -29.10 -27.28 0.09
C ARG D 260 -28.57 -25.91 -0.35
N ARG D 261 -27.26 -25.77 -0.41
CA ARG D 261 -26.63 -24.52 -0.82
C ARG D 261 -26.98 -24.16 -2.26
N ILE D 262 -26.77 -25.11 -3.16
CA ILE D 262 -27.09 -24.92 -4.58
C ILE D 262 -28.59 -24.69 -4.76
N GLN D 263 -29.39 -25.37 -3.95
CA GLN D 263 -30.83 -25.18 -3.95
C GLN D 263 -31.19 -23.73 -3.61
N LEU D 264 -30.50 -23.18 -2.62
CA LEU D 264 -30.73 -21.80 -2.19
C LEU D 264 -30.23 -20.80 -3.22
N LEU D 265 -29.07 -21.09 -3.81
CA LEU D 265 -28.47 -20.21 -4.81
C LEU D 265 -29.36 -20.12 -6.06
N ASN D 266 -29.88 -21.26 -6.49
CA ASN D 266 -30.75 -21.30 -7.66
C ASN D 266 -32.06 -20.57 -7.41
N TRP D 267 -32.51 -20.55 -6.17
CA TRP D 267 -33.73 -19.86 -5.81
C TRP D 267 -33.57 -18.35 -5.98
N ALA D 268 -32.42 -17.84 -5.58
CA ALA D 268 -32.14 -16.41 -5.66
C ALA D 268 -31.94 -15.95 -7.09
N ALA D 269 -31.42 -16.86 -7.93
CA ALA D 269 -31.17 -16.56 -9.33
C ALA D 269 -32.43 -16.78 -10.18
N GLU D 270 -33.42 -17.44 -9.58
CA GLU D 270 -34.67 -17.74 -10.27
C GLU D 270 -35.45 -16.48 -10.61
N GLU D 271 -35.50 -15.55 -9.66
CA GLU D 271 -36.20 -14.29 -9.85
C GLU D 271 -35.32 -13.10 -9.48
N PRO D 272 -35.49 -11.98 -10.19
CA PRO D 272 -34.72 -10.76 -9.89
C PRO D 272 -35.06 -10.19 -8.53
N ARG D 273 -34.16 -9.36 -7.99
CA ARG D 273 -34.33 -8.73 -6.68
C ARG D 273 -34.49 -9.77 -5.57
N ARG D 274 -33.80 -10.89 -5.71
CA ARG D 274 -33.72 -11.89 -4.66
C ARG D 274 -32.29 -11.95 -4.12
N TYR D 275 -32.14 -11.81 -2.80
CA TYR D 275 -30.81 -11.76 -2.21
C TYR D 275 -30.64 -12.76 -1.07
N ILE D 276 -29.40 -13.15 -0.82
CA ILE D 276 -29.05 -14.04 0.28
C ILE D 276 -27.96 -13.44 1.14
N ILE D 277 -28.26 -13.22 2.43
CA ILE D 277 -27.28 -12.70 3.36
C ILE D 277 -26.56 -13.82 4.09
N GLU D 278 -25.30 -14.03 3.76
CA GLU D 278 -24.50 -15.06 4.42
C GLU D 278 -23.81 -14.49 5.65
N ASP D 279 -24.30 -14.86 6.83
CA ASP D 279 -23.70 -14.44 8.08
C ASP D 279 -22.59 -15.40 8.49
N ASP D 280 -21.35 -14.99 8.26
CA ASP D 280 -20.20 -15.82 8.60
C ASP D 280 -19.51 -15.27 9.84
N TYR D 281 -19.42 -16.09 10.89
CA TYR D 281 -18.94 -15.61 12.18
C TYR D 281 -17.88 -16.50 12.83
N ASP D 282 -17.81 -17.77 12.43
CA ASP D 282 -16.83 -18.68 13.01
C ASP D 282 -16.43 -19.80 12.05
N SER D 283 -16.46 -19.51 10.77
CA SER D 283 -16.15 -20.52 9.75
C SER D 283 -14.67 -20.91 9.74
N GLU D 284 -13.83 -20.06 10.32
CA GLU D 284 -12.40 -20.33 10.37
C GLU D 284 -12.05 -21.31 11.49
N PHE D 285 -13.07 -21.82 12.17
CA PHE D 285 -12.84 -22.76 13.27
C PHE D 285 -13.56 -24.09 13.05
N THR D 286 -12.99 -24.93 12.20
CA THR D 286 -13.44 -26.31 12.05
C THR D 286 -12.35 -27.23 12.57
N TYR D 287 -12.73 -28.34 13.17
CA TYR D 287 -11.77 -29.16 13.91
C TYR D 287 -11.57 -30.56 13.31
N ASP D 288 -12.54 -31.02 12.53
CA ASP D 288 -12.42 -32.32 11.86
C ASP D 288 -11.94 -32.16 10.43
N VAL D 289 -12.25 -31.01 9.82
CA VAL D 289 -11.91 -30.77 8.42
C VAL D 289 -11.35 -29.36 8.21
N ASP D 290 -10.96 -29.07 6.98
CA ASP D 290 -10.51 -27.73 6.61
C ASP D 290 -11.69 -26.77 6.59
N SER D 291 -11.39 -25.47 6.52
CA SER D 291 -12.42 -24.45 6.49
C SER D 291 -13.30 -24.59 5.25
N ILE D 292 -14.60 -24.81 5.47
CA ILE D 292 -15.54 -24.99 4.38
C ILE D 292 -15.78 -23.68 3.63
N PRO D 293 -15.60 -23.70 2.30
CA PRO D 293 -15.80 -22.53 1.43
C PRO D 293 -17.15 -21.86 1.65
N ALA D 294 -17.16 -20.53 1.63
CA ALA D 294 -18.37 -19.76 1.87
C ALA D 294 -19.41 -20.00 0.78
N LEU D 295 -20.67 -19.78 1.13
CA LEU D 295 -21.78 -19.92 0.19
C LEU D 295 -21.61 -18.99 -1.01
N GLN D 296 -20.97 -17.85 -0.77
CA GLN D 296 -20.76 -16.84 -1.80
C GLN D 296 -19.83 -17.36 -2.91
N SER D 297 -18.98 -18.32 -2.57
CA SER D 297 -18.01 -18.86 -3.52
C SER D 297 -18.69 -19.65 -4.65
N LEU D 298 -19.72 -20.42 -4.30
CA LEU D 298 -20.43 -21.22 -5.29
C LEU D 298 -21.36 -20.37 -6.14
N ASP D 299 -21.75 -19.22 -5.62
CA ASP D 299 -22.67 -18.32 -6.31
C ASP D 299 -22.06 -17.80 -7.61
N ARG D 300 -22.85 -17.86 -8.68
CA ARG D 300 -22.40 -17.42 -10.00
C ARG D 300 -23.22 -16.25 -10.52
N PHE D 301 -24.16 -15.78 -9.72
CA PHE D 301 -25.11 -14.77 -10.19
C PHE D 301 -25.10 -13.50 -9.33
N GLN D 302 -24.10 -13.38 -8.47
CA GLN D 302 -23.94 -12.19 -7.62
C GLN D 302 -25.19 -11.83 -6.85
N ASN D 303 -25.75 -12.79 -6.13
CA ASN D 303 -26.96 -12.54 -5.34
C ASN D 303 -26.71 -12.78 -3.85
N VAL D 304 -25.45 -12.98 -3.50
CA VAL D 304 -25.08 -13.24 -2.11
C VAL D 304 -24.30 -12.09 -1.49
N ILE D 305 -24.80 -11.60 -0.36
CA ILE D 305 -24.09 -10.60 0.43
C ILE D 305 -23.31 -11.29 1.54
N TYR D 306 -21.99 -11.33 1.40
CA TYR D 306 -21.15 -11.98 2.41
C TYR D 306 -20.82 -11.02 3.54
N MET D 307 -21.18 -11.42 4.75
CA MET D 307 -20.87 -10.63 5.95
C MET D 307 -19.94 -11.40 6.88
N GLY D 308 -18.70 -10.93 6.99
CA GLY D 308 -17.74 -11.56 7.88
C GLY D 308 -17.47 -10.69 9.10
N THR D 309 -16.68 -11.21 10.03
CA THR D 309 -16.38 -10.49 11.25
C THR D 309 -15.12 -11.01 11.93
N PHE D 310 -14.42 -10.12 12.64
CA PHE D 310 -13.22 -10.48 13.38
C PHE D 310 -13.49 -10.53 14.88
N SER D 311 -14.76 -10.37 15.25
CA SER D 311 -15.16 -10.33 16.66
C SER D 311 -14.85 -11.63 17.38
N1 LLP D 312 -23.15 -13.33 13.85
C2 LLP D 312 -23.30 -14.21 14.83
C2' LLP D 312 -24.34 -15.38 14.67
C3 LLP D 312 -22.54 -14.10 16.02
O3 LLP D 312 -22.72 -15.06 17.05
C4 LLP D 312 -21.63 -13.07 16.18
C4' LLP D 312 -20.78 -12.94 17.48
C5 LLP D 312 -21.50 -12.15 15.09
C6 LLP D 312 -22.29 -12.34 13.96
C5' LLP D 312 -20.53 -11.01 15.16
OP4 LLP D 312 -21.25 -9.78 15.14
P LLP D 312 -20.47 -8.47 15.50
OP1 LLP D 312 -19.21 -8.37 14.65
OP2 LLP D 312 -21.34 -7.30 15.25
OP3 LLP D 312 -20.08 -8.50 16.96
N LLP D 312 -14.81 -12.73 16.62
CA LLP D 312 -14.51 -14.01 17.20
CB LLP D 312 -15.39 -15.08 16.58
CG LLP D 312 -16.69 -15.37 17.45
CD LLP D 312 -18.03 -15.10 16.65
CE LLP D 312 -19.11 -14.62 17.50
NZ LLP D 312 -19.38 -13.22 17.23
C LLP D 312 -13.06 -14.34 16.96
O LLP D 312 -12.40 -14.96 17.81
N SER D 313 -12.54 -13.92 15.82
CA SER D 313 -11.14 -14.18 15.45
C SER D 313 -10.19 -13.46 16.39
N LEU D 314 -10.28 -12.13 16.42
CA LEU D 314 -9.43 -11.32 17.28
C LEU D 314 -10.07 -11.16 18.66
N LEU D 315 -10.25 -9.90 19.06
CA LEU D 315 -10.91 -9.59 20.32
C LEU D 315 -12.39 -9.33 20.10
N PRO D 316 -13.24 -9.76 21.03
CA PRO D 316 -14.67 -9.47 20.97
C PRO D 316 -14.96 -8.02 21.33
N GLY D 317 -13.95 -7.32 21.82
CA GLY D 317 -14.07 -5.92 22.19
C GLY D 317 -13.77 -4.98 21.04
N LEU D 318 -12.97 -5.44 20.09
CA LEU D 318 -12.64 -4.64 18.91
C LEU D 318 -13.86 -4.49 18.00
N ARG D 319 -14.44 -5.64 17.64
CA ARG D 319 -15.59 -5.71 16.74
C ARG D 319 -15.33 -4.99 15.42
N ILE D 320 -14.57 -5.65 14.55
CA ILE D 320 -14.33 -5.15 13.20
C ILE D 320 -15.03 -6.04 12.19
N SER D 321 -16.14 -5.56 11.63
CA SER D 321 -16.87 -6.34 10.65
C SER D 321 -16.63 -5.84 9.23
N TYR D 322 -17.09 -6.61 8.25
CA TYR D 322 -17.01 -6.21 6.85
C TYR D 322 -18.14 -6.83 6.05
N MET D 323 -18.48 -6.20 4.94
CA MET D 323 -19.60 -6.65 4.12
C MET D 323 -19.31 -6.51 2.63
N VAL D 324 -19.44 -7.61 1.90
CA VAL D 324 -19.20 -7.62 0.47
C VAL D 324 -20.52 -7.53 -0.30
N LEU D 325 -20.66 -6.48 -1.09
CA LEU D 325 -21.91 -6.22 -1.81
C LEU D 325 -21.84 -6.65 -3.27
N PRO D 326 -22.95 -7.17 -3.79
CA PRO D 326 -23.08 -7.33 -5.25
C PRO D 326 -23.16 -5.96 -5.90
N PRO D 327 -22.67 -5.84 -7.15
CA PRO D 327 -22.58 -4.56 -7.89
C PRO D 327 -23.84 -3.71 -7.82
N GLU D 328 -25.01 -4.33 -7.83
CA GLU D 328 -26.27 -3.61 -7.81
C GLU D 328 -26.46 -2.85 -6.49
N LEU D 329 -25.96 -3.43 -5.41
CA LEU D 329 -26.07 -2.82 -4.10
C LEU D 329 -24.96 -1.81 -3.84
N LEU D 330 -23.78 -2.08 -4.39
CA LEU D 330 -22.67 -1.13 -4.30
C LEU D 330 -23.02 0.12 -5.07
N ARG D 331 -23.70 -0.06 -6.19
CA ARG D 331 -24.20 1.05 -6.99
C ARG D 331 -25.20 1.88 -6.20
N ALA D 332 -26.06 1.20 -5.45
CA ALA D 332 -27.06 1.87 -4.64
C ALA D 332 -26.41 2.60 -3.47
N TYR D 333 -25.29 2.05 -3.00
CA TYR D 333 -24.55 2.65 -1.88
C TYR D 333 -23.86 3.94 -2.31
N LYS D 334 -23.30 3.94 -3.51
CA LYS D 334 -22.59 5.11 -4.03
C LYS D 334 -23.53 6.27 -4.34
N GLN D 335 -24.81 5.95 -4.54
CA GLN D 335 -25.82 6.98 -4.79
C GLN D 335 -26.08 7.82 -3.55
N ARG D 336 -25.72 7.28 -2.39
CA ARG D 336 -25.85 7.98 -1.12
C ARG D 336 -24.77 9.05 -0.98
N GLY D 337 -23.58 8.63 -0.54
CA GLY D 337 -22.45 9.53 -0.46
C GLY D 337 -22.41 10.38 0.80
N TYR D 338 -23.20 10.00 1.80
CA TYR D 338 -23.23 10.74 3.06
C TYR D 338 -22.91 9.83 4.24
N ASP D 339 -22.58 8.58 3.95
CA ASP D 339 -22.25 7.61 4.97
C ASP D 339 -20.83 7.84 5.50
N LEU D 340 -20.64 7.61 6.79
CA LEU D 340 -19.33 7.78 7.40
C LEU D 340 -18.81 6.47 7.98
N GLN D 341 -17.49 6.27 7.89
CA GLN D 341 -16.85 5.08 8.43
C GLN D 341 -16.99 5.01 9.94
N THR D 342 -17.37 3.84 10.45
CA THR D 342 -17.62 3.67 11.87
C THR D 342 -16.45 3.01 12.60
N CYS D 343 -15.58 2.34 11.85
CA CYS D 343 -14.40 1.71 12.45
C CYS D 343 -13.22 2.68 12.46
N SER D 344 -12.51 2.72 13.57
CA SER D 344 -11.38 3.64 13.73
C SER D 344 -10.28 3.38 12.70
N SER D 345 -9.73 4.46 12.16
CA SER D 345 -8.68 4.36 11.15
C SER D 345 -7.43 3.65 11.67
N LEU D 346 -7.08 3.95 12.92
CA LEU D 346 -5.92 3.32 13.54
C LEU D 346 -6.18 1.84 13.79
N THR D 347 -7.45 1.49 13.99
CA THR D 347 -7.84 0.10 14.19
C THR D 347 -7.83 -0.67 12.87
N GLN D 348 -8.18 0.03 11.79
CA GLN D 348 -8.14 -0.57 10.45
C GLN D 348 -6.71 -0.89 10.04
N LEU D 349 -5.83 0.10 10.19
CA LEU D 349 -4.43 -0.04 9.80
C LEU D 349 -3.71 -1.11 10.61
N THR D 350 -4.10 -1.23 11.88
CA THR D 350 -3.52 -2.26 12.75
C THR D 350 -3.97 -3.64 12.28
N LEU D 351 -5.21 -3.73 11.84
CA LEU D 351 -5.75 -4.98 11.32
C LEU D 351 -5.01 -5.39 10.05
N GLN D 352 -4.76 -4.43 9.17
CA GLN D 352 -4.05 -4.68 7.92
C GLN D 352 -2.65 -5.21 8.18
N GLU D 353 -1.95 -4.57 9.12
CA GLU D 353 -0.60 -4.97 9.46
C GLU D 353 -0.58 -6.33 10.14
N PHE D 354 -1.60 -6.60 10.95
CA PHE D 354 -1.70 -7.88 11.66
C PHE D 354 -1.91 -9.03 10.68
N ILE D 355 -2.57 -8.74 9.56
CA ILE D 355 -2.83 -9.74 8.54
C ILE D 355 -1.61 -9.96 7.64
N GLU D 356 -1.10 -8.87 7.06
CA GLU D 356 -0.03 -8.93 6.07
C GLU D 356 1.31 -9.36 6.66
N SER D 357 1.44 -9.28 7.98
CA SER D 357 2.66 -9.71 8.64
C SER D 357 2.63 -11.22 8.91
N GLY D 358 1.48 -11.83 8.66
CA GLY D 358 1.30 -13.25 8.89
C GLY D 358 0.87 -13.56 10.31
N GLU D 359 0.83 -12.52 11.14
CA GLU D 359 0.50 -12.67 12.55
C GLU D 359 -0.95 -13.10 12.77
N TYR D 360 -1.82 -12.75 11.84
CA TYR D 360 -3.23 -13.11 11.95
C TYR D 360 -3.44 -14.60 11.74
N GLN D 361 -2.83 -15.14 10.69
CA GLN D 361 -2.97 -16.55 10.36
C GLN D 361 -2.25 -17.43 11.38
N LYS D 362 -1.15 -16.91 11.94
CA LYS D 362 -0.45 -17.59 13.02
C LYS D 362 -1.32 -17.63 14.27
N HIS D 363 -2.19 -16.64 14.39
CA HIS D 363 -3.10 -16.53 15.53
C HIS D 363 -4.26 -17.50 15.40
N ILE D 364 -4.90 -17.52 14.23
CA ILE D 364 -6.04 -18.38 13.97
C ILE D 364 -5.68 -19.86 14.09
N LYS D 365 -4.52 -20.21 13.55
CA LYS D 365 -4.06 -21.60 13.56
C LYS D 365 -3.86 -22.12 14.98
N LYS D 366 -3.34 -21.27 15.85
CA LYS D 366 -3.11 -21.65 17.24
C LYS D 366 -4.41 -21.66 18.05
N MET D 367 -5.29 -20.71 17.75
CA MET D 367 -6.58 -20.63 18.44
C MET D 367 -7.47 -21.80 18.03
N LYS D 368 -7.36 -22.21 16.77
CA LYS D 368 -8.10 -23.37 16.29
C LYS D 368 -7.72 -24.62 17.08
N GLN D 369 -6.43 -24.79 17.30
CA GLN D 369 -5.92 -25.93 18.06
C GLN D 369 -6.29 -25.81 19.53
N HIS D 370 -6.31 -24.57 20.03
CA HIS D 370 -6.71 -24.32 21.41
C HIS D 370 -8.18 -24.64 21.63
N TYR D 371 -9.02 -24.11 20.75
CA TYR D 371 -10.46 -24.34 20.81
C TYR D 371 -10.79 -25.80 20.58
N LYS D 372 -10.00 -26.47 19.75
CA LYS D 372 -10.18 -27.88 19.47
C LYS D 372 -9.98 -28.72 20.73
N GLU D 373 -8.87 -28.47 21.43
CA GLU D 373 -8.57 -29.18 22.66
C GLU D 373 -9.57 -28.80 23.76
N LYS D 374 -10.00 -27.54 23.77
CA LYS D 374 -10.92 -27.07 24.79
C LYS D 374 -12.32 -27.66 24.58
N ARG D 375 -12.74 -27.77 23.33
CA ARG D 375 -14.04 -28.35 23.02
C ARG D 375 -14.07 -29.82 23.40
N GLU D 376 -12.97 -30.52 23.14
CA GLU D 376 -12.86 -31.93 23.53
C GLU D 376 -12.91 -32.07 25.04
N ARG D 377 -12.13 -31.25 25.73
CA ARG D 377 -12.04 -31.29 27.18
C ARG D 377 -13.37 -30.95 27.84
N LEU D 378 -14.14 -30.09 27.19
CA LEU D 378 -15.45 -29.69 27.71
C LEU D 378 -16.48 -30.79 27.52
N ILE D 379 -16.51 -31.38 26.33
CA ILE D 379 -17.43 -32.48 26.04
C ILE D 379 -17.06 -33.70 26.87
N THR D 380 -15.76 -33.93 27.03
CA THR D 380 -15.27 -35.00 27.90
C THR D 380 -15.71 -34.76 29.34
N ALA D 381 -15.78 -33.49 29.73
CA ALA D 381 -16.24 -33.12 31.06
C ALA D 381 -17.76 -33.23 31.13
N LEU D 382 -18.43 -32.89 30.04
CA LEU D 382 -19.88 -33.02 29.96
C LEU D 382 -20.28 -34.49 29.99
N GLU D 383 -19.55 -35.32 29.26
CA GLU D 383 -19.68 -36.76 29.44
C GLU D 383 -19.14 -37.08 30.84
N ALA D 384 -19.73 -38.07 31.50
CA ALA D 384 -19.54 -38.30 32.94
C ALA D 384 -20.04 -37.11 33.75
N GLU D 385 -20.40 -37.35 35.01
CA GLU D 385 -21.15 -36.37 35.81
C GLU D 385 -22.45 -36.04 35.09
N PHE D 386 -22.88 -36.94 34.22
CA PHE D 386 -24.00 -36.75 33.31
C PHE D 386 -24.24 -38.05 32.56
N SER D 387 -23.18 -38.58 31.97
CA SER D 387 -23.24 -39.78 31.13
C SER D 387 -24.20 -39.59 29.97
N GLY D 388 -25.30 -40.33 30.00
CA GLY D 388 -26.36 -40.14 29.02
C GLY D 388 -27.19 -38.92 29.39
N GLU D 389 -28.42 -38.88 28.88
CA GLU D 389 -29.34 -37.78 29.17
C GLU D 389 -28.74 -36.40 28.87
N VAL D 390 -27.87 -36.33 27.86
CA VAL D 390 -27.22 -35.08 27.50
C VAL D 390 -27.43 -34.72 26.04
N THR D 391 -27.00 -35.62 25.15
CA THR D 391 -27.12 -35.43 23.71
C THR D 391 -26.52 -34.10 23.23
N VAL D 392 -25.23 -34.14 22.92
CA VAL D 392 -24.54 -32.95 22.41
C VAL D 392 -24.85 -32.75 20.92
N LYS D 393 -25.46 -31.60 20.60
CA LYS D 393 -25.84 -31.30 19.23
C LYS D 393 -24.96 -30.22 18.63
N GLY D 394 -24.77 -30.28 17.31
CA GLY D 394 -23.93 -29.32 16.60
C GLY D 394 -22.70 -29.98 16.02
N ALA D 395 -22.25 -29.46 14.88
CA ALA D 395 -21.06 -29.99 14.22
C ALA D 395 -19.80 -29.69 15.03
N ASN D 396 -18.74 -30.44 14.76
CA ASN D 396 -17.46 -30.22 15.43
C ASN D 396 -16.76 -28.99 14.87
N ALA D 397 -17.34 -27.83 15.13
CA ALA D 397 -16.81 -26.56 14.63
C ALA D 397 -17.38 -25.38 15.41
N GLY D 398 -16.73 -24.23 15.30
CA GLY D 398 -17.21 -23.02 15.95
C GLY D 398 -16.85 -22.92 17.41
N LEU D 399 -17.53 -22.03 18.12
CA LEU D 399 -17.23 -21.76 19.52
C LEU D 399 -18.42 -22.10 20.42
N HIS D 400 -19.32 -22.92 19.91
CA HIS D 400 -20.50 -23.31 20.69
C HIS D 400 -21.13 -24.60 20.17
N PHE D 401 -21.92 -25.25 21.01
CA PHE D 401 -22.72 -26.40 20.59
C PHE D 401 -24.00 -26.45 21.41
N VAL D 402 -24.85 -27.44 21.13
CA VAL D 402 -26.14 -27.55 21.80
C VAL D 402 -26.23 -28.78 22.68
N THR D 403 -26.69 -28.60 23.91
CA THR D 403 -26.89 -29.71 24.83
C THR D 403 -28.36 -29.84 25.19
N GLU D 404 -28.94 -31.02 24.95
CA GLU D 404 -30.36 -31.25 25.17
C GLU D 404 -30.59 -32.27 26.29
N PHE D 405 -30.68 -31.78 27.52
CA PHE D 405 -30.77 -32.65 28.70
C PHE D 405 -32.12 -33.35 28.80
N ASP D 406 -32.08 -34.60 29.27
CA ASP D 406 -33.29 -35.41 29.41
C ASP D 406 -33.87 -35.29 30.82
N THR D 407 -34.80 -34.35 31.00
CA THR D 407 -35.45 -34.14 32.29
C THR D 407 -36.82 -33.52 32.11
N ARG D 408 -37.63 -33.58 33.17
CA ARG D 408 -38.99 -33.03 33.13
C ARG D 408 -39.00 -31.55 33.52
N ARG D 409 -37.89 -31.09 34.10
CA ARG D 409 -37.77 -29.71 34.54
C ARG D 409 -37.69 -28.75 33.35
N THR D 410 -38.43 -27.64 33.43
CA THR D 410 -38.39 -26.62 32.40
C THR D 410 -37.04 -25.92 32.39
N GLU D 411 -36.61 -25.44 31.23
CA GLU D 411 -35.32 -24.78 31.11
C GLU D 411 -35.34 -23.41 31.78
N GLN D 412 -36.55 -22.88 31.98
CA GLN D 412 -36.72 -21.63 32.70
C GLN D 412 -36.23 -21.78 34.13
N ASP D 413 -36.52 -22.93 34.74
CA ASP D 413 -36.07 -23.23 36.09
C ASP D 413 -34.56 -23.44 36.14
N ILE D 414 -34.04 -24.08 35.09
CA ILE D 414 -32.61 -24.38 35.00
C ILE D 414 -31.77 -23.11 35.00
N LEU D 415 -32.17 -22.14 34.19
CA LEU D 415 -31.42 -20.90 34.04
C LEU D 415 -31.37 -20.10 35.34
N SER D 416 -32.54 -19.89 35.95
CA SER D 416 -32.65 -19.10 37.17
C SER D 416 -31.93 -19.76 38.34
N HIS D 417 -31.99 -21.08 38.39
CA HIS D 417 -31.33 -21.84 39.46
C HIS D 417 -29.82 -21.87 39.26
N ALA D 418 -29.39 -21.90 38.00
CA ALA D 418 -27.97 -21.86 37.68
C ALA D 418 -27.42 -20.47 37.94
N ALA D 419 -28.28 -19.46 37.82
CA ALA D 419 -27.90 -18.09 38.08
C ALA D 419 -27.58 -17.89 39.57
N GLY D 420 -28.29 -18.62 40.41
CA GLY D 420 -28.08 -18.56 41.85
C GLY D 420 -26.87 -19.37 42.28
N LEU D 421 -26.34 -20.18 41.38
CA LEU D 421 -25.16 -20.98 41.67
C LEU D 421 -23.94 -20.42 40.94
N GLN D 422 -24.03 -19.15 40.56
CA GLN D 422 -22.96 -18.46 39.84
C GLN D 422 -22.55 -19.19 38.58
N LEU D 423 -23.42 -19.18 37.59
CA LEU D 423 -23.13 -19.82 36.30
C LEU D 423 -23.90 -19.15 35.18
N GLU D 424 -23.20 -18.34 34.38
CA GLU D 424 -23.83 -17.66 33.26
C GLU D 424 -24.12 -18.64 32.13
N ILE D 425 -25.40 -18.87 31.87
CA ILE D 425 -25.83 -19.81 30.85
C ILE D 425 -27.11 -19.33 30.17
N PHE D 426 -27.24 -19.60 28.88
CA PHE D 426 -28.40 -19.17 28.12
C PHE D 426 -29.22 -20.34 27.60
N GLY D 427 -30.54 -20.20 27.66
CA GLY D 427 -31.44 -21.22 27.16
C GLY D 427 -31.57 -21.16 25.65
N MET D 428 -32.07 -22.24 25.06
CA MET D 428 -32.19 -22.32 23.61
C MET D 428 -33.44 -21.59 23.12
N SER D 429 -34.39 -21.36 24.03
CA SER D 429 -35.64 -20.72 23.69
C SER D 429 -35.47 -19.22 23.42
N ARG D 430 -34.33 -18.67 23.81
CA ARG D 430 -34.07 -17.25 23.63
C ARG D 430 -33.77 -16.94 22.16
N PHE D 431 -33.56 -17.97 21.37
CA PHE D 431 -33.24 -17.80 19.96
C PHE D 431 -34.44 -18.10 19.07
N ASN D 432 -35.60 -18.26 19.70
CA ASN D 432 -36.85 -18.42 18.96
C ASN D 432 -37.36 -17.07 18.48
N LEU D 433 -37.70 -16.99 17.20
CA LEU D 433 -38.18 -15.74 16.61
C LEU D 433 -39.69 -15.62 16.75
N LYS D 434 -40.39 -16.72 16.48
CA LYS D 434 -41.82 -16.80 16.71
C LYS D 434 -42.08 -17.45 18.06
N GLU D 435 -41.74 -16.74 19.13
CA GLU D 435 -41.84 -17.26 20.49
C GLU D 435 -43.27 -17.62 20.86
N ASN D 436 -43.44 -18.85 21.34
CA ASN D 436 -44.74 -19.33 21.77
C ASN D 436 -44.62 -20.46 22.79
N GLY D 441 -40.52 -28.75 25.52
CA GLY D 441 -39.52 -29.71 25.96
C GLY D 441 -38.99 -30.56 24.83
N ARG D 442 -37.90 -31.30 25.08
CA ARG D 442 -37.25 -31.28 26.39
C ARG D 442 -36.19 -30.17 26.43
N PRO D 443 -35.90 -29.64 27.63
CA PRO D 443 -35.02 -28.48 27.79
C PRO D 443 -33.66 -28.62 27.13
N ALA D 444 -33.15 -27.52 26.58
CA ALA D 444 -31.87 -27.50 25.91
C ALA D 444 -31.16 -26.16 26.10
N LEU D 445 -29.84 -26.20 26.19
CA LEU D 445 -29.05 -25.00 26.42
C LEU D 445 -27.99 -24.80 25.35
N ILE D 446 -27.60 -23.56 25.13
CA ILE D 446 -26.47 -23.25 24.24
C ILE D 446 -25.21 -23.13 25.08
N ILE D 447 -24.15 -23.80 24.66
CA ILE D 447 -22.92 -23.84 25.44
C ILE D 447 -21.76 -23.18 24.70
N GLY D 448 -21.51 -21.91 24.99
CA GLY D 448 -20.34 -21.23 24.48
C GLY D 448 -19.14 -21.57 25.34
N PHE D 449 -17.97 -21.69 24.73
CA PHE D 449 -16.76 -22.04 25.46
C PHE D 449 -15.57 -21.19 25.04
N ALA D 450 -15.83 -20.18 24.22
CA ALA D 450 -14.77 -19.32 23.70
C ALA D 450 -14.08 -18.55 24.82
N ARG D 451 -14.87 -18.06 25.77
CA ARG D 451 -14.33 -17.29 26.88
C ARG D 451 -13.88 -18.19 28.03
N LEU D 452 -14.58 -19.32 28.19
CA LEU D 452 -14.33 -20.24 29.29
C LEU D 452 -12.88 -20.70 29.38
N LYS D 453 -12.31 -20.58 30.56
CA LYS D 453 -10.95 -21.06 30.82
C LYS D 453 -10.97 -22.58 31.01
N GLU D 454 -9.80 -23.21 30.88
CA GLU D 454 -9.72 -24.66 30.92
C GLU D 454 -9.52 -25.20 32.34
N GLU D 455 -9.18 -24.32 33.27
CA GLU D 455 -8.93 -24.73 34.65
C GLU D 455 -10.22 -24.88 35.43
N ASP D 456 -11.26 -24.16 35.03
CA ASP D 456 -12.52 -24.16 35.73
C ASP D 456 -13.64 -24.79 34.91
N ILE D 457 -13.29 -25.73 34.04
CA ILE D 457 -14.28 -26.45 33.25
C ILE D 457 -15.02 -27.47 34.10
N GLN D 458 -14.26 -28.26 34.86
CA GLN D 458 -14.83 -29.30 35.71
C GLN D 458 -15.76 -28.71 36.76
N GLU D 459 -15.39 -27.55 37.29
CA GLU D 459 -16.21 -26.85 38.27
C GLU D 459 -17.49 -26.33 37.61
N GLY D 460 -17.36 -25.87 36.37
CA GLY D 460 -18.50 -25.33 35.64
C GLY D 460 -19.52 -26.40 35.27
N VAL D 461 -19.03 -27.58 34.89
CA VAL D 461 -19.88 -28.70 34.53
C VAL D 461 -20.65 -29.20 35.74
N GLN D 462 -19.98 -29.25 36.89
CA GLN D 462 -20.62 -29.67 38.14
C GLN D 462 -21.75 -28.73 38.52
N ARG D 463 -21.57 -27.44 38.25
CA ARG D 463 -22.60 -26.45 38.52
C ARG D 463 -23.73 -26.56 37.51
N LEU D 464 -23.40 -26.97 36.30
CA LEU D 464 -24.40 -27.20 35.26
C LEU D 464 -25.21 -28.44 35.59
N PHE D 465 -24.58 -29.37 36.30
CA PHE D 465 -25.24 -30.60 36.70
C PHE D 465 -26.02 -30.42 38.00
N LYS D 466 -25.79 -29.29 38.66
CA LYS D 466 -26.61 -28.92 39.81
C LYS D 466 -27.62 -27.87 39.38
N ALA D 467 -28.88 -28.31 39.22
CA ALA D 467 -29.94 -27.50 38.63
C ALA D 467 -29.51 -27.03 37.23
N VAL D 468 -29.81 -27.79 36.17
CA VAL D 468 -30.67 -29.00 36.15
C VAL D 468 -30.26 -30.13 37.09
N TYR D 469 -31.27 -30.81 37.66
CA TYR D 469 -31.12 -31.74 38.78
C TYR D 469 -30.72 -30.97 40.04
N GLY D 470 -29.86 -31.58 40.85
CA GLY D 470 -29.30 -30.92 42.02
C GLY D 470 -30.30 -30.38 43.03
N HIS D 471 -31.52 -30.93 43.01
CA HIS D 471 -32.61 -30.53 43.89
C HIS D 471 -32.71 -29.02 44.08
C ACE E . 9.13 -4.94 -28.15
O ACE E . 9.81 -4.49 -29.07
CH3 ACE E . 7.67 -4.63 -27.99
ZN ZN F . 36.88 -12.49 -36.72
C ACE G . 35.46 7.98 -9.86
O ACE G . 35.10 7.64 -10.98
CH3 ACE G . 35.01 7.28 -8.61
ZN ZN H . 13.31 25.77 -19.16
ZN ZN I . -40.55 16.23 29.57
CA CA J . -36.81 -17.34 -14.29
ZN ZN K . -29.99 -10.20 -9.14
#